data_3HSI
#
_entry.id   3HSI
#
_cell.length_a   102.555
_cell.length_b   154.238
_cell.length_c   214.420
_cell.angle_alpha   90.00
_cell.angle_beta   90.00
_cell.angle_gamma   90.00
#
_symmetry.space_group_name_H-M   'I 2 2 2'
#
loop_
_entity.id
_entity.type
_entity.pdbx_description
1 polymer 'Phosphatidylserine synthase'
2 water water
#
_entity_poly.entity_id   1
_entity_poly.type   'polypeptide(L)'
_entity_poly.pdbx_seq_one_letter_code
;SNA(MSE)LINKTKRAEQNLNNLPFLALQAEQIEFLGSSAEFKTQIIELIRNAKKRIYVTALYWQKDEAGQEILDEIYRV
KQENPHLDVKVLIDWHRAQRNLLGAEKSATNADWYCEQRQTYQLPDDPN(MSE)FFGVPINTREVFGVLHVKGFVFDDTV
LYSGASINNVYLHQFEKYRYDRYQKITHAELADS(MSE)VNFINDYLLDFSAVYPLDVTNRPRTKEIRGNIRAYRKDLAQ
NGEYSLKSAVKLPNVLSVSPLFGLGASGNELNQVIEDLFLQVQKKLVICTPYFNFPRTLQHKIATLLENGKRVEIIVGDK
VANDFYIPPEQPFK(MSE)AGALPYLYESNLRRFCEKFETQIESGQLVVRLWRDGDNTYHLKGVWVDDRYILLTGNNLNP
RAWRLDAENGLLIYDPQQQLLAQVEKEQNQIRQHTKVLKHYTELEELNQYPEPVQKLLKKFARIKADKLVK(MSE)IL
;
_entity_poly.pdbx_strand_id   A,B,C
#
# COMPACT_ATOMS: atom_id res chain seq x y z
N ASN A 7 -27.26 17.95 -11.93
CA ASN A 7 -25.91 18.34 -11.40
C ASN A 7 -25.52 17.50 -10.18
N LYS A 8 -26.47 17.32 -9.28
CA LYS A 8 -26.32 16.34 -8.23
C LYS A 8 -26.52 14.98 -8.90
N THR A 9 -27.46 14.90 -9.84
CA THR A 9 -27.72 13.70 -10.62
C THR A 9 -26.49 13.34 -11.40
N LYS A 10 -25.88 14.35 -12.02
CA LYS A 10 -24.68 14.17 -12.83
C LYS A 10 -23.54 13.63 -11.97
N ARG A 11 -23.21 14.36 -10.90
CA ARG A 11 -22.20 13.92 -9.95
C ARG A 11 -22.50 12.52 -9.41
N ALA A 12 -23.77 12.17 -9.24
CA ALA A 12 -24.11 10.82 -8.73
C ALA A 12 -23.60 9.71 -9.64
N GLU A 13 -23.79 9.87 -10.93
CA GLU A 13 -23.31 8.88 -11.92
C GLU A 13 -21.79 8.75 -11.93
N GLN A 14 -21.13 9.92 -11.87
CA GLN A 14 -19.67 10.02 -11.83
C GLN A 14 -19.14 9.27 -10.62
N ASN A 15 -19.69 9.59 -9.46
CA ASN A 15 -19.29 8.97 -8.21
C ASN A 15 -19.46 7.46 -8.22
N LEU A 16 -20.58 6.97 -8.75
CA LEU A 16 -20.80 5.52 -8.77
C LEU A 16 -19.79 4.84 -9.70
N ASN A 17 -19.53 5.48 -10.83
CA ASN A 17 -18.58 4.98 -11.84
C ASN A 17 -17.13 4.95 -11.35
N ASN A 18 -16.83 5.82 -10.38
CA ASN A 18 -15.51 5.87 -9.76
C ASN A 18 -15.27 4.75 -8.73
N LEU A 19 -16.29 4.02 -8.31
CA LEU A 19 -16.09 2.98 -7.29
C LEU A 19 -15.27 1.82 -7.86
N PRO A 20 -14.32 1.31 -7.05
CA PRO A 20 -13.54 0.13 -7.35
C PRO A 20 -14.35 -1.16 -7.15
N PHE A 21 -14.30 -2.07 -8.10
CA PHE A 21 -15.08 -3.31 -8.04
C PHE A 21 -14.21 -4.53 -8.19
N LEU A 22 -14.53 -5.57 -7.41
CA LEU A 22 -13.89 -6.87 -7.48
C LEU A 22 -14.83 -7.90 -8.16
N ALA A 23 -14.33 -8.56 -9.20
CA ALA A 23 -15.12 -9.51 -10.00
C ALA A 23 -15.58 -10.68 -9.16
N LEU A 24 -16.86 -11.04 -9.31
CA LEU A 24 -17.40 -12.25 -8.70
C LEU A 24 -18.01 -13.16 -9.73
N GLN A 25 -17.99 -14.44 -9.44
CA GLN A 25 -18.70 -15.42 -10.24
C GLN A 25 -20.03 -15.71 -9.59
N ALA A 26 -21.04 -15.96 -10.42
CA ALA A 26 -22.41 -16.16 -9.94
C ALA A 26 -22.49 -17.32 -8.97
N GLU A 27 -21.62 -18.31 -9.15
N GLU A 27 -21.65 -18.34 -9.18
CA GLU A 27 -21.60 -19.49 -8.30
CA GLU A 27 -21.61 -19.51 -8.29
C GLU A 27 -20.95 -19.22 -6.95
C GLU A 27 -21.11 -19.14 -6.90
N GLN A 28 -20.34 -18.05 -6.79
CA GLN A 28 -19.73 -17.64 -5.53
C GLN A 28 -20.70 -16.91 -4.61
N ILE A 29 -21.92 -16.65 -5.08
CA ILE A 29 -22.92 -15.96 -4.23
C ILE A 29 -24.19 -16.77 -4.02
N GLU A 30 -24.54 -16.96 -2.76
CA GLU A 30 -25.79 -17.58 -2.43
C GLU A 30 -26.67 -16.63 -1.64
N PHE A 31 -27.92 -16.50 -2.07
CA PHE A 31 -28.96 -15.88 -1.25
C PHE A 31 -29.62 -16.97 -0.39
N LEU A 32 -29.54 -16.82 0.92
CA LEU A 32 -30.17 -17.77 1.83
C LEU A 32 -31.61 -17.42 1.91
N GLY A 33 -32.46 -18.45 2.04
CA GLY A 33 -33.89 -18.24 1.94
C GLY A 33 -34.62 -17.90 3.22
N SER A 34 -33.98 -18.08 4.38
CA SER A 34 -34.67 -17.93 5.66
C SER A 34 -33.74 -17.89 6.87
N SER A 35 -34.33 -17.56 8.01
CA SER A 35 -33.57 -17.46 9.24
C SER A 35 -33.13 -18.85 9.77
N ALA A 36 -33.95 -19.88 9.58
CA ALA A 36 -33.51 -21.23 9.93
C ALA A 36 -32.27 -21.61 9.13
N GLU A 37 -32.30 -21.34 7.82
CA GLU A 37 -31.19 -21.61 6.93
C GLU A 37 -29.93 -20.79 7.28
N PHE A 38 -30.09 -19.54 7.69
CA PHE A 38 -28.99 -18.71 8.25
C PHE A 38 -28.32 -19.42 9.45
N LYS A 39 -29.15 -19.88 10.40
CA LYS A 39 -28.66 -20.63 11.53
C LYS A 39 -27.89 -21.88 11.08
N THR A 40 -28.43 -22.62 10.13
CA THR A 40 -27.80 -23.86 9.69
C THR A 40 -26.44 -23.59 9.03
N GLN A 41 -26.38 -22.49 8.30
CA GLN A 41 -25.17 -22.09 7.59
C GLN A 41 -24.12 -21.58 8.56
N ILE A 42 -24.54 -20.81 9.55
CA ILE A 42 -23.63 -20.39 10.61
C ILE A 42 -22.94 -21.59 11.26
N ILE A 43 -23.71 -22.58 11.66
N ILE A 43 -23.70 -22.58 11.65
CA ILE A 43 -23.16 -23.80 12.26
CA ILE A 43 -23.12 -23.76 12.30
C ILE A 43 -22.15 -24.50 11.35
C ILE A 43 -22.17 -24.54 11.36
N GLU A 44 -22.58 -24.74 10.10
CA GLU A 44 -21.74 -25.43 9.11
C GLU A 44 -20.45 -24.66 8.85
N LEU A 45 -20.53 -23.34 8.75
CA LEU A 45 -19.36 -22.54 8.47
C LEU A 45 -18.39 -22.54 9.65
N ILE A 46 -18.94 -22.48 10.87
CA ILE A 46 -18.12 -22.56 12.07
C ILE A 46 -17.43 -23.93 12.15
N ARG A 47 -18.23 -24.99 12.03
CA ARG A 47 -17.67 -26.33 12.14
C ARG A 47 -16.59 -26.59 11.12
N ASN A 48 -16.65 -25.92 9.96
CA ASN A 48 -15.66 -26.18 8.92
C ASN A 48 -14.48 -25.22 8.81
N ALA A 49 -14.42 -24.24 9.71
CA ALA A 49 -13.37 -23.23 9.67
C ALA A 49 -12.02 -23.81 10.05
N LYS A 50 -10.99 -23.50 9.28
CA LYS A 50 -9.65 -23.96 9.59
C LYS A 50 -8.64 -22.85 9.91
N LYS A 51 -8.98 -21.60 9.69
CA LYS A 51 -7.98 -20.54 9.86
C LYS A 51 -8.46 -19.38 10.67
N ARG A 52 -9.68 -18.94 10.40
CA ARG A 52 -10.18 -17.76 11.08
C ARG A 52 -11.71 -17.70 11.11
N ILE A 53 -12.22 -17.13 12.20
CA ILE A 53 -13.62 -16.80 12.34
C ILE A 53 -13.68 -15.38 12.87
N TYR A 54 -14.18 -14.47 12.03
CA TYR A 54 -14.38 -13.05 12.38
C TYR A 54 -15.87 -12.73 12.28
N VAL A 55 -16.39 -12.08 13.33
CA VAL A 55 -17.79 -11.73 13.45
C VAL A 55 -17.84 -10.26 13.90
N THR A 56 -18.57 -9.41 13.17
CA THR A 56 -18.97 -8.11 13.70
C THR A 56 -20.49 -8.13 13.76
N ALA A 57 -21.04 -7.76 14.92
CA ALA A 57 -22.51 -7.69 15.10
C ALA A 57 -22.87 -6.61 16.11
N LEU A 58 -24.13 -6.15 16.11
CA LEU A 58 -24.60 -5.27 17.15
C LEU A 58 -24.49 -6.00 18.49
N TYR A 59 -24.97 -7.23 18.58
CA TYR A 59 -24.95 -7.95 19.83
C TYR A 59 -25.09 -9.45 19.63
N TRP A 60 -24.82 -10.17 20.72
CA TRP A 60 -24.79 -11.62 20.75
C TRP A 60 -25.37 -11.96 22.11
N GLN A 61 -26.67 -12.31 22.09
CA GLN A 61 -27.47 -12.43 23.30
C GLN A 61 -27.14 -13.69 24.08
N LYS A 62 -27.21 -13.58 25.41
CA LYS A 62 -27.17 -14.73 26.27
C LYS A 62 -28.54 -15.42 26.14
N ASP A 63 -28.71 -16.32 25.19
CA ASP A 63 -29.96 -17.07 25.18
C ASP A 63 -29.66 -18.37 24.52
N GLU A 64 -30.67 -19.23 24.37
CA GLU A 64 -30.43 -20.54 23.78
C GLU A 64 -29.64 -20.50 22.46
N ALA A 65 -30.01 -19.59 21.57
CA ALA A 65 -29.36 -19.49 20.26
C ALA A 65 -27.95 -18.99 20.44
N GLY A 66 -27.78 -17.85 21.13
CA GLY A 66 -26.45 -17.34 21.50
C GLY A 66 -25.52 -18.38 22.12
N GLN A 67 -26.08 -19.19 23.01
CA GLN A 67 -25.29 -20.18 23.73
C GLN A 67 -24.86 -21.27 22.77
N GLU A 68 -25.79 -21.70 21.92
CA GLU A 68 -25.55 -22.78 20.96
C GLU A 68 -24.45 -22.38 19.96
N ILE A 69 -24.54 -21.17 19.39
CA ILE A 69 -23.49 -20.69 18.47
C ILE A 69 -22.16 -20.57 19.20
N LEU A 70 -22.19 -19.99 20.41
CA LEU A 70 -21.00 -19.87 21.24
C LEU A 70 -20.40 -21.22 21.52
N ASP A 71 -21.22 -22.21 21.93
CA ASP A 71 -20.72 -23.58 22.11
C ASP A 71 -19.98 -24.08 20.87
N GLU A 72 -20.55 -23.87 19.70
CA GLU A 72 -19.90 -24.26 18.42
C GLU A 72 -18.53 -23.62 18.25
N ILE A 73 -18.42 -22.32 18.55
CA ILE A 73 -17.17 -21.61 18.44
C ILE A 73 -16.15 -22.25 19.37
N TYR A 74 -16.55 -22.45 20.62
CA TYR A 74 -15.67 -23.02 21.62
C TYR A 74 -15.18 -24.42 21.27
N ARG A 75 -16.07 -25.22 20.67
CA ARG A 75 -15.68 -26.58 20.25
C ARG A 75 -14.60 -26.54 19.16
N VAL A 76 -14.83 -25.78 18.08
CA VAL A 76 -13.87 -25.73 16.96
C VAL A 76 -12.53 -25.14 17.41
N LYS A 77 -12.58 -24.13 18.29
CA LYS A 77 -11.38 -23.53 18.86
C LYS A 77 -10.65 -24.53 19.78
N GLN A 78 -11.38 -25.23 20.63
CA GLN A 78 -10.72 -26.23 21.47
C GLN A 78 -10.04 -27.25 20.57
N GLU A 79 -10.67 -27.60 19.46
CA GLU A 79 -10.09 -28.63 18.60
C GLU A 79 -9.01 -28.10 17.66
N ASN A 80 -9.05 -26.80 17.36
CA ASN A 80 -8.10 -26.19 16.41
C ASN A 80 -7.51 -24.97 17.10
N PRO A 81 -6.47 -25.18 17.94
CA PRO A 81 -5.94 -24.15 18.85
C PRO A 81 -5.41 -22.87 18.18
N HIS A 82 -5.04 -22.97 16.89
CA HIS A 82 -4.46 -21.85 16.15
C HIS A 82 -5.49 -21.03 15.42
N LEU A 83 -6.73 -21.51 15.39
CA LEU A 83 -7.84 -20.76 14.79
C LEU A 83 -7.84 -19.31 15.33
N ASP A 84 -7.89 -18.36 14.42
CA ASP A 84 -7.95 -16.96 14.76
C ASP A 84 -9.43 -16.60 14.90
N VAL A 85 -9.88 -16.27 16.10
CA VAL A 85 -11.29 -16.00 16.36
C VAL A 85 -11.47 -14.61 16.98
N LYS A 86 -12.26 -13.76 16.31
CA LYS A 86 -12.51 -12.42 16.84
C LYS A 86 -13.97 -12.05 16.63
N VAL A 87 -14.67 -11.83 17.75
CA VAL A 87 -16.06 -11.44 17.70
C VAL A 87 -16.14 -10.01 18.24
N LEU A 88 -16.55 -9.08 17.38
CA LEU A 88 -16.66 -7.68 17.76
C LEU A 88 -18.13 -7.30 17.84
N ILE A 89 -18.59 -6.83 19.01
CA ILE A 89 -19.96 -6.38 19.16
C ILE A 89 -19.97 -5.00 19.81
N ASP A 90 -21.12 -4.36 19.86
CA ASP A 90 -21.13 -3.03 20.43
C ASP A 90 -20.83 -3.08 21.93
N TRP A 91 -19.96 -2.16 22.33
CA TRP A 91 -19.49 -2.00 23.68
C TRP A 91 -20.59 -1.68 24.70
N HIS A 92 -21.49 -0.78 24.34
CA HIS A 92 -22.50 -0.36 25.28
C HIS A 92 -23.63 -1.38 25.36
N ARG A 93 -23.98 -1.93 24.20
CA ARG A 93 -25.08 -2.86 24.12
C ARG A 93 -24.80 -4.16 24.88
N ALA A 94 -23.55 -4.62 24.85
CA ALA A 94 -23.12 -5.78 25.60
C ALA A 94 -23.19 -5.60 27.14
N GLN A 95 -23.27 -4.36 27.59
CA GLN A 95 -23.22 -4.07 29.02
C GLN A 95 -24.51 -3.48 29.59
N ARG A 96 -25.64 -3.73 28.92
CA ARG A 96 -26.95 -3.39 29.46
C ARG A 96 -27.97 -4.50 29.13
N ASN A 97 -29.18 -4.41 29.66
CA ASN A 97 -30.25 -5.39 29.37
C ASN A 97 -31.26 -4.86 28.35
N LEU A 98 -32.12 -5.74 27.84
CA LEU A 98 -33.20 -5.36 26.90
C LEU A 98 -34.13 -4.32 27.55
N LEU A 99 -34.66 -3.40 26.73
CA LEU A 99 -35.63 -2.39 27.16
C LEU A 99 -35.05 -1.37 28.13
N ALA A 105 -25.44 -10.35 35.00
CA ALA A 105 -26.43 -9.31 34.67
C ALA A 105 -26.52 -9.09 33.15
N THR A 106 -25.37 -8.82 32.51
CA THR A 106 -25.36 -8.44 31.08
C THR A 106 -24.71 -9.53 30.20
N ASN A 107 -24.76 -9.34 28.87
CA ASN A 107 -24.11 -10.20 27.90
C ASN A 107 -22.60 -10.31 28.14
N ALA A 108 -21.94 -9.19 28.45
CA ALA A 108 -20.50 -9.15 28.78
C ALA A 108 -20.13 -10.06 29.95
N ASP A 109 -20.92 -10.00 31.03
CA ASP A 109 -20.75 -10.92 32.14
C ASP A 109 -20.92 -12.38 31.72
N TRP A 110 -21.83 -12.64 30.79
CA TRP A 110 -21.97 -14.01 30.28
C TRP A 110 -20.79 -14.43 29.40
N TYR A 111 -20.19 -13.52 28.61
CA TYR A 111 -19.01 -13.92 27.84
C TYR A 111 -17.83 -14.25 28.78
N CYS A 112 -17.69 -13.47 29.84
CA CYS A 112 -16.65 -13.66 30.80
C CYS A 112 -16.87 -15.03 31.47
N GLU A 113 -18.12 -15.32 31.83
CA GLU A 113 -18.45 -16.58 32.48
C GLU A 113 -18.14 -17.80 31.56
N GLN A 114 -18.49 -17.68 30.29
CA GLN A 114 -18.26 -18.74 29.31
C GLN A 114 -16.78 -19.01 29.09
N ARG A 115 -16.00 -17.94 28.99
CA ARG A 115 -14.57 -18.05 28.88
C ARG A 115 -13.95 -18.85 30.06
N GLN A 116 -14.31 -18.47 31.28
CA GLN A 116 -13.87 -19.18 32.47
C GLN A 116 -14.30 -20.65 32.47
N THR A 117 -15.53 -20.91 32.05
CA THR A 117 -16.08 -22.24 32.08
C THR A 117 -15.39 -23.15 31.07
N TYR A 118 -15.24 -22.68 29.85
CA TYR A 118 -14.65 -23.49 28.81
C TYR A 118 -13.14 -23.64 28.97
N GLN A 119 -12.55 -22.79 29.82
CA GLN A 119 -11.20 -22.97 30.34
C GLN A 119 -10.19 -23.39 29.27
N LEU A 120 -10.16 -22.66 28.15
CA LEU A 120 -9.19 -22.98 27.09
C LEU A 120 -7.74 -22.79 27.61
N PRO A 121 -6.80 -23.68 27.20
CA PRO A 121 -5.39 -23.63 27.63
C PRO A 121 -4.65 -22.30 27.40
N ASP A 122 -4.75 -21.68 26.23
CA ASP A 122 -4.06 -20.38 26.05
C ASP A 122 -4.94 -19.20 26.51
N ASP A 123 -6.14 -19.51 26.98
CA ASP A 123 -7.02 -18.54 27.61
C ASP A 123 -7.19 -17.25 26.73
N PRO A 124 -7.50 -17.42 25.42
CA PRO A 124 -7.64 -16.23 24.53
C PRO A 124 -8.84 -15.34 24.86
N ASN A 125 -8.76 -14.07 24.48
CA ASN A 125 -9.95 -13.23 24.48
C ASN A 125 -10.57 -13.47 23.14
N PHE A 127 -14.18 -12.10 22.59
CA PHE A 127 -15.23 -11.11 22.46
C PHE A 127 -14.70 -9.74 22.79
N PHE A 128 -14.87 -8.81 21.86
CA PHE A 128 -14.36 -7.46 22.02
C PHE A 128 -15.47 -6.42 21.86
N GLY A 129 -15.40 -5.37 22.64
CA GLY A 129 -16.40 -4.35 22.61
C GLY A 129 -15.91 -3.11 21.91
N VAL A 130 -16.72 -2.64 20.94
CA VAL A 130 -16.37 -1.51 20.13
C VAL A 130 -17.23 -0.32 20.54
N PRO A 131 -16.59 0.72 21.07
CA PRO A 131 -17.38 1.91 21.37
C PRO A 131 -17.38 2.90 20.23
N ILE A 132 -18.50 3.02 19.56
CA ILE A 132 -18.62 4.00 18.47
C ILE A 132 -18.88 5.42 19.00
N ASN A 133 -19.34 5.50 20.24
CA ASN A 133 -19.40 6.82 20.91
C ASN A 133 -19.35 6.58 22.43
N THR A 134 -19.18 7.66 23.20
CA THR A 134 -19.15 7.59 24.66
C THR A 134 -20.52 7.26 25.29
N ARG A 135 -21.61 7.49 24.54
CA ARG A 135 -22.94 7.06 24.96
C ARG A 135 -23.59 6.34 23.81
N GLU A 136 -24.22 5.21 24.12
CA GLU A 136 -24.90 4.39 23.12
C GLU A 136 -25.90 5.21 22.27
N VAL A 137 -26.64 6.10 22.92
N VAL A 137 -26.65 6.11 22.89
CA VAL A 137 -27.56 7.03 22.26
CA VAL A 137 -27.61 6.92 22.12
C VAL A 137 -26.91 7.77 21.09
C VAL A 137 -26.90 7.76 21.04
N PHE A 138 -25.60 8.00 21.20
CA PHE A 138 -24.84 8.77 20.20
C PHE A 138 -23.97 7.99 19.23
N GLY A 139 -24.07 6.66 19.22
CA GLY A 139 -23.49 5.91 18.12
C GLY A 139 -23.21 4.49 18.51
N VAL A 140 -23.61 3.55 17.65
CA VAL A 140 -23.38 2.13 17.88
C VAL A 140 -22.75 1.43 16.64
N LEU A 141 -22.22 0.24 16.89
CA LEU A 141 -21.62 -0.59 15.87
C LEU A 141 -22.68 -1.32 15.04
N HIS A 142 -23.01 -0.76 13.89
CA HIS A 142 -23.90 -1.39 12.93
C HIS A 142 -23.16 -2.01 11.75
N VAL A 143 -21.85 -2.11 11.85
CA VAL A 143 -21.03 -2.80 10.85
C VAL A 143 -21.38 -4.30 10.81
N LYS A 144 -21.62 -4.84 9.62
CA LYS A 144 -22.02 -6.27 9.50
C LYS A 144 -20.99 -7.13 8.80
N GLY A 145 -21.08 -8.45 9.00
CA GLY A 145 -20.30 -9.40 8.22
C GLY A 145 -19.70 -10.46 9.12
N PHE A 146 -19.79 -11.72 8.71
CA PHE A 146 -19.08 -12.79 9.37
C PHE A 146 -18.09 -13.30 8.34
N VAL A 147 -16.85 -13.57 8.74
CA VAL A 147 -15.91 -14.19 7.82
C VAL A 147 -15.51 -15.51 8.43
N PHE A 148 -15.72 -16.58 7.68
CA PHE A 148 -15.26 -17.93 8.03
C PHE A 148 -14.28 -18.36 6.95
N ASP A 149 -12.99 -18.43 7.28
CA ASP A 149 -11.93 -18.65 6.27
C ASP A 149 -12.04 -17.68 5.05
N ASP A 150 -12.43 -18.18 3.88
CA ASP A 150 -12.61 -17.33 2.70
C ASP A 150 -14.10 -17.11 2.34
N THR A 151 -15.01 -17.38 3.28
CA THR A 151 -16.42 -17.22 3.03
C THR A 151 -16.98 -16.09 3.91
N VAL A 152 -17.66 -15.16 3.26
CA VAL A 152 -18.30 -14.07 3.96
C VAL A 152 -19.77 -14.43 4.05
N LEU A 153 -20.34 -14.26 5.24
CA LEU A 153 -21.75 -14.39 5.43
C LEU A 153 -22.23 -13.01 5.86
N TYR A 154 -23.04 -12.36 5.02
CA TYR A 154 -23.43 -10.99 5.28
C TYR A 154 -24.92 -10.91 5.56
N SER A 155 -25.28 -10.32 6.70
CA SER A 155 -26.69 -10.21 7.09
C SER A 155 -26.84 -9.06 8.08
N GLY A 156 -28.05 -8.53 8.23
CA GLY A 156 -28.29 -7.53 9.28
C GLY A 156 -28.56 -8.13 10.64
N ALA A 157 -28.69 -9.46 10.68
CA ALA A 157 -29.08 -10.18 11.89
C ALA A 157 -28.03 -10.17 13.00
N SER A 158 -28.46 -9.99 14.25
CA SER A 158 -27.60 -10.20 15.42
C SER A 158 -27.79 -11.67 15.85
N ILE A 159 -27.05 -12.13 16.87
CA ILE A 159 -27.19 -13.52 17.36
C ILE A 159 -28.12 -13.54 18.58
N ASN A 160 -29.38 -13.94 18.35
CA ASN A 160 -30.33 -14.22 19.41
C ASN A 160 -31.34 -15.22 18.91
N ASN A 161 -32.34 -15.55 19.74
CA ASN A 161 -33.31 -16.60 19.42
C ASN A 161 -34.13 -16.32 18.16
N VAL A 162 -34.66 -15.10 18.03
CA VAL A 162 -35.58 -14.82 16.91
C VAL A 162 -34.84 -14.71 15.55
N TYR A 163 -33.65 -14.10 15.54
CA TYR A 163 -32.85 -14.02 14.33
C TYR A 163 -32.47 -15.39 13.80
N LEU A 164 -32.41 -16.37 14.68
CA LEU A 164 -31.95 -17.71 14.31
C LEU A 164 -33.08 -18.72 14.33
N HIS A 165 -34.30 -18.24 14.62
CA HIS A 165 -35.53 -19.06 14.58
C HIS A 165 -35.37 -20.27 15.51
N GLN A 166 -34.89 -19.97 16.71
CA GLN A 166 -34.58 -21.02 17.68
C GLN A 166 -35.82 -21.79 18.08
N PHE A 167 -36.94 -21.08 18.24
CA PHE A 167 -38.21 -21.70 18.65
C PHE A 167 -39.29 -21.46 17.57
N GLU A 168 -40.49 -20.99 17.93
CA GLU A 168 -41.52 -20.76 16.90
C GLU A 168 -41.38 -19.40 16.20
N LYS A 169 -40.84 -18.43 16.91
CA LYS A 169 -40.77 -17.06 16.44
C LYS A 169 -39.50 -16.78 15.67
N TYR A 170 -39.64 -16.06 14.56
CA TYR A 170 -38.47 -15.56 13.86
C TYR A 170 -38.52 -14.04 13.68
N ARG A 171 -37.37 -13.48 13.36
CA ARG A 171 -37.21 -12.07 13.05
C ARG A 171 -36.55 -12.07 11.68
N TYR A 172 -37.22 -11.46 10.72
CA TYR A 172 -36.93 -11.70 9.31
C TYR A 172 -35.86 -10.75 8.85
N ASP A 173 -34.78 -11.33 8.32
CA ASP A 173 -33.66 -10.56 7.79
C ASP A 173 -33.29 -11.06 6.39
N ARG A 174 -32.20 -10.53 5.84
CA ARG A 174 -31.59 -11.04 4.60
C ARG A 174 -30.20 -11.59 4.88
N TYR A 175 -29.76 -12.53 4.06
CA TYR A 175 -28.54 -13.31 4.29
C TYR A 175 -27.93 -13.73 2.94
N GLN A 176 -26.71 -13.25 2.71
CA GLN A 176 -25.95 -13.58 1.51
C GLN A 176 -24.62 -14.21 1.90
N LYS A 177 -24.28 -15.28 1.20
CA LYS A 177 -23.05 -16.02 1.39
C LYS A 177 -22.18 -15.73 0.18
N ILE A 178 -20.99 -15.18 0.40
CA ILE A 178 -20.04 -14.95 -0.69
C ILE A 178 -18.71 -15.65 -0.39
N THR A 179 -18.30 -16.59 -1.23
CA THR A 179 -16.99 -17.21 -1.16
C THR A 179 -16.04 -16.56 -2.20
N HIS A 180 -15.16 -15.71 -1.70
CA HIS A 180 -14.13 -15.05 -2.49
C HIS A 180 -13.05 -14.59 -1.51
N ALA A 181 -11.90 -15.24 -1.56
CA ALA A 181 -10.79 -14.95 -0.64
C ALA A 181 -10.37 -13.47 -0.60
N GLU A 182 -10.43 -12.76 -1.71
CA GLU A 182 -10.07 -11.34 -1.70
C GLU A 182 -11.07 -10.50 -0.93
N LEU A 183 -12.37 -10.77 -1.11
CA LEU A 183 -13.38 -10.07 -0.33
C LEU A 183 -13.24 -10.36 1.16
N ALA A 184 -13.07 -11.64 1.45
CA ALA A 184 -12.83 -12.16 2.77
C ALA A 184 -11.62 -11.46 3.40
N ASP A 185 -10.52 -11.38 2.66
CA ASP A 185 -9.34 -10.69 3.14
C ASP A 185 -9.59 -9.22 3.42
N SER A 186 -10.37 -8.58 2.55
CA SER A 186 -10.56 -7.14 2.61
C SER A 186 -11.27 -6.82 3.91
N VAL A 188 -11.49 -8.83 6.72
CA VAL A 188 -10.61 -9.13 7.87
C VAL A 188 -9.58 -8.02 8.07
N ASN A 189 -9.02 -7.53 6.98
CA ASN A 189 -8.04 -6.45 7.06
C ASN A 189 -8.63 -5.18 7.65
N PHE A 190 -9.85 -4.87 7.27
CA PHE A 190 -10.54 -3.72 7.80
C PHE A 190 -10.75 -3.89 9.27
N ILE A 191 -11.13 -5.11 9.66
CA ILE A 191 -11.41 -5.40 11.03
C ILE A 191 -10.12 -5.22 11.81
N ASN A 192 -9.03 -5.83 11.33
CA ASN A 192 -7.73 -5.66 11.99
C ASN A 192 -7.19 -4.23 12.01
N ASP A 193 -7.25 -3.56 10.86
CA ASP A 193 -6.62 -2.25 10.68
C ASP A 193 -7.39 -1.11 11.29
N TYR A 194 -8.72 -1.11 11.20
CA TYR A 194 -9.49 0.03 11.69
C TYR A 194 -10.38 -0.24 12.89
N LEU A 195 -11.04 -1.38 12.91
CA LEU A 195 -11.96 -1.59 14.02
C LEU A 195 -11.23 -1.93 15.30
N LEU A 196 -10.24 -2.80 15.22
CA LEU A 196 -9.54 -3.28 16.43
C LEU A 196 -8.42 -2.37 16.90
N ASP A 197 -8.74 -1.17 17.33
CA ASP A 197 -7.72 -0.34 17.92
C ASP A 197 -7.80 -0.53 19.44
N PHE A 198 -6.81 -1.23 19.99
CA PHE A 198 -6.85 -1.63 21.38
C PHE A 198 -6.66 -0.47 22.39
N SER A 199 -6.39 0.73 21.85
CA SER A 199 -6.49 1.95 22.66
C SER A 199 -7.94 2.20 23.07
N ALA A 200 -8.89 1.91 22.18
CA ALA A 200 -10.31 2.15 22.48
C ALA A 200 -11.20 0.91 22.62
N VAL A 201 -10.77 -0.23 22.05
CA VAL A 201 -11.55 -1.47 22.02
C VAL A 201 -11.08 -2.45 23.08
N TYR A 202 -11.99 -3.00 23.86
CA TYR A 202 -11.67 -3.79 25.02
C TYR A 202 -12.31 -5.15 24.99
N PRO A 203 -11.56 -6.18 25.40
CA PRO A 203 -12.19 -7.52 25.47
C PRO A 203 -13.38 -7.48 26.44
N LEU A 204 -14.50 -8.09 26.06
CA LEU A 204 -15.68 -8.04 26.91
C LEU A 204 -15.69 -9.17 27.93
N ASP A 205 -14.90 -10.21 27.65
CA ASP A 205 -14.99 -11.47 28.39
C ASP A 205 -13.92 -11.59 29.47
N VAL A 206 -13.65 -10.49 30.15
CA VAL A 206 -12.73 -10.45 31.29
C VAL A 206 -13.49 -10.08 32.56
N THR A 207 -12.86 -10.26 33.71
CA THR A 207 -13.50 -9.93 34.97
C THR A 207 -13.48 -8.42 35.22
N ASN A 208 -12.58 -7.68 34.59
CA ASN A 208 -12.34 -6.32 35.05
C ASN A 208 -12.38 -5.27 33.93
N ARG A 209 -13.55 -5.09 33.32
CA ARG A 209 -13.71 -4.14 32.20
C ARG A 209 -13.60 -2.71 32.69
N PRO A 210 -12.90 -1.83 31.94
CA PRO A 210 -12.88 -0.40 32.29
C PRO A 210 -14.28 0.19 32.25
N ARG A 211 -14.59 1.07 33.17
CA ARG A 211 -15.80 1.84 33.01
C ARG A 211 -15.57 2.79 31.84
N THR A 212 -16.63 3.10 31.10
CA THR A 212 -16.50 4.00 29.96
C THR A 212 -15.97 5.41 30.39
N LYS A 213 -16.25 5.79 31.63
CA LYS A 213 -15.66 7.00 32.29
C LYS A 213 -14.13 7.06 32.15
N GLU A 214 -13.47 5.90 32.24
CA GLU A 214 -12.01 5.86 32.24
C GLU A 214 -11.42 5.95 30.83
N ILE A 215 -12.25 5.79 29.81
CA ILE A 215 -11.74 5.64 28.45
C ILE A 215 -12.38 6.62 27.49
N ARG A 216 -13.15 7.55 28.06
CA ARG A 216 -13.83 8.61 27.32
C ARG A 216 -12.95 9.26 26.23
N GLY A 217 -11.76 9.69 26.60
CA GLY A 217 -10.87 10.40 25.66
C GLY A 217 -10.44 9.48 24.51
N ASN A 218 -10.22 8.22 24.83
CA ASN A 218 -9.83 7.20 23.84
C ASN A 218 -10.95 6.95 22.84
N ILE A 219 -12.18 6.87 23.34
CA ILE A 219 -13.34 6.63 22.49
C ILE A 219 -13.51 7.81 21.52
N ARG A 220 -13.52 9.04 22.03
CA ARG A 220 -13.59 10.19 21.15
C ARG A 220 -12.51 10.18 20.06
N ALA A 221 -11.24 9.94 20.42
CA ALA A 221 -10.16 9.88 19.44
C ALA A 221 -10.37 8.73 18.46
N TYR A 222 -10.80 7.59 18.96
CA TYR A 222 -11.08 6.47 18.11
C TYR A 222 -12.21 6.76 17.12
N ARG A 223 -13.28 7.38 17.61
CA ARG A 223 -14.43 7.66 16.74
C ARG A 223 -14.01 8.59 15.61
N LYS A 224 -13.29 9.67 15.96
CA LYS A 224 -12.88 10.66 14.97
C LYS A 224 -11.97 10.03 13.91
N ASP A 225 -11.08 9.15 14.33
CA ASP A 225 -10.11 8.51 13.43
C ASP A 225 -10.78 7.56 12.46
N LEU A 226 -11.66 6.74 13.00
CA LEU A 226 -12.45 5.82 12.19
C LEU A 226 -13.41 6.57 11.21
N ALA A 227 -14.11 7.59 11.69
CA ALA A 227 -14.97 8.39 10.83
C ALA A 227 -14.16 8.87 9.63
N GLN A 228 -12.91 9.20 9.86
CA GLN A 228 -12.19 9.96 8.86
C GLN A 228 -11.35 9.05 7.96
N ASN A 229 -10.91 7.91 8.50
CA ASN A 229 -9.92 7.08 7.79
C ASN A 229 -10.40 5.70 7.43
N GLY A 230 -11.40 5.19 8.16
CA GLY A 230 -11.88 3.82 7.93
C GLY A 230 -12.32 3.64 6.49
N GLU A 231 -11.81 2.59 5.84
CA GLU A 231 -12.25 2.23 4.50
C GLU A 231 -11.78 0.83 4.22
N TYR A 232 -12.42 0.15 3.28
CA TYR A 232 -11.98 -1.18 2.83
C TYR A 232 -11.05 -1.01 1.64
N SER A 233 -10.04 -1.87 1.54
CA SER A 233 -9.13 -1.90 0.40
C SER A 233 -9.27 -3.19 -0.38
N LEU A 234 -9.12 -3.11 -1.69
CA LEU A 234 -9.13 -4.31 -2.51
C LEU A 234 -7.84 -4.37 -3.30
N LYS A 235 -7.45 -5.57 -3.70
CA LYS A 235 -6.22 -5.68 -4.50
C LYS A 235 -6.46 -5.66 -6.01
N SER A 236 -7.45 -6.41 -6.51
CA SER A 236 -7.59 -6.52 -7.96
C SER A 236 -8.75 -5.73 -8.60
N ALA A 237 -9.22 -4.72 -7.87
CA ALA A 237 -10.34 -3.88 -8.30
C ALA A 237 -10.05 -3.06 -9.56
N VAL A 238 -11.10 -2.88 -10.38
CA VAL A 238 -11.12 -1.96 -11.51
C VAL A 238 -12.40 -1.14 -11.47
N LYS A 239 -12.42 0.02 -12.12
CA LYS A 239 -13.67 0.77 -12.30
C LYS A 239 -14.41 0.21 -13.51
N LEU A 240 -15.74 0.29 -13.50
CA LEU A 240 -16.57 -0.07 -14.66
C LEU A 240 -16.28 -1.42 -15.29
N PRO A 241 -16.23 -2.49 -14.46
CA PRO A 241 -16.04 -3.85 -14.98
C PRO A 241 -17.22 -4.34 -15.86
N ASN A 242 -16.96 -5.35 -16.71
CA ASN A 242 -17.99 -5.97 -17.54
C ASN A 242 -18.39 -7.36 -16.98
N VAL A 243 -18.52 -7.43 -15.66
CA VAL A 243 -18.81 -8.67 -14.97
C VAL A 243 -19.45 -8.35 -13.62
N LEU A 244 -20.29 -9.26 -13.14
CA LEU A 244 -20.75 -9.29 -11.76
C LEU A 244 -19.59 -8.97 -10.82
N SER A 245 -19.77 -7.98 -9.96
CA SER A 245 -18.68 -7.60 -9.06
C SER A 245 -19.17 -6.90 -7.81
N VAL A 246 -18.28 -6.69 -6.84
CA VAL A 246 -18.69 -6.16 -5.54
C VAL A 246 -17.74 -5.08 -5.02
N SER A 247 -18.28 -4.14 -4.25
CA SER A 247 -17.51 -3.02 -3.67
C SER A 247 -17.83 -2.86 -2.17
N PRO A 248 -16.84 -3.12 -1.26
CA PRO A 248 -17.12 -2.98 0.17
C PRO A 248 -17.04 -1.52 0.64
N LEU A 249 -18.04 -1.08 1.42
CA LEU A 249 -18.19 0.35 1.79
C LEU A 249 -18.38 0.51 3.29
N PHE A 250 -17.85 1.61 3.83
CA PHE A 250 -17.96 1.94 5.24
C PHE A 250 -18.42 3.37 5.41
N GLY A 251 -19.17 3.62 6.47
CA GLY A 251 -19.41 4.98 6.85
C GLY A 251 -19.71 5.14 8.31
N LEU A 252 -19.30 6.30 8.83
CA LEU A 252 -19.58 6.70 10.18
C LEU A 252 -19.57 8.25 10.20
N GLY A 253 -20.67 8.86 10.59
CA GLY A 253 -20.73 10.29 10.73
C GLY A 253 -21.39 10.98 9.55
N ALA A 254 -21.73 12.25 9.79
CA ALA A 254 -22.48 13.09 8.84
C ALA A 254 -21.63 13.58 7.68
N SER A 255 -20.33 13.76 7.88
CA SER A 255 -19.49 14.38 6.86
C SER A 255 -18.56 13.34 6.24
N GLY A 256 -18.42 13.36 4.92
CA GLY A 256 -17.51 12.44 4.23
C GLY A 256 -17.86 10.97 4.41
N ASN A 257 -19.15 10.67 4.53
CA ASN A 257 -19.62 9.29 4.69
C ASN A 257 -19.82 8.62 3.33
N GLU A 258 -18.91 7.71 2.98
CA GLU A 258 -18.93 7.09 1.66
C GLU A 258 -20.11 6.15 1.43
N LEU A 259 -20.47 5.34 2.41
CA LEU A 259 -21.63 4.49 2.27
C LEU A 259 -22.90 5.35 2.01
N ASN A 260 -23.07 6.41 2.80
CA ASN A 260 -24.25 7.29 2.67
C ASN A 260 -24.27 8.10 1.38
N GLN A 261 -23.11 8.57 0.94
CA GLN A 261 -22.96 9.17 -0.38
C GLN A 261 -23.33 8.19 -1.51
N VAL A 262 -22.86 6.94 -1.41
CA VAL A 262 -23.28 5.91 -2.36
C VAL A 262 -24.81 5.66 -2.33
N ILE A 263 -25.41 5.57 -1.14
CA ILE A 263 -26.87 5.42 -1.05
C ILE A 263 -27.60 6.61 -1.71
N GLU A 264 -27.21 7.83 -1.35
CA GLU A 264 -27.77 9.01 -1.97
C GLU A 264 -27.65 8.96 -3.49
N ASP A 265 -26.48 8.55 -3.98
CA ASP A 265 -26.22 8.53 -5.40
C ASP A 265 -27.04 7.46 -6.13
N LEU A 266 -27.15 6.28 -5.54
CA LEU A 266 -28.04 5.22 -6.03
C LEU A 266 -29.48 5.72 -6.25
N PHE A 267 -30.06 6.39 -5.24
CA PHE A 267 -31.37 6.99 -5.36
C PHE A 267 -31.43 7.93 -6.55
N LEU A 268 -30.43 8.82 -6.65
CA LEU A 268 -30.39 9.81 -7.72
C LEU A 268 -30.23 9.18 -9.10
N GLN A 269 -29.55 8.05 -9.20
CA GLN A 269 -29.26 7.43 -10.50
C GLN A 269 -30.23 6.35 -10.96
N VAL A 270 -31.33 6.17 -10.25
CA VAL A 270 -32.40 5.30 -10.72
C VAL A 270 -32.83 5.71 -12.13
N GLN A 271 -32.90 4.75 -13.05
CA GLN A 271 -33.34 5.03 -14.40
C GLN A 271 -34.82 4.65 -14.60
N LYS A 272 -35.22 3.50 -14.05
CA LYS A 272 -36.57 2.95 -14.21
C LYS A 272 -37.23 2.66 -12.86
N LYS A 273 -36.55 1.90 -11.99
CA LYS A 273 -37.15 1.44 -10.77
C LYS A 273 -36.23 1.34 -9.55
N LEU A 274 -36.79 1.62 -8.38
CA LEU A 274 -36.09 1.56 -7.09
C LEU A 274 -36.92 0.68 -6.15
N VAL A 275 -36.26 -0.26 -5.49
CA VAL A 275 -36.90 -1.07 -4.47
C VAL A 275 -36.12 -0.84 -3.18
N ILE A 276 -36.85 -0.57 -2.09
CA ILE A 276 -36.31 -0.33 -0.76
C ILE A 276 -37.00 -1.28 0.24
N CYS A 277 -36.19 -1.95 1.06
CA CYS A 277 -36.65 -2.53 2.32
C CYS A 277 -36.08 -1.71 3.46
N THR A 278 -36.95 -1.35 4.40
CA THR A 278 -36.47 -0.72 5.63
C THR A 278 -37.28 -1.27 6.79
N PRO A 279 -36.64 -1.52 7.96
CA PRO A 279 -37.36 -2.18 9.02
C PRO A 279 -38.34 -1.26 9.71
N TYR A 280 -38.14 0.06 9.60
CA TYR A 280 -39.06 1.08 10.16
C TYR A 280 -39.19 2.21 9.15
N PHE A 281 -40.41 2.67 8.88
CA PHE A 281 -40.53 3.78 7.93
C PHE A 281 -40.09 5.12 8.55
N ASN A 282 -38.84 5.49 8.34
CA ASN A 282 -38.27 6.66 9.02
C ASN A 282 -37.06 7.19 8.26
N PHE A 283 -37.27 7.60 7.02
CA PHE A 283 -36.18 8.05 6.18
C PHE A 283 -35.53 9.37 6.63
N PRO A 284 -34.21 9.49 6.45
CA PRO A 284 -33.60 10.80 6.68
C PRO A 284 -34.08 11.74 5.60
N ARG A 285 -34.05 13.04 5.90
CA ARG A 285 -34.60 14.03 5.01
C ARG A 285 -34.00 13.93 3.61
N THR A 286 -32.67 13.75 3.53
CA THR A 286 -32.03 13.66 2.23
C THR A 286 -32.67 12.59 1.34
N LEU A 287 -33.03 11.43 1.90
CA LEU A 287 -33.62 10.38 1.07
C LEU A 287 -35.10 10.63 0.77
N GLN A 288 -35.79 11.31 1.69
CA GLN A 288 -37.17 11.73 1.46
C GLN A 288 -37.27 12.61 0.23
N HIS A 289 -36.36 13.58 0.14
CA HIS A 289 -36.30 14.54 -0.96
C HIS A 289 -35.99 13.78 -2.25
N LYS A 290 -35.03 12.87 -2.21
CA LYS A 290 -34.68 12.09 -3.41
C LYS A 290 -35.82 11.18 -3.90
N ILE A 291 -36.54 10.56 -2.98
CA ILE A 291 -37.69 9.75 -3.37
C ILE A 291 -38.75 10.66 -3.98
N ALA A 292 -38.92 11.85 -3.42
CA ALA A 292 -39.90 12.82 -3.92
C ALA A 292 -39.53 13.14 -5.36
N THR A 293 -38.24 13.32 -5.59
CA THR A 293 -37.69 13.65 -6.91
C THR A 293 -37.90 12.57 -7.96
N LEU A 294 -37.66 11.32 -7.62
CA LEU A 294 -37.92 10.18 -8.49
C LEU A 294 -39.39 10.07 -8.87
N LEU A 295 -40.26 10.26 -7.88
CA LEU A 295 -41.69 10.18 -8.08
C LEU A 295 -42.14 11.30 -8.98
N GLU A 296 -41.62 12.50 -8.75
CA GLU A 296 -41.97 13.63 -9.60
C GLU A 296 -41.40 13.47 -11.01
N ASN A 297 -40.58 12.46 -11.25
CA ASN A 297 -39.89 12.32 -12.55
C ASN A 297 -40.24 11.03 -13.25
N GLY A 298 -41.30 10.38 -12.83
CA GLY A 298 -41.80 9.20 -13.50
C GLY A 298 -41.07 7.90 -13.21
N LYS A 299 -40.18 7.87 -12.21
CA LYS A 299 -39.50 6.63 -11.83
C LYS A 299 -40.39 5.79 -10.95
N ARG A 300 -40.26 4.48 -11.05
CA ARG A 300 -41.02 3.60 -10.16
C ARG A 300 -40.29 3.37 -8.83
N VAL A 301 -41.06 3.41 -7.74
CA VAL A 301 -40.57 3.13 -6.41
C VAL A 301 -41.42 2.08 -5.70
N GLU A 302 -40.78 1.03 -5.20
CA GLU A 302 -41.42 0.06 -4.34
C GLU A 302 -40.76 0.09 -2.96
N ILE A 303 -41.56 0.36 -1.91
CA ILE A 303 -41.07 0.39 -0.55
C ILE A 303 -41.76 -0.73 0.25
N ILE A 304 -40.96 -1.51 0.99
CA ILE A 304 -41.44 -2.67 1.72
C ILE A 304 -41.12 -2.56 3.22
N VAL A 305 -42.17 -2.40 4.02
CA VAL A 305 -42.01 -2.23 5.46
C VAL A 305 -42.84 -3.22 6.26
N GLY A 306 -42.57 -3.30 7.56
CA GLY A 306 -43.39 -4.11 8.45
C GLY A 306 -44.71 -3.45 8.80
N ASP A 307 -45.75 -4.27 8.88
CA ASP A 307 -46.94 -3.88 9.63
C ASP A 307 -46.56 -3.51 11.08
N LYS A 308 -47.37 -2.67 11.74
CA LYS A 308 -47.25 -2.39 13.19
C LYS A 308 -47.00 -3.67 13.99
N VAL A 309 -47.75 -4.72 13.64
CA VAL A 309 -47.73 -6.01 14.34
C VAL A 309 -46.39 -6.72 14.21
N ALA A 310 -45.65 -6.46 13.13
CA ALA A 310 -44.34 -7.06 12.86
C ALA A 310 -43.21 -6.21 13.48
N ASN A 311 -43.59 -5.30 14.37
CA ASN A 311 -42.61 -4.49 15.07
C ASN A 311 -42.47 -5.06 16.45
N ASP A 312 -41.26 -5.23 16.95
CA ASP A 312 -41.12 -5.93 18.23
C ASP A 312 -41.48 -5.13 19.50
N PHE A 313 -41.76 -3.83 19.35
CA PHE A 313 -42.29 -3.02 20.47
C PHE A 313 -43.83 -3.06 20.53
N TYR A 314 -44.46 -3.70 19.55
CA TYR A 314 -45.93 -3.82 19.53
C TYR A 314 -46.43 -4.64 20.69
N ILE A 315 -47.51 -4.16 21.30
CA ILE A 315 -48.18 -4.81 22.40
C ILE A 315 -49.65 -4.91 21.95
N PRO A 316 -50.16 -6.15 21.79
CA PRO A 316 -51.57 -6.31 21.40
C PRO A 316 -52.48 -5.47 22.30
N PRO A 317 -53.47 -4.76 21.71
CA PRO A 317 -54.39 -3.86 22.41
C PRO A 317 -55.08 -4.51 23.61
N GLU A 318 -55.02 -5.85 23.69
CA GLU A 318 -55.66 -6.60 24.79
C GLU A 318 -54.80 -6.58 26.05
N GLN A 319 -53.49 -6.54 25.85
CA GLN A 319 -52.53 -6.56 26.93
C GLN A 319 -52.32 -5.17 27.50
N PRO A 320 -51.80 -5.06 28.74
CA PRO A 320 -51.57 -3.73 29.30
C PRO A 320 -50.57 -2.94 28.44
N PHE A 321 -50.96 -1.72 28.07
CA PHE A 321 -50.07 -0.83 27.34
C PHE A 321 -48.85 -0.35 28.16
N LYS A 322 -47.67 -0.39 27.52
CA LYS A 322 -46.45 0.26 28.05
C LYS A 322 -46.04 1.30 27.00
N ALA A 324 -43.41 2.36 25.35
CA ALA A 324 -42.64 1.88 24.20
C ALA A 324 -43.54 1.28 23.10
N GLY A 325 -44.68 0.73 23.50
CA GLY A 325 -45.69 0.24 22.57
C GLY A 325 -46.26 1.26 21.61
N ALA A 326 -46.00 2.55 21.85
CA ALA A 326 -46.45 3.60 20.94
C ALA A 326 -45.59 3.75 19.69
N LEU A 327 -44.37 3.22 19.74
CA LEU A 327 -43.44 3.36 18.61
C LEU A 327 -43.97 2.85 17.27
N PRO A 328 -44.56 1.63 17.20
CA PRO A 328 -45.08 1.10 15.92
C PRO A 328 -46.13 2.01 15.29
N TYR A 329 -46.93 2.64 16.15
CA TYR A 329 -47.94 3.56 15.70
C TYR A 329 -47.29 4.82 15.15
N LEU A 330 -46.23 5.30 15.80
CA LEU A 330 -45.51 6.44 15.28
C LEU A 330 -44.95 6.14 13.87
N TYR A 331 -44.46 4.92 13.68
CA TYR A 331 -43.97 4.53 12.37
C TYR A 331 -45.09 4.40 11.33
N GLU A 332 -46.26 3.96 11.76
CA GLU A 332 -47.40 3.85 10.86
C GLU A 332 -47.91 5.22 10.42
N SER A 333 -48.07 6.15 11.37
CA SER A 333 -48.54 7.48 11.00
C SER A 333 -47.57 8.19 10.11
N ASN A 334 -46.28 7.90 10.31
CA ASN A 334 -45.27 8.36 9.38
C ASN A 334 -45.54 7.89 7.96
N LEU A 335 -45.69 6.58 7.79
CA LEU A 335 -46.08 5.97 6.54
C LEU A 335 -47.39 6.51 5.98
N ARG A 336 -48.37 6.71 6.86
CA ARG A 336 -49.67 7.21 6.47
C ARG A 336 -49.57 8.58 5.80
N ARG A 337 -48.81 9.46 6.44
CA ARG A 337 -48.58 10.81 5.96
C ARG A 337 -47.90 10.76 4.59
N PHE A 338 -46.96 9.85 4.43
CA PHE A 338 -46.25 9.66 3.17
C PHE A 338 -47.18 9.20 2.01
N CYS A 339 -48.03 8.22 2.30
CA CYS A 339 -48.99 7.70 1.36
C CYS A 339 -50.07 8.69 0.97
N GLU A 340 -50.35 9.66 1.85
CA GLU A 340 -51.30 10.71 1.52
C GLU A 340 -50.63 11.77 0.65
N LYS A 341 -49.42 12.17 1.01
CA LYS A 341 -48.59 13.04 0.16
C LYS A 341 -48.45 12.50 -1.27
N PHE A 342 -48.10 11.23 -1.42
CA PHE A 342 -47.91 10.66 -2.76
C PHE A 342 -49.11 9.81 -3.23
N GLU A 343 -50.28 10.28 -2.82
CA GLU A 343 -51.57 9.69 -3.14
C GLU A 343 -51.77 9.43 -4.65
N THR A 344 -51.45 10.41 -5.47
CA THR A 344 -51.62 10.22 -6.90
C THR A 344 -50.70 9.13 -7.47
N GLN A 345 -49.46 9.06 -6.95
CA GLN A 345 -48.49 8.06 -7.34
C GLN A 345 -48.86 6.63 -6.95
N ILE A 346 -49.51 6.48 -5.79
CA ILE A 346 -50.10 5.19 -5.36
C ILE A 346 -51.28 4.79 -6.25
N GLU A 347 -52.08 5.78 -6.58
CA GLU A 347 -53.24 5.65 -7.44
C GLU A 347 -52.81 5.16 -8.84
N SER A 348 -51.79 5.78 -9.44
CA SER A 348 -51.29 5.36 -10.76
C SER A 348 -50.48 4.04 -10.72
N GLY A 349 -49.98 3.65 -9.56
CA GLY A 349 -49.18 2.44 -9.47
C GLY A 349 -47.67 2.68 -9.60
N GLN A 350 -47.27 3.94 -9.82
CA GLN A 350 -45.87 4.34 -9.88
C GLN A 350 -45.16 4.16 -8.52
N LEU A 351 -45.89 4.39 -7.43
CA LEU A 351 -45.41 4.08 -6.08
C LEU A 351 -46.16 2.87 -5.50
N VAL A 352 -45.41 1.85 -5.11
CA VAL A 352 -45.95 0.64 -4.48
C VAL A 352 -45.46 0.50 -3.04
N VAL A 353 -46.38 0.49 -2.10
CA VAL A 353 -46.03 0.35 -0.70
C VAL A 353 -46.55 -1.02 -0.28
N ARG A 354 -45.65 -1.85 0.22
CA ARG A 354 -46.01 -3.20 0.71
C ARG A 354 -45.84 -3.26 2.19
N LEU A 355 -46.78 -3.93 2.86
CA LEU A 355 -46.67 -4.17 4.29
C LEU A 355 -46.51 -5.66 4.57
N TRP A 356 -45.50 -5.97 5.38
CA TRP A 356 -45.13 -7.34 5.71
C TRP A 356 -45.74 -7.74 7.04
N ARG A 357 -46.33 -8.93 7.08
CA ARG A 357 -46.89 -9.44 8.30
C ARG A 357 -47.05 -10.95 8.25
N ASP A 358 -46.59 -11.63 9.29
CA ASP A 358 -46.67 -13.08 9.42
C ASP A 358 -46.87 -13.43 10.89
N GLY A 359 -48.11 -13.42 11.33
CA GLY A 359 -48.42 -13.68 12.74
C GLY A 359 -47.70 -12.68 13.63
N ASP A 360 -47.05 -13.16 14.69
CA ASP A 360 -46.25 -12.28 15.55
C ASP A 360 -44.75 -12.34 15.25
N ASN A 361 -44.39 -12.83 14.06
CA ASN A 361 -43.02 -12.75 13.62
C ASN A 361 -42.70 -11.30 13.25
N THR A 362 -41.45 -10.91 13.39
CA THR A 362 -41.12 -9.51 13.22
C THR A 362 -40.28 -9.31 11.99
N TYR A 363 -40.20 -8.05 11.58
CA TYR A 363 -39.64 -7.68 10.30
C TYR A 363 -38.39 -6.81 10.48
N HIS A 364 -37.31 -7.18 9.81
CA HIS A 364 -36.04 -6.48 9.96
C HIS A 364 -35.27 -6.44 8.64
N LEU A 365 -35.96 -6.33 7.51
CA LEU A 365 -35.27 -6.32 6.22
C LEU A 365 -34.71 -4.96 5.84
N LYS A 366 -33.53 -4.96 5.21
CA LYS A 366 -32.87 -3.75 4.71
C LYS A 366 -32.39 -4.03 3.30
N GLY A 367 -32.48 -3.05 2.43
CA GLY A 367 -32.06 -3.30 1.06
C GLY A 367 -32.36 -2.16 0.14
N VAL A 368 -31.49 -2.00 -0.86
CA VAL A 368 -31.71 -1.07 -1.95
C VAL A 368 -31.38 -1.85 -3.23
N TRP A 369 -32.31 -1.81 -4.20
CA TRP A 369 -32.08 -2.39 -5.49
C TRP A 369 -32.38 -1.33 -6.54
N VAL A 370 -31.41 -1.01 -7.37
CA VAL A 370 -31.60 -0.01 -8.40
C VAL A 370 -31.68 -0.70 -9.75
N ASP A 371 -32.83 -0.54 -10.41
CA ASP A 371 -33.06 -1.15 -11.71
C ASP A 371 -32.66 -2.62 -11.60
N ASP A 372 -32.03 -3.16 -12.63
CA ASP A 372 -31.46 -4.49 -12.51
C ASP A 372 -29.92 -4.44 -12.47
N ARG A 373 -29.36 -3.35 -11.95
CA ARG A 373 -27.89 -3.05 -12.07
C ARG A 373 -27.16 -3.06 -10.73
N TYR A 374 -27.83 -2.56 -9.68
CA TYR A 374 -27.24 -2.44 -8.36
C TYR A 374 -28.07 -3.13 -7.31
N ILE A 375 -27.39 -3.90 -6.46
CA ILE A 375 -27.97 -4.51 -5.29
C ILE A 375 -27.08 -4.15 -4.10
N LEU A 376 -27.61 -3.35 -3.19
CA LEU A 376 -26.81 -3.00 -2.02
C LEU A 376 -27.20 -3.91 -0.86
N LEU A 377 -26.20 -4.55 -0.27
CA LEU A 377 -26.40 -5.30 0.94
C LEU A 377 -25.84 -4.44 2.05
N THR A 378 -26.67 -4.09 3.03
CA THR A 378 -26.24 -3.20 4.08
C THR A 378 -27.07 -3.37 5.34
N GLY A 379 -26.42 -3.19 6.49
CA GLY A 379 -27.14 -3.15 7.77
C GLY A 379 -27.63 -1.74 8.06
N ASN A 380 -27.58 -0.86 7.06
CA ASN A 380 -28.02 0.51 7.23
C ASN A 380 -29.56 0.54 7.29
N ASN A 381 -30.13 1.08 8.37
CA ASN A 381 -31.57 1.10 8.59
C ASN A 381 -32.24 2.20 7.79
N LEU A 382 -31.44 3.02 7.12
CA LEU A 382 -31.97 4.11 6.31
C LEU A 382 -32.79 5.11 7.15
N ASN A 383 -32.25 5.45 8.32
CA ASN A 383 -32.87 6.43 9.23
C ASN A 383 -31.89 7.53 9.60
N PRO A 384 -32.35 8.62 10.25
CA PRO A 384 -31.45 9.71 10.69
C PRO A 384 -30.25 9.24 11.53
N ARG A 385 -30.44 8.23 12.38
CA ARG A 385 -29.35 7.63 13.21
C ARG A 385 -28.15 7.18 12.35
N ALA A 386 -28.48 6.41 11.32
CA ALA A 386 -27.47 5.87 10.39
C ALA A 386 -26.82 6.99 9.59
N TRP A 387 -27.52 8.11 9.40
CA TRP A 387 -26.94 9.29 8.73
C TRP A 387 -26.00 10.19 9.56
N ARG A 388 -25.98 10.06 10.88
CA ARG A 388 -25.13 10.92 11.65
C ARG A 388 -24.46 10.26 12.86
N LEU A 389 -25.04 9.18 13.38
CA LEU A 389 -24.57 8.65 14.64
C LEU A 389 -23.77 7.35 14.53
N ASP A 390 -24.34 6.37 13.83
CA ASP A 390 -23.86 4.98 13.84
C ASP A 390 -22.81 4.63 12.76
N ALA A 391 -21.98 3.63 13.07
CA ALA A 391 -20.97 3.10 12.16
C ALA A 391 -21.63 2.01 11.33
N GLU A 392 -21.57 2.14 10.00
CA GLU A 392 -22.31 1.24 9.10
C GLU A 392 -21.38 0.73 8.04
N ASN A 393 -21.73 -0.41 7.45
CA ASN A 393 -21.02 -0.86 6.28
C ASN A 393 -22.00 -1.34 5.22
N GLY A 394 -21.50 -1.72 4.06
CA GLY A 394 -22.34 -2.28 3.02
C GLY A 394 -21.51 -2.96 1.97
N LEU A 395 -22.15 -3.88 1.23
CA LEU A 395 -21.57 -4.50 0.04
C LEU A 395 -22.42 -4.12 -1.16
N LEU A 396 -21.86 -3.35 -2.08
CA LEU A 396 -22.60 -2.94 -3.27
C LEU A 396 -22.28 -3.94 -4.39
N ILE A 397 -23.26 -4.72 -4.82
CA ILE A 397 -23.12 -5.61 -5.98
C ILE A 397 -23.50 -4.84 -7.25
N TYR A 398 -22.64 -4.96 -8.25
CA TYR A 398 -22.88 -4.39 -9.56
C TYR A 398 -23.00 -5.52 -10.56
N ASP A 399 -24.12 -5.53 -11.28
CA ASP A 399 -24.45 -6.66 -12.15
C ASP A 399 -24.84 -6.14 -13.53
N PRO A 400 -23.84 -5.65 -14.30
CA PRO A 400 -24.20 -4.92 -15.51
C PRO A 400 -24.79 -5.83 -16.56
N GLN A 401 -24.54 -7.14 -16.47
CA GLN A 401 -25.09 -8.10 -17.42
C GLN A 401 -26.18 -8.99 -16.84
N GLN A 402 -26.75 -8.62 -15.69
CA GLN A 402 -27.92 -9.35 -15.13
C GLN A 402 -27.65 -10.85 -14.90
N GLN A 403 -26.42 -11.15 -14.48
CA GLN A 403 -25.99 -12.50 -14.12
C GLN A 403 -26.58 -13.00 -12.78
N LEU A 404 -27.05 -12.07 -11.96
CA LEU A 404 -27.52 -12.41 -10.63
C LEU A 404 -29.02 -12.25 -10.55
N LEU A 405 -29.63 -11.79 -11.64
CA LEU A 405 -31.03 -11.38 -11.65
C LEU A 405 -32.03 -12.48 -11.24
N ALA A 406 -31.77 -13.69 -11.68
CA ALA A 406 -32.57 -14.85 -11.28
C ALA A 406 -32.58 -15.02 -9.76
N GLN A 407 -31.41 -14.99 -9.14
CA GLN A 407 -31.32 -15.09 -7.68
C GLN A 407 -31.94 -13.88 -6.96
N VAL A 408 -31.69 -12.68 -7.50
CA VAL A 408 -32.34 -11.47 -6.95
C VAL A 408 -33.85 -11.59 -6.99
N GLU A 409 -34.41 -12.00 -8.13
CA GLU A 409 -35.86 -12.12 -8.26
C GLU A 409 -36.42 -13.21 -7.38
N LYS A 410 -35.68 -14.30 -7.19
CA LYS A 410 -36.16 -15.33 -6.28
C LYS A 410 -36.24 -14.82 -4.82
N GLU A 411 -35.20 -14.14 -4.35
CA GLU A 411 -35.18 -13.54 -3.02
C GLU A 411 -36.31 -12.52 -2.84
N GLN A 412 -36.46 -11.63 -3.82
CA GLN A 412 -37.54 -10.61 -3.80
C GLN A 412 -38.94 -11.26 -3.77
N ASN A 413 -39.12 -12.34 -4.52
N ASN A 413 -39.10 -12.34 -4.51
CA ASN A 413 -40.38 -13.09 -4.52
CA ASN A 413 -40.36 -13.07 -4.52
C ASN A 413 -40.66 -13.67 -3.14
C ASN A 413 -40.66 -13.68 -3.15
N GLN A 414 -39.63 -14.25 -2.52
CA GLN A 414 -39.77 -14.77 -1.16
C GLN A 414 -40.12 -13.66 -0.17
N ILE A 415 -39.43 -12.51 -0.30
CA ILE A 415 -39.65 -11.36 0.56
C ILE A 415 -41.09 -10.87 0.44
N ARG A 416 -41.63 -10.91 -0.78
CA ARG A 416 -42.96 -10.42 -1.05
C ARG A 416 -44.09 -11.32 -0.57
N GLN A 417 -43.76 -12.57 -0.23
CA GLN A 417 -44.75 -13.58 0.10
C GLN A 417 -45.72 -13.19 1.28
N HIS A 418 -45.20 -12.68 2.40
CA HIS A 418 -46.08 -12.21 3.48
C HIS A 418 -46.38 -10.69 3.44
N THR A 419 -46.41 -10.11 2.25
CA THR A 419 -46.79 -8.70 2.12
C THR A 419 -48.16 -8.52 1.49
N LYS A 420 -48.76 -7.36 1.71
CA LYS A 420 -49.93 -6.93 0.96
C LYS A 420 -49.63 -5.53 0.46
N VAL A 421 -50.12 -5.24 -0.74
CA VAL A 421 -49.94 -3.94 -1.35
C VAL A 421 -50.94 -3.00 -0.72
N LEU A 422 -50.49 -1.87 -0.19
CA LEU A 422 -51.38 -0.86 0.35
C LEU A 422 -52.23 -0.25 -0.79
N LYS A 423 -53.55 -0.31 -0.67
CA LYS A 423 -54.42 0.22 -1.74
C LYS A 423 -54.59 1.74 -1.69
N HIS A 424 -54.51 2.31 -0.49
CA HIS A 424 -54.82 3.73 -0.25
C HIS A 424 -54.41 4.09 1.18
N TYR A 425 -53.97 5.34 1.40
CA TYR A 425 -53.46 5.74 2.71
C TYR A 425 -54.46 5.48 3.87
N THR A 426 -55.75 5.61 3.57
CA THR A 426 -56.78 5.38 4.58
C THR A 426 -56.89 3.91 5.03
N GLU A 427 -56.19 3.01 4.37
CA GLU A 427 -56.10 1.64 4.82
C GLU A 427 -55.33 1.53 6.14
N LEU A 428 -54.52 2.54 6.44
CA LEU A 428 -53.83 2.64 7.73
C LEU A 428 -54.65 3.52 8.63
N GLU A 429 -54.86 3.01 9.85
CA GLU A 429 -55.66 3.72 10.84
C GLU A 429 -55.19 5.15 11.04
N GLU A 430 -56.15 6.03 11.26
CA GLU A 430 -55.94 7.41 11.64
C GLU A 430 -55.69 7.41 13.17
N LEU A 431 -55.06 8.46 13.68
CA LEU A 431 -54.84 8.64 15.13
C LEU A 431 -56.04 8.31 16.03
N ASN A 432 -57.19 8.93 15.77
CA ASN A 432 -58.39 8.72 16.61
C ASN A 432 -58.96 7.30 16.57
N GLN A 433 -58.47 6.46 15.68
CA GLN A 433 -58.83 5.03 15.69
C GLN A 433 -57.77 4.17 16.41
N TYR A 434 -56.74 4.80 16.96
CA TYR A 434 -55.76 4.06 17.76
C TYR A 434 -56.33 3.72 19.15
N PRO A 435 -55.80 2.68 19.81
CA PRO A 435 -56.18 2.49 21.21
C PRO A 435 -55.97 3.75 22.06
N GLU A 436 -56.88 3.96 23.03
CA GLU A 436 -56.87 5.18 23.84
C GLU A 436 -55.49 5.52 24.42
N PRO A 437 -54.85 4.58 25.15
CA PRO A 437 -53.53 4.94 25.74
C PRO A 437 -52.48 5.36 24.70
N VAL A 438 -52.53 4.76 23.51
CA VAL A 438 -51.64 5.11 22.41
C VAL A 438 -51.94 6.52 21.96
N GLN A 439 -53.23 6.81 21.74
CA GLN A 439 -53.69 8.13 21.33
C GLN A 439 -53.21 9.24 22.27
N LYS A 440 -53.41 9.05 23.58
CA LYS A 440 -52.98 10.02 24.61
C LYS A 440 -51.51 10.35 24.48
N LEU A 441 -50.71 9.29 24.37
CA LEU A 441 -49.28 9.45 24.33
C LEU A 441 -48.87 10.27 23.11
N LEU A 442 -49.38 9.87 21.94
CA LEU A 442 -48.94 10.46 20.68
C LEU A 442 -49.36 11.92 20.58
N LYS A 443 -50.53 12.21 21.13
CA LYS A 443 -51.05 13.56 21.23
C LYS A 443 -50.13 14.47 22.05
N LYS A 444 -49.66 13.98 23.19
CA LYS A 444 -48.75 14.76 24.03
C LYS A 444 -47.42 14.96 23.33
N PHE A 445 -46.89 13.88 22.79
CA PHE A 445 -45.59 13.92 22.15
C PHE A 445 -45.58 14.90 20.98
N ALA A 446 -46.66 14.89 20.19
CA ALA A 446 -46.78 15.77 19.03
C ALA A 446 -46.77 17.24 19.45
N ARG A 447 -47.50 17.55 20.52
CA ARG A 447 -47.57 18.92 21.04
C ARG A 447 -46.20 19.53 21.34
N ILE A 448 -45.34 18.75 22.01
CA ILE A 448 -44.00 19.19 22.40
C ILE A 448 -42.90 18.70 21.44
N LYS A 449 -43.31 18.12 20.30
CA LYS A 449 -42.36 17.69 19.27
C LYS A 449 -41.43 16.53 19.71
N ALA A 450 -41.87 15.79 20.72
CA ALA A 450 -41.14 14.59 21.18
C ALA A 450 -41.12 13.52 20.08
N ASP A 451 -42.14 13.50 19.23
CA ASP A 451 -42.19 12.54 18.14
C ASP A 451 -41.08 12.78 17.13
N LYS A 452 -40.77 14.05 16.90
CA LYS A 452 -39.67 14.44 16.04
C LYS A 452 -38.36 13.95 16.65
N LEU A 453 -38.19 14.14 17.95
CA LEU A 453 -36.99 13.65 18.63
C LEU A 453 -36.81 12.12 18.51
N VAL A 454 -37.90 11.38 18.69
CA VAL A 454 -37.85 9.93 18.58
C VAL A 454 -37.36 9.48 17.20
N LYS A 455 -37.86 10.11 16.14
CA LYS A 455 -37.44 9.81 14.78
C LYS A 455 -35.92 9.99 14.58
N ILE A 457 -33.35 9.88 16.92
CA ILE A 457 -32.40 9.11 17.75
C ILE A 457 -32.74 7.65 17.93
N LEU A 458 -33.87 7.20 17.42
CA LEU A 458 -34.24 5.79 17.62
C LEU A 458 -34.36 5.04 16.30
N ILE B 6 -6.49 2.89 32.00
CA ILE B 6 -5.97 2.85 33.39
C ILE B 6 -4.46 3.03 33.46
N ASN B 7 -3.78 2.07 34.10
CA ASN B 7 -2.36 2.17 34.41
C ASN B 7 -1.44 2.08 33.20
N LYS B 8 -0.22 2.64 33.36
CA LYS B 8 0.80 2.63 32.32
C LYS B 8 1.04 1.20 31.82
N THR B 9 0.60 0.24 32.63
CA THR B 9 0.79 -1.18 32.41
C THR B 9 -0.28 -1.78 31.52
N LYS B 10 -1.53 -1.36 31.73
CA LYS B 10 -2.64 -1.71 30.83
C LYS B 10 -2.34 -1.09 29.47
N ARG B 11 -1.90 0.17 29.49
CA ARG B 11 -1.46 0.86 28.28
C ARG B 11 -0.41 0.02 27.52
N ALA B 12 0.57 -0.54 28.25
CA ALA B 12 1.61 -1.37 27.65
C ALA B 12 1.03 -2.61 26.93
N GLU B 13 0.10 -3.30 27.60
CA GLU B 13 -0.62 -4.46 27.05
C GLU B 13 -1.34 -4.16 25.72
N GLN B 14 -1.97 -3.00 25.65
CA GLN B 14 -2.75 -2.56 24.50
C GLN B 14 -1.83 -2.29 23.35
N ASN B 15 -0.78 -1.52 23.59
CA ASN B 15 0.29 -1.33 22.60
C ASN B 15 0.84 -2.64 22.06
N LEU B 16 1.20 -3.59 22.92
CA LEU B 16 1.67 -4.89 22.39
C LEU B 16 0.59 -5.56 21.54
N ASN B 17 -0.66 -5.55 22.00
CA ASN B 17 -1.77 -6.14 21.24
C ASN B 17 -2.05 -5.47 19.89
N ASN B 18 -1.72 -4.20 19.77
CA ASN B 18 -1.88 -3.50 18.51
C ASN B 18 -0.80 -3.84 17.50
N LEU B 19 0.21 -4.64 17.87
CA LEU B 19 1.27 -4.97 16.90
C LEU B 19 0.78 -5.94 15.82
N PRO B 20 1.20 -5.70 14.54
CA PRO B 20 0.91 -6.59 13.45
C PRO B 20 1.87 -7.77 13.46
N PHE B 21 1.33 -8.97 13.21
CA PHE B 21 2.13 -10.15 13.37
C PHE B 21 2.05 -11.06 12.17
N LEU B 22 3.20 -11.53 11.74
CA LEU B 22 3.24 -12.53 10.69
C LEU B 22 3.39 -13.95 11.25
N ALA B 23 2.59 -14.88 10.77
CA ALA B 23 2.58 -16.27 11.29
C ALA B 23 3.86 -17.00 10.93
N LEU B 24 4.32 -17.89 11.81
CA LEU B 24 5.62 -18.48 11.71
C LEU B 24 5.57 -19.95 12.16
N GLN B 25 6.24 -20.85 11.44
CA GLN B 25 6.31 -22.26 11.86
C GLN B 25 7.52 -22.48 12.72
N ALA B 26 7.38 -23.30 13.76
CA ALA B 26 8.55 -23.70 14.56
C ALA B 26 9.64 -24.16 13.61
N GLU B 27 9.25 -24.98 12.63
CA GLU B 27 10.14 -25.48 11.55
C GLU B 27 10.91 -24.40 10.82
N GLN B 28 10.35 -23.21 10.75
CA GLN B 28 10.98 -22.12 9.97
C GLN B 28 12.02 -21.31 10.76
N ILE B 29 12.17 -21.60 12.06
CA ILE B 29 13.18 -20.93 12.89
C ILE B 29 14.16 -21.92 13.48
N GLU B 30 15.45 -21.59 13.33
CA GLU B 30 16.54 -22.38 13.90
C GLU B 30 17.45 -21.45 14.70
N PHE B 31 17.59 -21.77 15.99
CA PHE B 31 18.50 -21.07 16.89
C PHE B 31 19.87 -21.73 16.75
N LEU B 32 20.85 -21.03 16.22
CA LEU B 32 22.20 -21.60 16.09
C LEU B 32 22.93 -21.67 17.42
N GLY B 33 23.76 -22.70 17.56
CA GLY B 33 24.44 -23.00 18.81
C GLY B 33 25.73 -22.25 19.15
N SER B 34 26.45 -21.77 18.13
CA SER B 34 27.79 -21.22 18.33
C SER B 34 28.23 -20.30 17.18
N SER B 35 29.30 -19.54 17.42
CA SER B 35 29.87 -18.67 16.39
C SER B 35 30.47 -19.47 15.24
N ALA B 36 30.91 -20.69 15.51
CA ALA B 36 31.43 -21.54 14.44
C ALA B 36 30.29 -21.96 13.53
N GLU B 37 29.15 -22.29 14.10
CA GLU B 37 27.98 -22.61 13.30
C GLU B 37 27.47 -21.40 12.50
N PHE B 38 27.49 -20.23 13.12
CA PHE B 38 27.21 -18.97 12.43
C PHE B 38 28.06 -18.79 11.16
N LYS B 39 29.38 -18.91 11.30
CA LYS B 39 30.28 -18.82 10.15
C LYS B 39 29.87 -19.81 9.06
N THR B 40 29.67 -21.06 9.47
CA THR B 40 29.28 -22.13 8.56
C THR B 40 27.99 -21.80 7.80
N GLN B 41 27.06 -21.14 8.48
CA GLN B 41 25.77 -20.83 7.86
C GLN B 41 25.88 -19.68 6.88
N ILE B 42 26.63 -18.65 7.24
CA ILE B 42 26.85 -17.50 6.36
C ILE B 42 27.40 -17.99 5.00
N ILE B 43 28.37 -18.89 5.06
CA ILE B 43 29.02 -19.43 3.90
C ILE B 43 28.10 -20.29 3.06
N GLU B 44 27.43 -21.27 3.68
N GLU B 44 27.43 -21.27 3.67
CA GLU B 44 26.39 -22.08 3.01
CA GLU B 44 26.41 -22.07 2.96
C GLU B 44 25.29 -21.19 2.41
C GLU B 44 25.30 -21.17 2.38
N LEU B 45 24.87 -20.17 3.14
CA LEU B 45 23.83 -19.27 2.65
C LEU B 45 24.33 -18.45 1.47
N ILE B 46 25.59 -18.02 1.52
CA ILE B 46 26.16 -17.25 0.39
C ILE B 46 26.31 -18.19 -0.81
N ARG B 47 26.88 -19.37 -0.58
CA ARG B 47 27.14 -20.30 -1.67
C ARG B 47 25.86 -20.68 -2.39
N ASN B 48 24.74 -20.69 -1.66
CA ASN B 48 23.48 -21.11 -2.22
C ASN B 48 22.54 -20.03 -2.77
N ALA B 49 22.91 -18.77 -2.62
CA ALA B 49 22.09 -17.65 -3.08
C ALA B 49 21.98 -17.60 -4.59
N LYS B 50 20.75 -17.40 -5.07
CA LYS B 50 20.48 -17.33 -6.49
C LYS B 50 19.87 -15.99 -6.91
N LYS B 51 19.39 -15.18 -5.97
CA LYS B 51 18.75 -13.92 -6.36
C LYS B 51 19.30 -12.71 -5.66
N ARG B 52 19.40 -12.78 -4.33
CA ARG B 52 19.87 -11.63 -3.59
C ARG B 52 20.65 -12.00 -2.32
N ILE B 53 21.56 -11.12 -1.95
CA ILE B 53 22.27 -11.15 -0.68
C ILE B 53 22.26 -9.70 -0.18
N TYR B 54 21.51 -9.46 0.91
CA TYR B 54 21.53 -8.20 1.68
C TYR B 54 22.16 -8.41 3.04
N VAL B 55 23.15 -7.57 3.35
CA VAL B 55 23.77 -7.58 4.64
C VAL B 55 23.75 -6.17 5.21
N THR B 56 23.26 -6.04 6.45
N THR B 56 23.14 -6.02 6.41
CA THR B 56 23.36 -4.83 7.27
CA THR B 56 23.39 -4.90 7.29
C THR B 56 24.06 -5.13 8.59
C THR B 56 24.28 -5.40 8.42
N ALA B 57 25.26 -4.58 8.78
CA ALA B 57 26.10 -4.85 9.97
C ALA B 57 26.77 -3.56 10.43
N LEU B 58 27.25 -3.56 11.67
CA LEU B 58 28.08 -2.46 12.14
C LEU B 58 29.34 -2.28 11.26
N TYR B 59 30.06 -3.37 11.05
CA TYR B 59 31.28 -3.28 10.29
C TYR B 59 31.58 -4.62 9.73
N TRP B 60 32.45 -4.60 8.72
CA TRP B 60 32.92 -5.81 8.08
C TRP B 60 34.43 -5.64 7.97
N GLN B 61 35.15 -6.41 8.78
CA GLN B 61 36.56 -6.17 9.00
C GLN B 61 37.47 -6.72 7.91
N LYS B 62 38.50 -5.96 7.53
CA LYS B 62 39.62 -6.53 6.78
C LYS B 62 40.49 -7.41 7.69
N ASP B 63 40.06 -8.64 7.94
CA ASP B 63 40.90 -9.61 8.62
C ASP B 63 40.69 -10.93 7.92
N GLU B 64 41.17 -12.02 8.49
CA GLU B 64 41.13 -13.30 7.80
C GLU B 64 39.67 -13.71 7.53
N ALA B 65 38.82 -13.55 8.54
CA ALA B 65 37.40 -13.92 8.44
C ALA B 65 36.69 -13.07 7.40
N GLY B 66 36.86 -11.75 7.51
CA GLY B 66 36.40 -10.77 6.52
C GLY B 66 36.83 -11.06 5.09
N GLN B 67 38.10 -11.37 4.89
CA GLN B 67 38.61 -11.75 3.58
C GLN B 67 37.88 -13.01 3.07
N GLU B 68 37.66 -13.96 3.98
CA GLU B 68 37.11 -15.24 3.62
C GLU B 68 35.63 -15.11 3.23
N ILE B 69 34.85 -14.37 4.00
CA ILE B 69 33.47 -14.11 3.62
C ILE B 69 33.39 -13.32 2.31
N LEU B 70 34.26 -12.31 2.14
CA LEU B 70 34.27 -11.56 0.90
C LEU B 70 34.64 -12.44 -0.31
N ASP B 71 35.60 -13.34 -0.15
CA ASP B 71 35.94 -14.30 -1.20
C ASP B 71 34.75 -15.12 -1.65
N GLU B 72 33.96 -15.61 -0.69
CA GLU B 72 32.75 -16.35 -1.03
C GLU B 72 31.77 -15.53 -1.86
N ILE B 73 31.60 -14.26 -1.52
CA ILE B 73 30.72 -13.35 -2.26
C ILE B 73 31.17 -13.16 -3.71
N TYR B 74 32.46 -12.96 -3.91
CA TYR B 74 33.02 -12.88 -5.25
C TYR B 74 32.93 -14.16 -6.05
N ARG B 75 33.09 -15.31 -5.41
CA ARG B 75 32.89 -16.59 -6.09
C ARG B 75 31.45 -16.77 -6.61
N VAL B 76 30.46 -16.59 -5.73
CA VAL B 76 29.05 -16.72 -6.15
C VAL B 76 28.60 -15.63 -7.15
N LYS B 77 29.14 -14.43 -7.04
CA LYS B 77 28.88 -13.34 -7.98
C LYS B 77 29.34 -13.70 -9.37
N GLN B 78 30.35 -14.55 -9.43
CA GLN B 78 30.90 -14.93 -10.71
C GLN B 78 30.11 -16.05 -11.34
N GLU B 79 29.51 -16.93 -10.54
CA GLU B 79 28.63 -17.95 -11.10
C GLU B 79 27.25 -17.38 -11.43
N ASN B 80 26.86 -16.31 -10.71
CA ASN B 80 25.54 -15.67 -10.83
C ASN B 80 25.74 -14.18 -11.05
N PRO B 81 25.93 -13.78 -12.31
CA PRO B 81 26.26 -12.37 -12.58
C PRO B 81 25.09 -11.42 -12.24
N HIS B 82 23.87 -11.94 -12.20
CA HIS B 82 22.71 -11.11 -11.88
C HIS B 82 22.33 -11.03 -10.40
N LEU B 83 23.09 -11.72 -9.56
CA LEU B 83 22.91 -11.66 -8.14
C LEU B 83 22.95 -10.18 -7.64
N ASP B 84 21.87 -9.78 -6.98
CA ASP B 84 21.81 -8.50 -6.28
C ASP B 84 22.48 -8.59 -4.89
N VAL B 85 23.68 -8.00 -4.74
CA VAL B 85 24.41 -8.00 -3.48
C VAL B 85 24.51 -6.56 -2.94
N LYS B 86 24.01 -6.33 -1.74
CA LYS B 86 24.25 -5.05 -1.09
C LYS B 86 24.70 -5.26 0.36
N VAL B 87 25.86 -4.69 0.70
CA VAL B 87 26.37 -4.72 2.07
C VAL B 87 26.27 -3.28 2.59
N LEU B 88 25.47 -3.09 3.65
CA LEU B 88 25.39 -1.76 4.29
C LEU B 88 26.14 -1.82 5.59
N ILE B 89 27.15 -0.97 5.74
CA ILE B 89 27.84 -0.90 7.01
C ILE B 89 27.89 0.56 7.44
N ASP B 90 28.27 0.81 8.68
CA ASP B 90 28.39 2.17 9.19
C ASP B 90 29.47 2.97 8.48
N TRP B 91 29.03 4.09 7.94
CA TRP B 91 29.87 5.06 7.23
C TRP B 91 31.13 5.44 7.97
N HIS B 92 30.99 5.83 9.22
CA HIS B 92 32.12 6.36 10.00
C HIS B 92 33.04 5.25 10.42
N ARG B 93 32.45 4.18 10.95
CA ARG B 93 33.24 3.09 11.45
C ARG B 93 34.12 2.47 10.37
N ALA B 94 33.65 2.45 9.14
CA ALA B 94 34.40 1.85 8.04
C ALA B 94 35.61 2.66 7.60
N GLN B 95 35.69 3.91 8.05
CA GLN B 95 36.69 4.82 7.58
C GLN B 95 37.67 5.28 8.65
N ARG B 96 37.81 4.51 9.70
CA ARG B 96 38.79 4.79 10.72
C ARG B 96 39.38 3.47 11.16
N ASN B 97 40.49 3.54 11.90
CA ASN B 97 41.07 2.34 12.52
C ASN B 97 40.58 2.18 13.95
N LEU B 98 40.72 0.96 14.49
CA LEU B 98 40.34 0.66 15.88
C LEU B 98 41.04 1.58 16.90
N ALA B 101 44.98 1.51 18.65
CA ALA B 101 45.68 0.68 17.68
C ALA B 101 46.40 1.51 16.61
N GLU B 102 47.31 0.85 15.88
CA GLU B 102 48.13 1.48 14.84
C GLU B 102 47.35 1.86 13.57
N LYS B 103 47.76 2.98 12.94
CA LYS B 103 47.05 3.53 11.78
C LYS B 103 47.41 2.84 10.47
N SER B 104 46.61 1.86 10.06
CA SER B 104 46.77 1.15 8.79
C SER B 104 45.59 1.45 7.83
N ALA B 105 45.43 0.60 6.80
CA ALA B 105 44.31 0.73 5.87
C ALA B 105 43.02 0.54 6.65
N THR B 106 42.05 1.40 6.44
CA THR B 106 40.72 1.20 7.03
C THR B 106 39.98 0.09 6.28
N ASN B 107 38.84 -0.31 6.80
CA ASN B 107 37.99 -1.27 6.11
C ASN B 107 37.60 -0.77 4.71
N ALA B 108 37.28 0.53 4.61
CA ALA B 108 36.95 1.14 3.32
C ALA B 108 38.12 1.09 2.33
N ASP B 109 39.34 1.31 2.82
CA ASP B 109 40.53 1.14 1.95
C ASP B 109 40.60 -0.27 1.39
N TRP B 110 40.35 -1.24 2.25
CA TRP B 110 40.37 -2.62 1.84
C TRP B 110 39.28 -2.95 0.82
N TYR B 111 38.07 -2.40 1.00
CA TYR B 111 36.99 -2.63 0.02
C TYR B 111 37.35 -2.06 -1.36
N CYS B 112 37.93 -0.86 -1.40
CA CYS B 112 38.39 -0.30 -2.68
C CYS B 112 39.40 -1.24 -3.32
N GLU B 113 40.38 -1.65 -2.54
CA GLU B 113 41.46 -2.49 -3.03
C GLU B 113 40.91 -3.76 -3.63
N GLN B 114 39.94 -4.37 -2.93
CA GLN B 114 39.33 -5.62 -3.37
C GLN B 114 38.48 -5.45 -4.61
N ARG B 115 37.78 -4.32 -4.71
CA ARG B 115 36.92 -4.05 -5.86
C ARG B 115 37.78 -3.83 -7.11
N GLN B 116 38.94 -3.19 -6.95
CA GLN B 116 39.88 -3.01 -8.06
C GLN B 116 40.44 -4.34 -8.54
N THR B 117 40.52 -5.30 -7.63
CA THR B 117 41.19 -6.56 -7.90
C THR B 117 40.23 -7.63 -8.38
N TYR B 118 38.97 -7.53 -7.98
CA TYR B 118 37.99 -8.58 -8.28
C TYR B 118 36.82 -8.10 -9.15
N GLN B 119 36.91 -6.88 -9.66
CA GLN B 119 35.75 -6.23 -10.27
C GLN B 119 36.13 -5.13 -11.27
N LEU B 120 35.19 -4.76 -12.14
CA LEU B 120 35.38 -3.65 -13.09
C LEU B 120 34.81 -2.33 -12.54
N PRO B 121 35.37 -1.18 -12.97
CA PRO B 121 34.89 0.11 -12.45
C PRO B 121 33.43 0.39 -12.77
N ASP B 122 32.95 -0.17 -13.89
CA ASP B 122 31.57 -0.01 -14.34
C ASP B 122 30.64 -1.08 -13.78
N ASP B 123 31.13 -1.92 -12.87
CA ASP B 123 30.29 -2.87 -12.17
C ASP B 123 29.51 -2.22 -11.03
N PRO B 124 28.43 -2.89 -10.54
CA PRO B 124 27.68 -2.26 -9.45
C PRO B 124 28.58 -2.14 -8.26
N ASN B 125 28.38 -1.13 -7.44
CA ASN B 125 29.04 -1.07 -6.14
C ASN B 125 28.44 -2.14 -5.22
N PHE B 127 29.69 -2.39 -1.43
CA PHE B 127 29.81 -1.87 -0.07
C PHE B 127 29.29 -0.46 0.03
N PHE B 128 28.30 -0.28 0.90
CA PHE B 128 27.62 1.00 1.06
C PHE B 128 27.77 1.45 2.49
N GLY B 129 28.08 2.73 2.66
CA GLY B 129 28.26 3.29 4.01
C GLY B 129 27.03 4.11 4.35
N VAL B 130 26.45 3.81 5.50
CA VAL B 130 25.25 4.45 6.00
C VAL B 130 25.63 5.38 7.15
N PRO B 131 25.51 6.71 6.96
CA PRO B 131 25.76 7.65 8.06
C PRO B 131 24.49 7.93 8.84
N ILE B 132 24.42 7.39 10.05
CA ILE B 132 23.27 7.56 10.96
C ILE B 132 23.33 8.91 11.67
N ASN B 133 24.52 9.51 11.67
CA ASN B 133 24.69 10.89 12.12
C ASN B 133 25.95 11.50 11.48
N THR B 134 26.19 12.79 11.70
CA THR B 134 27.30 13.47 11.05
C THR B 134 28.61 13.14 11.79
N ARG B 135 28.49 12.64 13.02
CA ARG B 135 29.62 12.16 13.83
C ARG B 135 29.23 10.85 14.43
N GLU B 136 30.19 9.93 14.47
CA GLU B 136 29.97 8.57 14.93
C GLU B 136 29.50 8.55 16.38
N VAL B 137 30.06 9.46 17.15
CA VAL B 137 29.67 9.65 18.54
C VAL B 137 28.16 9.82 18.69
N PHE B 138 27.52 10.47 17.70
CA PHE B 138 26.10 10.80 17.86
C PHE B 138 25.15 9.88 17.11
N GLY B 139 25.67 8.76 16.61
CA GLY B 139 24.82 7.76 15.98
C GLY B 139 25.47 6.82 14.98
N VAL B 140 25.27 5.52 15.17
CA VAL B 140 25.78 4.51 14.25
C VAL B 140 24.72 3.50 13.82
N LEU B 141 25.02 2.79 12.73
CA LEU B 141 24.16 1.75 12.20
C LEU B 141 24.25 0.50 13.04
N HIS B 142 23.23 0.28 13.87
CA HIS B 142 23.12 -0.95 14.65
C HIS B 142 21.99 -1.86 14.20
N VAL B 143 21.47 -1.60 13.01
CA VAL B 143 20.44 -2.44 12.39
C VAL B 143 21.09 -3.77 12.00
N LYS B 144 20.39 -4.88 12.22
CA LYS B 144 20.98 -6.16 11.96
C LYS B 144 20.14 -6.93 10.96
N GLY B 145 20.73 -7.97 10.37
CA GLY B 145 19.99 -8.86 9.51
C GLY B 145 20.78 -9.08 8.26
N PHE B 146 20.87 -10.36 7.87
CA PHE B 146 21.38 -10.74 6.58
C PHE B 146 20.24 -11.44 5.84
N VAL B 147 20.05 -11.09 4.57
CA VAL B 147 19.02 -11.77 3.77
C VAL B 147 19.70 -12.43 2.59
N PHE B 148 19.47 -13.73 2.47
CA PHE B 148 19.93 -14.53 1.36
C PHE B 148 18.70 -15.14 0.75
N ASP B 149 18.32 -14.63 -0.42
CA ASP B 149 17.07 -14.99 -1.05
C ASP B 149 15.90 -14.89 -0.08
N ASP B 150 15.31 -16.02 0.30
CA ASP B 150 14.16 -16.03 1.22
C ASP B 150 14.49 -16.37 2.68
N THR B 151 15.78 -16.33 3.03
CA THR B 151 16.24 -16.71 4.37
C THR B 151 16.90 -15.55 5.08
N VAL B 152 16.42 -15.27 6.29
CA VAL B 152 16.96 -14.26 7.19
C VAL B 152 17.91 -14.94 8.19
N LEU B 153 19.12 -14.43 8.31
CA LEU B 153 20.03 -14.82 9.37
C LEU B 153 20.22 -13.60 10.26
N TYR B 154 19.77 -13.71 11.50
CA TYR B 154 19.73 -12.54 12.38
C TYR B 154 20.66 -12.72 13.56
N SER B 155 21.50 -11.71 13.77
CA SER B 155 22.48 -11.78 14.82
C SER B 155 23.02 -10.39 15.15
N GLY B 156 23.50 -10.23 16.38
CA GLY B 156 24.19 -9.01 16.76
C GLY B 156 25.61 -8.92 16.24
N ALA B 157 26.13 -10.00 15.66
CA ALA B 157 27.56 -10.13 15.32
C ALA B 157 27.94 -9.32 14.10
N SER B 158 29.14 -8.77 14.08
CA SER B 158 29.72 -8.23 12.86
C SER B 158 30.63 -9.29 12.23
N ILE B 159 31.26 -8.91 11.13
CA ILE B 159 32.07 -9.82 10.38
C ILE B 159 33.51 -9.50 10.77
N ASN B 160 34.10 -10.38 11.57
CA ASN B 160 35.52 -10.32 11.85
C ASN B 160 35.93 -11.66 12.44
N ASN B 161 37.20 -11.77 12.78
CA ASN B 161 37.74 -13.01 13.30
C ASN B 161 37.02 -13.59 14.51
N VAL B 162 36.85 -12.77 15.56
CA VAL B 162 36.29 -13.28 16.82
C VAL B 162 34.80 -13.66 16.69
N TYR B 163 33.99 -12.81 16.04
CA TYR B 163 32.58 -13.14 15.81
C TYR B 163 32.37 -14.41 15.02
N LEU B 164 33.33 -14.77 14.19
CA LEU B 164 33.17 -15.92 13.34
C LEU B 164 34.01 -17.11 13.83
N HIS B 165 34.68 -16.92 14.96
CA HIS B 165 35.58 -17.94 15.54
C HIS B 165 36.66 -18.37 14.55
N GLN B 166 37.25 -17.40 13.85
CA GLN B 166 38.20 -17.72 12.79
C GLN B 166 39.33 -18.62 13.29
N PHE B 167 39.99 -18.18 14.36
CA PHE B 167 41.07 -18.95 14.99
C PHE B 167 40.63 -19.57 16.32
N GLU B 168 41.40 -19.35 17.39
CA GLU B 168 41.12 -19.96 18.69
C GLU B 168 40.10 -19.19 19.52
N LYS B 169 39.99 -17.88 19.28
CA LYS B 169 39.17 -17.00 20.10
C LYS B 169 37.78 -16.71 19.50
N TYR B 170 36.73 -16.71 20.33
CA TYR B 170 35.42 -16.26 19.85
C TYR B 170 34.83 -15.10 20.63
N ARG B 171 33.86 -14.44 20.01
CA ARG B 171 33.06 -13.44 20.68
C ARG B 171 31.64 -13.97 20.64
N TYR B 172 31.05 -14.18 21.81
CA TYR B 172 29.76 -14.85 21.93
C TYR B 172 28.56 -13.94 21.57
N ASP B 173 27.68 -14.46 20.73
CA ASP B 173 26.48 -13.74 20.27
C ASP B 173 25.37 -14.78 20.04
N ARG B 174 24.22 -14.32 19.58
CA ARG B 174 23.11 -15.21 19.32
C ARG B 174 22.79 -15.14 17.83
N TYR B 175 22.24 -16.22 17.27
CA TYR B 175 22.06 -16.30 15.81
C TYR B 175 20.83 -17.13 15.52
N GLN B 176 19.91 -16.53 14.79
CA GLN B 176 18.66 -17.18 14.44
C GLN B 176 18.51 -17.14 12.92
N LYS B 177 18.30 -18.33 12.31
CA LYS B 177 18.05 -18.51 10.90
C LYS B 177 16.55 -18.70 10.70
N ILE B 178 15.92 -17.76 10.00
CA ILE B 178 14.47 -17.83 9.73
C ILE B 178 14.20 -17.95 8.23
N THR B 179 13.66 -19.09 7.82
CA THR B 179 13.30 -19.27 6.43
C THR B 179 11.86 -18.86 6.24
N HIS B 180 11.68 -17.60 5.87
CA HIS B 180 10.36 -17.05 5.62
C HIS B 180 10.40 -15.97 4.57
N ALA B 181 9.79 -16.27 3.41
CA ALA B 181 9.87 -15.38 2.24
C ALA B 181 9.28 -14.00 2.52
N GLU B 182 8.18 -13.98 3.25
CA GLU B 182 7.54 -12.70 3.57
C GLU B 182 8.36 -11.81 4.54
N LEU B 183 8.90 -12.44 5.58
CA LEU B 183 9.82 -11.75 6.48
C LEU B 183 11.03 -11.25 5.70
N ALA B 184 11.59 -12.11 4.86
CA ALA B 184 12.73 -11.70 4.05
C ALA B 184 12.44 -10.47 3.15
N ASP B 185 11.29 -10.45 2.48
CA ASP B 185 10.86 -9.34 1.63
C ASP B 185 10.70 -8.05 2.41
N SER B 186 10.08 -8.16 3.59
CA SER B 186 9.88 -7.04 4.49
C SER B 186 11.22 -6.41 4.83
N VAL B 188 14.18 -6.72 3.17
CA VAL B 188 14.77 -6.17 1.97
C VAL B 188 14.07 -4.85 1.53
N ASN B 189 12.74 -4.82 1.61
CA ASN B 189 11.99 -3.61 1.29
C ASN B 189 12.38 -2.44 2.18
N PHE B 190 12.49 -2.73 3.47
CA PHE B 190 12.99 -1.74 4.41
C PHE B 190 14.38 -1.19 4.05
N ILE B 191 15.29 -2.07 3.65
N ILE B 191 15.28 -2.10 3.65
CA ILE B 191 16.62 -1.59 3.29
CA ILE B 191 16.64 -1.73 3.22
C ILE B 191 16.57 -0.71 2.05
C ILE B 191 16.53 -0.73 2.09
N ASN B 192 15.79 -1.15 1.06
CA ASN B 192 15.59 -0.36 -0.15
C ASN B 192 14.85 0.95 0.04
N ASP B 193 13.76 0.92 0.83
CA ASP B 193 12.88 2.09 0.88
C ASP B 193 13.37 3.09 1.88
N TYR B 194 14.04 2.61 2.92
CA TYR B 194 14.41 3.50 4.00
C TYR B 194 15.90 3.64 4.20
N LEU B 195 16.63 2.54 4.18
CA LEU B 195 18.05 2.64 4.50
C LEU B 195 18.86 3.18 3.34
N LEU B 196 18.47 2.83 2.11
CA LEU B 196 19.24 3.20 0.93
C LEU B 196 18.77 4.48 0.29
N ASP B 197 18.88 5.58 1.01
CA ASP B 197 18.66 6.88 0.36
C ASP B 197 19.97 7.36 -0.19
N PHE B 198 20.14 7.30 -1.50
CA PHE B 198 21.40 7.66 -2.15
C PHE B 198 21.74 9.13 -2.14
N SER B 199 20.92 9.96 -1.50
CA SER B 199 21.40 11.33 -1.32
C SER B 199 22.34 11.40 -0.11
N ALA B 200 22.30 10.38 0.75
CA ALA B 200 23.11 10.34 1.96
C ALA B 200 24.04 9.11 2.09
N VAL B 201 23.62 8.00 1.49
CA VAL B 201 24.35 6.74 1.51
C VAL B 201 25.24 6.69 0.26
N TYR B 202 26.49 6.29 0.43
CA TYR B 202 27.46 6.38 -0.63
C TYR B 202 28.31 5.13 -0.64
N PRO B 203 28.80 4.71 -1.82
CA PRO B 203 29.62 3.48 -1.82
C PRO B 203 30.94 3.69 -1.07
N LEU B 204 31.39 2.63 -0.41
CA LEU B 204 32.67 2.62 0.30
C LEU B 204 33.75 1.85 -0.47
N ASP B 205 33.40 1.37 -1.65
CA ASP B 205 34.36 0.54 -2.35
C ASP B 205 35.02 1.31 -3.47
N VAL B 206 34.78 2.61 -3.49
CA VAL B 206 35.44 3.53 -4.42
C VAL B 206 36.11 4.68 -3.68
N THR B 207 37.25 5.13 -4.21
CA THR B 207 38.04 6.22 -3.62
C THR B 207 37.33 7.56 -3.79
N ASN B 208 36.75 7.77 -4.95
CA ASN B 208 36.05 9.01 -5.22
C ASN B 208 34.64 8.96 -4.62
N ARG B 209 34.57 9.08 -3.31
CA ARG B 209 33.29 9.18 -2.62
C ARG B 209 33.38 10.48 -1.82
N PRO B 210 32.24 11.04 -1.38
CA PRO B 210 32.34 12.34 -0.72
C PRO B 210 32.90 12.18 0.70
N ARG B 211 33.34 13.29 1.27
CA ARG B 211 33.66 13.34 2.68
C ARG B 211 32.45 13.79 3.46
N THR B 212 32.40 13.38 4.71
CA THR B 212 31.32 13.77 5.59
C THR B 212 31.01 15.26 5.46
N LYS B 213 32.05 16.09 5.52
CA LYS B 213 31.89 17.54 5.41
C LYS B 213 31.02 17.90 4.20
N GLU B 214 31.19 17.15 3.11
CA GLU B 214 30.45 17.42 1.86
C GLU B 214 28.96 17.13 1.95
N ILE B 215 28.54 16.19 2.81
CA ILE B 215 27.15 15.67 2.80
C ILE B 215 26.33 15.89 4.09
N ARG B 216 26.72 16.90 4.86
CA ARG B 216 26.23 17.08 6.23
C ARG B 216 24.73 17.38 6.18
N GLY B 217 24.35 18.26 5.28
CA GLY B 217 22.95 18.60 5.09
C GLY B 217 22.14 17.36 4.78
N ASN B 218 22.64 16.55 3.84
CA ASN B 218 22.02 15.29 3.46
C ASN B 218 21.91 14.28 4.62
N ILE B 219 22.98 14.16 5.42
CA ILE B 219 22.96 13.23 6.58
C ILE B 219 21.86 13.65 7.56
N ARG B 220 21.86 14.92 7.97
CA ARG B 220 20.83 15.42 8.87
C ARG B 220 19.41 15.18 8.37
N ALA B 221 19.11 15.54 7.11
CA ALA B 221 17.80 15.27 6.57
C ALA B 221 17.53 13.75 6.52
N TYR B 222 18.54 12.97 6.18
CA TYR B 222 18.37 11.51 6.15
C TYR B 222 18.04 10.97 7.54
N ARG B 223 18.78 11.42 8.56
CA ARG B 223 18.58 10.88 9.90
C ARG B 223 17.16 11.20 10.39
N LYS B 224 16.79 12.48 10.25
CA LYS B 224 15.46 12.96 10.58
C LYS B 224 14.35 12.13 9.85
N ASP B 225 14.48 11.92 8.55
CA ASP B 225 13.48 11.16 7.83
C ASP B 225 13.37 9.71 8.30
N LEU B 226 14.52 9.08 8.51
CA LEU B 226 14.57 7.72 9.00
C LEU B 226 13.95 7.58 10.41
N ALA B 227 14.33 8.52 11.28
CA ALA B 227 13.82 8.54 12.62
C ALA B 227 12.29 8.65 12.60
N GLN B 228 11.77 9.58 11.80
CA GLN B 228 10.34 9.83 11.77
C GLN B 228 9.54 8.77 11.01
N ASN B 229 10.11 8.19 9.96
CA ASN B 229 9.30 7.38 9.02
C ASN B 229 9.67 5.92 8.88
N GLY B 230 10.89 5.57 9.20
CA GLY B 230 11.38 4.22 9.05
C GLY B 230 10.50 3.24 9.79
N GLU B 231 10.06 2.22 9.08
CA GLU B 231 9.28 1.11 9.63
C GLU B 231 9.27 -0.03 8.63
N TYR B 232 9.12 -1.25 9.14
CA TYR B 232 8.94 -2.43 8.31
C TYR B 232 7.48 -2.59 8.01
N SER B 233 7.13 -3.15 6.86
CA SER B 233 5.74 -3.44 6.47
C SER B 233 5.50 -4.90 6.25
N LEU B 234 4.29 -5.36 6.56
CA LEU B 234 3.91 -6.77 6.34
C LEU B 234 2.68 -6.89 5.48
N LYS B 235 2.59 -7.98 4.72
CA LYS B 235 1.45 -8.18 3.84
C LYS B 235 0.36 -8.96 4.56
N SER B 236 0.71 -10.04 5.23
CA SER B 236 -0.34 -10.88 5.77
C SER B 236 -0.40 -10.82 7.29
N ALA B 237 -0.40 -9.61 7.85
CA ALA B 237 -0.31 -9.46 9.30
C ALA B 237 -1.67 -9.41 9.96
N VAL B 238 -1.73 -9.94 11.18
CA VAL B 238 -2.94 -9.92 11.96
C VAL B 238 -2.61 -9.46 13.39
N LYS B 239 -3.56 -8.84 14.10
CA LYS B 239 -3.36 -8.57 15.52
C LYS B 239 -3.79 -9.75 16.39
N LEU B 240 -3.12 -9.93 17.53
CA LEU B 240 -3.47 -10.99 18.49
C LEU B 240 -3.66 -12.37 17.83
N PRO B 241 -2.65 -12.85 17.08
CA PRO B 241 -2.74 -14.22 16.56
C PRO B 241 -2.77 -15.23 17.69
N ASN B 242 -3.25 -16.44 17.40
CA ASN B 242 -3.18 -17.52 18.35
C ASN B 242 -2.15 -18.54 17.84
N VAL B 243 -1.16 -18.06 17.11
CA VAL B 243 -0.15 -18.93 16.54
C VAL B 243 1.21 -18.23 16.67
N LEU B 244 2.27 -19.03 16.76
CA LEU B 244 3.64 -18.54 16.74
C LEU B 244 3.79 -17.47 15.66
N SER B 245 4.34 -16.31 16.00
CA SER B 245 4.36 -15.19 15.06
C SER B 245 5.54 -14.24 15.25
N VAL B 246 5.77 -13.37 14.27
CA VAL B 246 6.91 -12.45 14.34
C VAL B 246 6.52 -11.04 13.89
N SER B 247 7.06 -10.03 14.58
CA SER B 247 6.82 -8.64 14.23
C SER B 247 8.16 -7.91 14.08
N PRO B 248 8.49 -7.44 12.85
CA PRO B 248 9.76 -6.73 12.71
C PRO B 248 9.66 -5.25 13.10
N LEU B 249 10.66 -4.75 13.82
CA LEU B 249 10.60 -3.41 14.46
C LEU B 249 11.85 -2.60 14.18
N PHE B 250 11.69 -1.29 14.13
CA PHE B 250 12.83 -0.39 13.89
C PHE B 250 12.79 0.77 14.89
N GLY B 251 13.95 1.32 15.23
CA GLY B 251 13.93 2.52 16.06
C GLY B 251 15.16 3.33 15.88
N LEU B 252 15.00 4.63 15.88
CA LEU B 252 16.10 5.54 15.82
C LEU B 252 15.65 6.80 16.54
N GLY B 253 16.26 7.11 17.69
CA GLY B 253 16.11 8.43 18.32
C GLY B 253 15.27 8.31 19.59
N ALA B 254 15.17 9.41 20.33
CA ALA B 254 14.46 9.39 21.60
C ALA B 254 12.94 9.39 21.44
N SER B 255 12.42 10.17 20.49
CA SER B 255 10.99 10.35 20.36
C SER B 255 10.41 9.39 19.34
N GLY B 256 9.27 8.80 19.66
CA GLY B 256 8.52 7.98 18.72
C GLY B 256 9.31 6.75 18.26
N ASN B 257 10.04 6.12 19.16
CA ASN B 257 10.87 4.97 18.85
C ASN B 257 10.14 3.67 19.14
N GLU B 258 9.68 3.03 18.08
CA GLU B 258 8.83 1.89 18.19
C GLU B 258 9.48 0.68 18.88
N LEU B 259 10.75 0.43 18.53
CA LEU B 259 11.51 -0.64 19.17
C LEU B 259 11.65 -0.39 20.67
N ASN B 260 12.09 0.82 21.02
CA ASN B 260 12.25 1.17 22.43
C ASN B 260 10.93 1.23 23.23
N GLN B 261 9.86 1.68 22.61
CA GLN B 261 8.54 1.59 23.22
C GLN B 261 8.13 0.11 23.44
N VAL B 262 8.37 -0.75 22.45
CA VAL B 262 8.09 -2.20 22.65
C VAL B 262 8.88 -2.78 23.80
N ILE B 263 10.18 -2.51 23.85
CA ILE B 263 10.98 -3.02 24.95
C ILE B 263 10.43 -2.57 26.31
N GLU B 264 10.14 -1.27 26.44
CA GLU B 264 9.52 -0.70 27.64
C GLU B 264 8.20 -1.36 28.00
N ASP B 265 7.35 -1.58 27.02
CA ASP B 265 6.07 -2.27 27.26
C ASP B 265 6.22 -3.75 27.64
N LEU B 266 7.21 -4.40 27.04
CA LEU B 266 7.61 -5.79 27.39
C LEU B 266 7.95 -5.90 28.88
N PHE B 267 8.79 -4.98 29.37
CA PHE B 267 9.20 -4.95 30.79
C PHE B 267 7.97 -4.77 31.70
N LEU B 268 7.07 -3.86 31.30
CA LEU B 268 5.88 -3.57 32.07
C LEU B 268 4.89 -4.75 32.13
N GLN B 269 4.89 -5.61 31.13
CA GLN B 269 3.94 -6.71 30.96
C GLN B 269 4.39 -8.08 31.46
N VAL B 270 5.57 -8.14 32.10
CA VAL B 270 6.05 -9.35 32.76
C VAL B 270 5.06 -9.78 33.84
N GLN B 271 4.57 -11.00 33.74
N GLN B 271 4.58 -11.02 33.73
CA GLN B 271 3.65 -11.52 34.76
CA GLN B 271 3.63 -11.57 34.66
C GLN B 271 4.40 -12.42 35.72
C GLN B 271 4.28 -12.65 35.51
N LYS B 272 5.57 -12.90 35.29
CA LYS B 272 6.22 -14.00 35.94
C LYS B 272 7.76 -13.83 35.96
N LYS B 273 8.34 -13.70 34.76
CA LYS B 273 9.80 -13.84 34.59
C LYS B 273 10.29 -13.00 33.43
N LEU B 274 11.29 -12.18 33.70
CA LEU B 274 11.98 -11.41 32.67
C LEU B 274 13.39 -12.00 32.58
N VAL B 275 13.88 -12.28 31.37
CA VAL B 275 15.29 -12.65 31.16
C VAL B 275 15.95 -11.62 30.20
N ILE B 276 17.13 -11.17 30.54
CA ILE B 276 17.82 -10.12 29.78
C ILE B 276 19.25 -10.59 29.56
N CYS B 277 19.73 -10.53 28.33
CA CYS B 277 21.16 -10.56 28.05
C CYS B 277 21.56 -9.18 27.60
N THR B 278 22.70 -8.68 28.07
CA THR B 278 23.23 -7.40 27.63
C THR B 278 24.74 -7.55 27.75
N PRO B 279 25.50 -7.01 26.79
CA PRO B 279 26.96 -7.17 26.87
C PRO B 279 27.56 -6.54 28.12
N TYR B 280 27.15 -5.30 28.42
CA TYR B 280 27.61 -4.54 29.62
C TYR B 280 26.41 -4.13 30.49
N PHE B 281 26.54 -4.26 31.80
CA PHE B 281 25.51 -3.78 32.69
C PHE B 281 25.52 -2.24 32.67
N ASN B 282 24.56 -1.67 31.95
CA ASN B 282 24.53 -0.22 31.68
C ASN B 282 23.16 0.13 31.13
N PHE B 283 22.11 -0.04 31.91
CA PHE B 283 20.75 0.14 31.42
C PHE B 283 20.39 1.63 31.36
N PRO B 284 19.52 2.00 30.42
CA PRO B 284 18.97 3.33 30.53
C PRO B 284 18.12 3.40 31.79
N ARG B 285 18.03 4.60 32.35
CA ARG B 285 17.31 4.81 33.59
C ARG B 285 15.86 4.27 33.51
N THR B 286 15.23 4.41 32.35
CA THR B 286 13.87 3.94 32.21
C THR B 286 13.75 2.42 32.44
N LEU B 287 14.71 1.66 31.94
CA LEU B 287 14.69 0.22 32.15
C LEU B 287 15.12 -0.12 33.57
N GLN B 288 15.99 0.69 34.16
CA GLN B 288 16.36 0.54 35.56
C GLN B 288 15.14 0.62 36.48
N HIS B 289 14.27 1.60 36.21
N HIS B 289 14.28 1.60 36.22
CA HIS B 289 13.09 1.81 37.02
CA HIS B 289 13.08 1.80 37.01
C HIS B 289 12.08 0.66 36.85
C HIS B 289 12.13 0.62 36.85
N LYS B 290 11.95 0.18 35.62
CA LYS B 290 11.02 -0.94 35.33
C LYS B 290 11.45 -2.27 35.97
N ILE B 291 12.74 -2.53 36.01
CA ILE B 291 13.29 -3.69 36.74
C ILE B 291 13.04 -3.56 38.23
N ALA B 292 13.23 -2.34 38.77
CA ALA B 292 13.00 -2.12 40.19
C ALA B 292 11.52 -2.39 40.53
N THR B 293 10.60 -1.90 39.69
CA THR B 293 9.16 -2.18 39.87
C THR B 293 8.83 -3.67 39.86
N LEU B 294 9.41 -4.41 38.93
CA LEU B 294 9.17 -5.85 38.84
C LEU B 294 9.63 -6.54 40.10
N LEU B 295 10.82 -6.17 40.55
CA LEU B 295 11.39 -6.81 41.73
C LEU B 295 10.53 -6.52 42.96
N GLU B 296 9.96 -5.31 43.02
CA GLU B 296 8.95 -4.95 44.06
C GLU B 296 7.59 -5.65 43.98
N ASN B 297 7.17 -6.13 42.81
CA ASN B 297 5.87 -6.85 42.71
C ASN B 297 6.01 -8.35 42.63
N GLY B 298 7.09 -8.87 43.20
CA GLY B 298 7.28 -10.30 43.23
C GLY B 298 7.46 -10.96 41.88
N LYS B 299 7.91 -10.20 40.88
CA LYS B 299 8.20 -10.79 39.57
C LYS B 299 9.68 -11.17 39.56
N ARG B 300 10.01 -12.23 38.84
CA ARG B 300 11.38 -12.70 38.83
C ARG B 300 12.13 -12.10 37.62
N VAL B 301 13.41 -11.76 37.83
CA VAL B 301 14.26 -11.16 36.85
C VAL B 301 15.61 -11.86 36.82
N GLU B 302 16.06 -12.21 35.62
CA GLU B 302 17.34 -12.86 35.46
C GLU B 302 18.12 -12.00 34.49
N ILE B 303 19.32 -11.59 34.91
CA ILE B 303 20.18 -10.78 34.06
C ILE B 303 21.48 -11.56 33.81
N ILE B 304 21.82 -11.72 32.54
CA ILE B 304 23.01 -12.45 32.17
C ILE B 304 24.00 -11.52 31.47
N VAL B 305 25.13 -11.24 32.13
CA VAL B 305 26.17 -10.33 31.60
C VAL B 305 27.52 -10.98 31.65
N GLY B 306 28.48 -10.38 30.96
CA GLY B 306 29.85 -10.87 30.96
C GLY B 306 30.57 -10.54 32.24
N ASP B 307 31.46 -11.43 32.67
CA ASP B 307 32.51 -11.01 33.60
C ASP B 307 33.39 -9.90 32.96
N LYS B 308 33.99 -9.06 33.80
CA LYS B 308 35.07 -8.11 33.44
C LYS B 308 36.04 -8.71 32.41
N VAL B 309 36.40 -9.97 32.64
CA VAL B 309 37.38 -10.70 31.83
C VAL B 309 36.85 -11.00 30.41
N ALA B 310 35.54 -11.10 30.25
CA ALA B 310 34.93 -11.41 28.96
C ALA B 310 34.56 -10.13 28.19
N ASN B 311 35.11 -9.00 28.62
CA ASN B 311 34.92 -7.72 27.98
C ASN B 311 36.15 -7.50 27.16
N ASP B 312 36.02 -7.07 25.91
CA ASP B 312 37.21 -6.98 25.07
C ASP B 312 38.12 -5.76 25.34
N PHE B 313 37.70 -4.84 26.20
CA PHE B 313 38.58 -3.80 26.69
C PHE B 313 39.46 -4.22 27.87
N TYR B 314 39.26 -5.43 28.39
CA TYR B 314 39.94 -5.86 29.61
C TYR B 314 41.44 -6.04 29.36
N ILE B 315 42.27 -5.42 30.18
CA ILE B 315 43.74 -5.63 30.12
C ILE B 315 44.10 -6.43 31.36
N PRO B 316 44.56 -7.68 31.19
CA PRO B 316 45.07 -8.45 32.33
C PRO B 316 46.05 -7.60 33.13
N PRO B 317 45.89 -7.55 34.46
CA PRO B 317 46.65 -6.65 35.34
C PRO B 317 48.17 -6.79 35.26
N GLU B 318 48.69 -7.95 34.85
CA GLU B 318 50.14 -8.06 34.61
C GLU B 318 50.65 -7.29 33.38
N GLN B 319 49.78 -6.91 32.47
CA GLN B 319 50.16 -6.13 31.28
C GLN B 319 50.03 -4.63 31.55
N PRO B 320 50.66 -3.79 30.70
CA PRO B 320 50.60 -2.34 30.85
C PRO B 320 49.19 -1.81 30.75
N PHE B 321 48.84 -0.88 31.63
CA PHE B 321 47.48 -0.38 31.68
C PHE B 321 47.25 0.81 30.76
N LYS B 322 46.16 0.76 30.00
CA LYS B 322 45.68 1.87 29.20
C LYS B 322 44.29 2.20 29.71
N ALA B 324 41.30 2.60 28.50
CA ALA B 324 40.12 1.87 28.03
C ALA B 324 39.89 0.60 28.85
N GLY B 325 40.99 0.09 29.39
CA GLY B 325 40.96 -1.03 30.32
C GLY B 325 40.18 -0.77 31.59
N ALA B 326 39.90 0.48 31.93
CA ALA B 326 39.08 0.77 33.12
C ALA B 326 37.58 0.56 32.87
N LEU B 327 37.17 0.43 31.62
CA LEU B 327 35.74 0.25 31.28
C LEU B 327 35.04 -0.98 31.85
N PRO B 328 35.65 -2.18 31.74
CA PRO B 328 35.04 -3.35 32.38
C PRO B 328 34.82 -3.16 33.88
N TYR B 329 35.72 -2.43 34.54
CA TYR B 329 35.59 -2.20 35.99
C TYR B 329 34.50 -1.20 36.29
N LEU B 330 34.31 -0.24 35.40
CA LEU B 330 33.18 0.69 35.51
C LEU B 330 31.86 -0.08 35.50
N TYR B 331 31.73 -0.99 34.53
CA TYR B 331 30.52 -1.74 34.39
C TYR B 331 30.30 -2.71 35.55
N GLU B 332 31.35 -3.39 36.00
CA GLU B 332 31.23 -4.37 37.09
C GLU B 332 30.80 -3.67 38.39
N SER B 333 31.37 -2.49 38.60
CA SER B 333 31.08 -1.70 39.78
C SER B 333 29.64 -1.15 39.74
N ASN B 334 29.11 -0.86 38.54
CA ASN B 334 27.67 -0.63 38.38
C ASN B 334 26.81 -1.86 38.70
N LEU B 335 27.26 -3.04 38.27
CA LEU B 335 26.58 -4.28 38.60
C LEU B 335 26.54 -4.44 40.14
N ARG B 336 27.66 -4.15 40.81
CA ARG B 336 27.81 -4.35 42.25
C ARG B 336 26.83 -3.54 43.08
N ARG B 337 26.74 -2.25 42.81
CA ARG B 337 25.79 -1.38 43.50
C ARG B 337 24.34 -1.83 43.28
N PHE B 338 24.03 -2.26 42.05
CA PHE B 338 22.73 -2.81 41.75
C PHE B 338 22.45 -4.11 42.54
N CYS B 339 23.44 -5.01 42.63
CA CYS B 339 23.24 -6.24 43.41
C CYS B 339 23.17 -5.95 44.91
N GLU B 340 23.81 -4.86 45.32
CA GLU B 340 23.69 -4.40 46.70
C GLU B 340 22.28 -3.85 46.99
N LYS B 341 21.78 -3.02 46.09
CA LYS B 341 20.45 -2.45 46.17
C LYS B 341 19.37 -3.53 46.34
N PHE B 342 19.49 -4.60 45.54
CA PHE B 342 18.52 -5.70 45.53
C PHE B 342 19.04 -6.97 46.21
N GLU B 343 19.73 -6.77 47.31
CA GLU B 343 20.34 -7.83 48.10
C GLU B 343 19.32 -8.86 48.53
N THR B 344 18.17 -8.38 48.99
CA THR B 344 17.14 -9.30 49.49
C THR B 344 16.45 -10.11 48.36
N GLN B 345 16.35 -9.50 47.18
CA GLN B 345 15.86 -10.19 46.01
C GLN B 345 16.86 -11.23 45.51
N ILE B 346 18.15 -10.92 45.60
CA ILE B 346 19.17 -11.91 45.29
C ILE B 346 19.06 -13.12 46.25
N GLU B 347 18.94 -12.85 47.55
CA GLU B 347 18.86 -13.91 48.55
C GLU B 347 17.57 -14.74 48.43
N SER B 348 16.48 -14.11 47.98
CA SER B 348 15.23 -14.86 47.85
C SER B 348 15.12 -15.65 46.54
N GLY B 349 15.99 -15.36 45.57
CA GLY B 349 15.97 -16.03 44.27
C GLY B 349 15.14 -15.29 43.24
N GLN B 350 14.59 -14.16 43.66
CA GLN B 350 13.77 -13.32 42.81
C GLN B 350 14.59 -12.56 41.77
N LEU B 351 15.83 -12.23 42.12
CA LEU B 351 16.77 -11.64 41.18
C LEU B 351 17.92 -12.61 40.99
N VAL B 352 18.17 -12.95 39.73
CA VAL B 352 19.21 -13.87 39.39
C VAL B 352 20.19 -13.15 38.45
N VAL B 353 21.43 -12.99 38.91
CA VAL B 353 22.46 -12.29 38.15
C VAL B 353 23.51 -13.34 37.81
N ARG B 354 23.78 -13.50 36.51
CA ARG B 354 24.73 -14.49 36.04
C ARG B 354 25.85 -13.83 35.29
N LEU B 355 27.07 -14.27 35.60
CA LEU B 355 28.28 -13.79 34.94
C LEU B 355 28.81 -14.89 34.05
N TRP B 356 29.00 -14.54 32.78
CA TRP B 356 29.51 -15.45 31.77
C TRP B 356 31.00 -15.21 31.70
N ARG B 357 31.73 -16.30 31.64
CA ARG B 357 33.16 -16.27 31.46
C ARG B 357 33.59 -17.58 30.83
N ASP B 358 34.33 -17.49 29.73
CA ASP B 358 34.92 -18.68 29.14
C ASP B 358 36.38 -18.39 28.70
N GLY B 359 37.30 -18.47 29.67
CA GLY B 359 38.71 -18.16 29.47
C GLY B 359 38.89 -16.73 29.00
N ASP B 360 39.45 -16.60 27.82
CA ASP B 360 39.78 -15.33 27.18
C ASP B 360 38.72 -14.85 26.16
N ASN B 361 37.73 -15.70 25.91
CA ASN B 361 36.66 -15.36 24.96
C ASN B 361 35.76 -14.25 25.50
N THR B 362 35.08 -13.55 24.62
CA THR B 362 34.35 -12.39 25.06
C THR B 362 32.86 -12.57 24.82
N TYR B 363 32.07 -11.67 25.41
CA TYR B 363 30.64 -11.85 25.54
C TYR B 363 29.91 -10.68 24.89
N HIS B 364 29.01 -10.99 23.94
CA HIS B 364 28.24 -9.96 23.24
C HIS B 364 26.78 -10.38 23.04
N LEU B 365 26.17 -11.02 24.03
CA LEU B 365 24.76 -11.47 23.92
C LEU B 365 23.80 -10.36 24.23
N LYS B 366 22.78 -10.23 23.40
CA LYS B 366 21.65 -9.30 23.64
C LYS B 366 20.37 -10.09 23.47
N GLY B 367 19.44 -9.88 24.37
CA GLY B 367 18.13 -10.50 24.27
C GLY B 367 17.21 -10.12 25.40
N VAL B 368 15.91 -10.17 25.12
CA VAL B 368 14.84 -10.01 26.12
C VAL B 368 13.86 -11.19 25.97
N TRP B 369 13.55 -11.87 27.07
CA TRP B 369 12.53 -12.91 27.06
C TRP B 369 11.50 -12.57 28.14
N VAL B 370 10.23 -12.53 27.76
CA VAL B 370 9.17 -12.25 28.72
C VAL B 370 8.28 -13.46 28.91
N ASP B 371 8.24 -13.95 30.15
CA ASP B 371 7.49 -15.16 30.52
C ASP B 371 7.80 -16.24 29.50
N ASP B 372 6.80 -16.98 29.05
CA ASP B 372 7.00 -17.93 27.94
C ASP B 372 6.26 -17.47 26.68
N ARG B 373 6.04 -16.15 26.54
CA ARG B 373 5.16 -15.56 25.49
C ARG B 373 5.94 -14.74 24.47
N TYR B 374 6.97 -14.03 24.92
CA TYR B 374 7.64 -13.08 24.08
C TYR B 374 9.12 -13.35 24.06
N ILE B 375 9.69 -13.28 22.87
CA ILE B 375 11.12 -13.51 22.62
C ILE B 375 11.57 -12.40 21.67
N LEU B 376 12.34 -11.46 22.18
CA LEU B 376 12.87 -10.40 21.31
C LEU B 376 14.28 -10.73 20.82
N LEU B 377 14.43 -10.73 19.49
CA LEU B 377 15.74 -10.87 18.85
C LEU B 377 16.10 -9.45 18.45
N THR B 378 17.27 -8.96 18.87
CA THR B 378 17.59 -7.56 18.60
C THR B 378 19.08 -7.34 18.72
N GLY B 379 19.62 -6.41 17.96
CA GLY B 379 20.97 -5.95 18.23
C GLY B 379 21.06 -4.82 19.24
N ASN B 380 19.94 -4.51 19.88
CA ASN B 380 19.88 -3.38 20.83
C ASN B 380 20.70 -3.71 22.11
N ASN B 381 21.69 -2.89 22.42
CA ASN B 381 22.55 -3.11 23.60
C ASN B 381 21.86 -2.77 24.91
N LEU B 382 20.65 -2.25 24.85
CA LEU B 382 19.93 -1.91 26.07
C LEU B 382 20.71 -0.89 26.91
N ASN B 383 21.22 0.13 26.26
CA ASN B 383 22.03 1.14 26.98
C ASN B 383 21.58 2.55 26.60
N PRO B 384 22.05 3.60 27.31
CA PRO B 384 21.57 4.94 26.89
C PRO B 384 21.79 5.27 25.39
N ARG B 385 22.91 4.88 24.81
CA ARG B 385 23.15 5.07 23.36
C ARG B 385 22.00 4.57 22.50
N ALA B 386 21.60 3.32 22.73
CA ALA B 386 20.51 2.70 21.96
C ALA B 386 19.22 3.48 22.14
N TRP B 387 19.03 4.03 23.33
CA TRP B 387 17.83 4.83 23.60
C TRP B 387 17.81 6.22 22.99
N ARG B 388 18.92 6.67 22.41
CA ARG B 388 18.97 8.07 22.02
C ARG B 388 19.61 8.33 20.65
N LEU B 389 20.61 7.54 20.27
CA LEU B 389 21.54 7.93 19.19
C LEU B 389 21.59 6.96 18.03
N ASP B 390 21.54 5.64 18.32
CA ASP B 390 21.83 4.66 17.30
C ASP B 390 20.55 4.12 16.69
N ALA B 391 20.67 3.67 15.45
CA ALA B 391 19.58 3.12 14.66
C ALA B 391 19.58 1.62 14.97
N GLU B 392 18.42 1.10 15.37
CA GLU B 392 18.30 -0.23 15.90
C GLU B 392 17.13 -0.93 15.25
N ASN B 393 17.14 -2.27 15.27
CA ASN B 393 15.98 -3.05 14.86
C ASN B 393 15.79 -4.27 15.74
N GLY B 394 14.70 -5.00 15.52
CA GLY B 394 14.43 -6.20 16.27
C GLY B 394 13.34 -7.02 15.62
N LEU B 395 13.32 -8.30 15.93
CA LEU B 395 12.24 -9.21 15.58
C LEU B 395 11.58 -9.68 16.89
N LEU B 396 10.29 -9.38 17.06
CA LEU B 396 9.57 -9.79 18.26
C LEU B 396 8.80 -11.07 17.94
N ILE B 397 9.21 -12.17 18.55
CA ILE B 397 8.47 -13.43 18.43
C ILE B 397 7.44 -13.52 19.55
N TYR B 398 6.19 -13.68 19.15
CA TYR B 398 5.10 -13.91 20.07
C TYR B 398 4.79 -15.40 19.94
N ASP B 399 4.83 -16.11 21.06
CA ASP B 399 4.54 -17.57 21.08
C ASP B 399 3.45 -17.83 22.12
N PRO B 400 2.17 -17.44 21.82
CA PRO B 400 1.15 -17.60 22.84
C PRO B 400 0.92 -19.04 23.30
N GLN B 401 1.20 -20.03 22.45
CA GLN B 401 0.95 -21.42 22.85
C GLN B 401 2.24 -22.22 23.09
N GLN B 402 3.38 -21.55 23.20
CA GLN B 402 4.64 -22.21 23.60
C GLN B 402 5.10 -23.25 22.59
N GLN B 403 4.78 -22.98 21.34
CA GLN B 403 5.18 -23.78 20.20
C GLN B 403 6.69 -23.86 20.07
N LEU B 404 7.34 -22.77 20.48
CA LEU B 404 8.77 -22.62 20.33
C LEU B 404 9.51 -22.77 21.65
N LEU B 405 8.80 -23.14 22.71
CA LEU B 405 9.42 -23.13 24.04
C LEU B 405 10.62 -24.05 24.16
N ALA B 406 10.53 -25.26 23.61
CA ALA B 406 11.62 -26.21 23.68
C ALA B 406 12.88 -25.65 23.04
N GLN B 407 12.72 -25.04 21.86
CA GLN B 407 13.85 -24.46 21.16
C GLN B 407 14.40 -23.27 21.95
N VAL B 408 13.51 -22.54 22.59
CA VAL B 408 13.94 -21.38 23.33
C VAL B 408 14.78 -21.84 24.53
N GLU B 409 14.29 -22.87 25.22
CA GLU B 409 14.97 -23.45 26.39
C GLU B 409 16.37 -23.95 26.05
N LYS B 410 16.50 -24.60 24.91
CA LYS B 410 17.79 -25.13 24.47
C LYS B 410 18.82 -23.99 24.29
N GLU B 411 18.45 -22.91 23.59
CA GLU B 411 19.36 -21.76 23.45
C GLU B 411 19.75 -21.21 24.83
N GLN B 412 18.76 -21.00 25.68
CA GLN B 412 18.99 -20.44 27.03
C GLN B 412 19.94 -21.28 27.86
N ASN B 413 19.77 -22.60 27.82
CA ASN B 413 20.66 -23.47 28.59
C ASN B 413 22.07 -23.53 28.05
N GLN B 414 22.21 -23.55 26.72
CA GLN B 414 23.51 -23.28 26.13
C GLN B 414 24.05 -21.92 26.61
N ILE B 415 23.24 -20.88 26.51
CA ILE B 415 23.69 -19.58 26.96
C ILE B 415 24.20 -19.68 28.41
N ARG B 416 23.50 -20.46 29.24
CA ARG B 416 23.85 -20.51 30.66
C ARG B 416 25.10 -21.33 30.98
N GLN B 417 25.53 -22.16 30.02
CA GLN B 417 26.67 -23.06 30.23
C GLN B 417 27.88 -22.45 30.93
N HIS B 418 28.38 -21.31 30.44
CA HIS B 418 29.60 -20.75 30.97
C HIS B 418 29.35 -19.65 31.97
N THR B 419 28.27 -19.77 32.71
CA THR B 419 27.87 -18.71 33.63
C THR B 419 27.92 -19.20 35.08
N LYS B 420 28.05 -18.26 36.02
CA LYS B 420 27.95 -18.56 37.45
C LYS B 420 26.96 -17.60 38.05
N VAL B 421 26.06 -18.12 38.91
CA VAL B 421 25.06 -17.28 39.59
C VAL B 421 25.71 -16.52 40.77
N LEU B 422 25.57 -15.19 40.83
CA LEU B 422 26.05 -14.44 41.99
C LEU B 422 25.16 -14.72 43.21
N LYS B 423 25.75 -15.14 44.32
CA LYS B 423 24.96 -15.45 45.51
C LYS B 423 24.95 -14.29 46.47
N HIS B 424 25.80 -13.29 46.21
CA HIS B 424 25.90 -12.12 47.08
C HIS B 424 26.72 -11.05 46.42
N TYR B 425 26.40 -9.78 46.67
CA TYR B 425 27.07 -8.70 45.94
C TYR B 425 28.57 -8.63 46.26
N THR B 426 28.93 -9.02 47.49
CA THR B 426 30.33 -9.03 47.90
C THR B 426 31.16 -10.08 47.15
N GLU B 427 30.56 -10.90 46.30
CA GLU B 427 31.33 -11.80 45.43
C GLU B 427 31.98 -11.04 44.27
N LEU B 428 31.58 -9.78 44.08
CA LEU B 428 32.21 -8.88 43.13
C LEU B 428 33.15 -7.97 43.90
N GLU B 429 34.33 -7.69 43.36
CA GLU B 429 35.34 -6.94 44.11
C GLU B 429 34.93 -5.50 44.32
N GLU B 430 35.25 -4.96 45.49
CA GLU B 430 35.08 -3.52 45.75
C GLU B 430 36.18 -2.74 45.04
N LEU B 431 35.99 -1.42 44.90
CA LEU B 431 36.93 -0.56 44.21
C LEU B 431 38.33 -0.78 44.78
N ASN B 432 38.38 -0.86 46.12
CA ASN B 432 39.58 -1.09 46.87
C ASN B 432 40.38 -2.31 46.40
N GLN B 433 39.72 -3.31 45.81
CA GLN B 433 40.40 -4.53 45.37
C GLN B 433 40.97 -4.44 43.95
N TYR B 434 40.55 -3.42 43.20
CA TYR B 434 40.92 -3.25 41.81
C TYR B 434 42.42 -2.93 41.68
N PRO B 435 43.05 -3.23 40.51
CA PRO B 435 44.43 -2.79 40.31
C PRO B 435 44.58 -1.29 40.56
N GLU B 436 45.74 -0.89 41.06
CA GLU B 436 46.02 0.50 41.40
C GLU B 436 45.74 1.50 40.29
N PRO B 437 46.26 1.28 39.05
CA PRO B 437 45.99 2.27 38.00
C PRO B 437 44.52 2.36 37.65
N VAL B 438 43.77 1.27 37.81
CA VAL B 438 42.33 1.25 37.60
C VAL B 438 41.61 2.11 38.66
N GLN B 439 42.02 1.96 39.92
CA GLN B 439 41.43 2.70 41.01
C GLN B 439 41.62 4.16 40.76
N LYS B 440 42.85 4.50 40.38
CA LYS B 440 43.25 5.87 40.13
C LYS B 440 42.28 6.50 39.13
N LEU B 441 42.04 5.80 38.02
CA LEU B 441 41.23 6.34 36.96
C LEU B 441 39.76 6.52 37.36
N LEU B 442 39.13 5.46 37.86
CA LEU B 442 37.74 5.53 38.33
C LEU B 442 37.50 6.66 39.33
N LYS B 443 38.48 6.96 40.18
CA LYS B 443 38.34 8.00 41.21
C LYS B 443 38.43 9.41 40.65
N LYS B 444 39.34 9.63 39.70
CA LYS B 444 39.38 10.89 38.97
C LYS B 444 38.07 11.07 38.18
N PHE B 445 37.67 10.04 37.44
CA PHE B 445 36.44 10.08 36.66
C PHE B 445 35.21 10.34 37.50
N ALA B 446 35.04 9.58 38.58
CA ALA B 446 33.87 9.76 39.44
C ALA B 446 33.81 11.16 40.04
N ARG B 447 34.97 11.78 40.27
CA ARG B 447 35.09 13.12 40.84
C ARG B 447 34.50 14.20 39.94
N ILE B 448 34.57 13.99 38.63
CA ILE B 448 34.10 14.96 37.66
C ILE B 448 32.92 14.41 36.86
N LYS B 449 32.28 13.37 37.41
CA LYS B 449 31.12 12.69 36.77
C LYS B 449 31.41 12.15 35.37
N ALA B 450 32.69 12.03 35.01
CA ALA B 450 33.05 11.55 33.68
C ALA B 450 32.55 10.13 33.45
N ASP B 451 32.33 9.39 34.52
CA ASP B 451 31.80 8.04 34.45
C ASP B 451 30.33 8.06 34.04
N LYS B 452 29.61 9.07 34.53
CA LYS B 452 28.25 9.28 34.11
C LYS B 452 28.25 9.50 32.58
N LEU B 453 29.17 10.32 32.09
CA LEU B 453 29.29 10.57 30.67
C LEU B 453 29.59 9.30 29.87
N VAL B 454 30.58 8.56 30.32
CA VAL B 454 30.98 7.32 29.67
C VAL B 454 29.78 6.40 29.48
N LYS B 455 28.92 6.36 30.49
CA LYS B 455 27.74 5.54 30.47
C LYS B 455 26.66 5.99 29.47
N ILE B 457 27.20 7.76 26.57
CA ILE B 457 27.63 7.76 25.16
C ILE B 457 28.47 6.59 24.69
N LEU B 458 28.93 5.70 25.57
CA LEU B 458 29.65 4.53 25.07
C LEU B 458 28.74 3.30 24.91
N ASN C 7 25.55 20.52 -6.23
CA ASN C 7 25.94 20.09 -7.59
C ASN C 7 24.77 19.43 -8.32
N LYS C 8 24.30 20.04 -9.42
CA LYS C 8 23.17 19.47 -10.20
C LYS C 8 23.50 18.10 -10.78
N THR C 9 24.77 17.89 -11.13
CA THR C 9 25.22 16.66 -11.72
C THR C 9 25.23 15.54 -10.68
N LYS C 10 25.69 15.88 -9.48
CA LYS C 10 25.66 14.91 -8.39
C LYS C 10 24.23 14.67 -7.90
N ARG C 11 23.40 15.71 -7.92
CA ARG C 11 21.98 15.56 -7.61
C ARG C 11 21.32 14.58 -8.60
N ALA C 12 21.80 14.58 -9.84
CA ALA C 12 21.22 13.75 -10.89
C ALA C 12 21.57 12.27 -10.69
N GLU C 13 22.82 12.00 -10.36
CA GLU C 13 23.24 10.64 -10.07
C GLU C 13 22.41 10.06 -8.91
N GLN C 14 22.27 10.83 -7.84
CA GLN C 14 21.45 10.47 -6.68
C GLN C 14 20.00 10.17 -7.06
N ASN C 15 19.39 11.05 -7.85
CA ASN C 15 18.00 10.83 -8.26
C ASN C 15 17.84 9.55 -9.08
N LEU C 16 18.76 9.31 -10.01
CA LEU C 16 18.70 8.10 -10.82
C LEU C 16 18.89 6.86 -9.93
N ASN C 17 19.88 6.89 -9.05
CA ASN C 17 20.14 5.77 -8.15
C ASN C 17 18.93 5.42 -7.26
N ASN C 18 18.12 6.43 -6.95
CA ASN C 18 16.98 6.28 -6.07
C ASN C 18 15.73 5.73 -6.78
N LEU C 19 15.73 5.66 -8.11
CA LEU C 19 14.59 5.05 -8.83
C LEU C 19 14.35 3.57 -8.47
N PRO C 20 13.08 3.18 -8.35
CA PRO C 20 12.74 1.77 -8.16
C PRO C 20 12.63 1.08 -9.52
N PHE C 21 13.05 -0.18 -9.58
CA PHE C 21 13.17 -0.85 -10.85
C PHE C 21 12.67 -2.26 -10.69
N LEU C 22 11.99 -2.75 -11.71
CA LEU C 22 11.45 -4.08 -11.73
C LEU C 22 12.26 -4.93 -12.72
N ALA C 23 12.67 -6.10 -12.28
CA ALA C 23 13.54 -6.99 -13.05
C ALA C 23 12.85 -7.49 -14.32
N LEU C 24 13.59 -7.53 -15.41
CA LEU C 24 13.01 -7.83 -16.71
C LEU C 24 13.92 -8.78 -17.47
N GLN C 25 13.45 -9.97 -17.85
CA GLN C 25 14.32 -10.81 -18.68
C GLN C 25 14.43 -10.26 -20.09
N ALA C 26 15.58 -10.48 -20.72
CA ALA C 26 15.84 -9.94 -22.07
C ALA C 26 14.88 -10.53 -23.10
N GLU C 27 14.54 -11.81 -22.88
CA GLU C 27 13.59 -12.51 -23.69
C GLU C 27 12.18 -11.92 -23.57
N GLN C 28 11.91 -11.18 -22.50
CA GLN C 28 10.56 -10.64 -22.31
C GLN C 28 10.36 -9.37 -23.12
N ILE C 29 11.41 -8.85 -23.75
CA ILE C 29 11.30 -7.61 -24.54
C ILE C 29 11.64 -7.85 -26.00
N GLU C 30 10.83 -7.29 -26.89
CA GLU C 30 11.12 -7.23 -28.34
C GLU C 30 10.95 -5.80 -28.84
N PHE C 31 11.93 -5.31 -29.59
CA PHE C 31 11.82 -4.06 -30.34
C PHE C 31 11.33 -4.47 -31.74
N LEU C 32 10.12 -4.06 -32.12
CA LEU C 32 9.54 -4.32 -33.45
C LEU C 32 10.24 -3.46 -34.50
N GLY C 33 10.21 -3.88 -35.75
CA GLY C 33 11.04 -3.23 -36.79
C GLY C 33 10.37 -2.10 -37.57
N SER C 34 9.03 -2.12 -37.66
CA SER C 34 8.35 -1.29 -38.65
C SER C 34 6.92 -1.13 -38.23
N SER C 35 6.23 -0.19 -38.86
CA SER C 35 4.82 0.05 -38.59
C SER C 35 3.91 -1.10 -39.05
N ALA C 36 4.33 -1.83 -40.06
CA ALA C 36 3.60 -2.99 -40.50
C ALA C 36 3.64 -4.08 -39.46
N GLU C 37 4.81 -4.34 -38.88
CA GLU C 37 4.94 -5.25 -37.71
C GLU C 37 4.06 -4.81 -36.53
N PHE C 38 4.05 -3.52 -36.26
CA PHE C 38 3.25 -2.95 -35.20
C PHE C 38 1.76 -3.25 -35.40
N LYS C 39 1.23 -2.96 -36.59
CA LYS C 39 -0.11 -3.35 -36.95
C LYS C 39 -0.33 -4.86 -36.74
N THR C 40 0.59 -5.68 -37.21
CA THR C 40 0.42 -7.11 -37.05
C THR C 40 0.37 -7.53 -35.57
N GLN C 41 1.26 -6.98 -34.75
CA GLN C 41 1.26 -7.25 -33.31
C GLN C 41 -0.04 -6.83 -32.61
N ILE C 42 -0.50 -5.61 -32.86
CA ILE C 42 -1.81 -5.16 -32.33
C ILE C 42 -2.88 -6.22 -32.61
N ILE C 43 -3.04 -6.59 -33.86
CA ILE C 43 -4.04 -7.56 -34.25
C ILE C 43 -3.90 -8.92 -33.53
N GLU C 44 -2.70 -9.46 -33.49
CA GLU C 44 -2.42 -10.74 -32.84
C GLU C 44 -2.70 -10.71 -31.32
N LEU C 45 -2.33 -9.59 -30.72
CA LEU C 45 -2.54 -9.39 -29.29
C LEU C 45 -4.03 -9.24 -28.93
N ILE C 46 -4.80 -8.54 -29.78
CA ILE C 46 -6.24 -8.38 -29.57
C ILE C 46 -6.92 -9.75 -29.68
N ARG C 47 -6.58 -10.51 -30.72
CA ARG C 47 -7.21 -11.83 -30.96
C ARG C 47 -6.96 -12.82 -29.85
N ASN C 48 -5.85 -12.68 -29.15
CA ASN C 48 -5.52 -13.64 -28.12
C ASN C 48 -5.90 -13.24 -26.71
N ALA C 49 -6.33 -11.98 -26.54
CA ALA C 49 -6.68 -11.46 -25.24
C ALA C 49 -7.84 -12.20 -24.61
N LYS C 50 -7.69 -12.52 -23.33
CA LYS C 50 -8.72 -13.22 -22.57
C LYS C 50 -9.30 -12.43 -21.38
N LYS C 51 -8.53 -11.50 -20.81
CA LYS C 51 -8.97 -10.79 -19.61
C LYS C 51 -9.20 -9.29 -19.83
N ARG C 52 -8.26 -8.62 -20.48
CA ARG C 52 -8.36 -7.16 -20.58
C ARG C 52 -7.60 -6.59 -21.77
N ILE C 53 -8.06 -5.40 -22.20
CA ILE C 53 -7.42 -4.62 -23.22
C ILE C 53 -7.56 -3.16 -22.84
N TYR C 54 -6.44 -2.57 -22.45
CA TYR C 54 -6.33 -1.15 -22.15
C TYR C 54 -5.44 -0.47 -23.19
N VAL C 55 -5.87 0.68 -23.63
CA VAL C 55 -5.20 1.48 -24.63
C VAL C 55 -5.32 2.94 -24.17
N THR C 56 -4.18 3.64 -24.10
CA THR C 56 -4.15 5.11 -23.99
C THR C 56 -3.41 5.53 -25.25
N ALA C 57 -4.02 6.41 -26.04
CA ALA C 57 -3.39 6.93 -27.24
C ALA C 57 -3.85 8.37 -27.38
N LEU C 58 -3.14 9.16 -28.18
CA LEU C 58 -3.59 10.52 -28.45
C LEU C 58 -4.94 10.46 -29.21
N TYR C 59 -5.01 9.62 -30.22
CA TYR C 59 -6.28 9.48 -30.91
C TYR C 59 -6.43 8.13 -31.54
N TRP C 60 -7.66 7.82 -31.93
CA TRP C 60 -7.95 6.62 -32.66
C TRP C 60 -8.92 7.06 -33.78
N GLN C 61 -8.38 7.06 -35.00
CA GLN C 61 -9.05 7.70 -36.13
C GLN C 61 -10.08 6.80 -36.80
N LYS C 62 -11.16 7.40 -37.27
CA LYS C 62 -12.17 6.69 -38.03
C LYS C 62 -11.77 6.15 -39.42
N ASP C 63 -10.50 6.16 -39.81
CA ASP C 63 -10.16 5.76 -41.18
C ASP C 63 -10.12 4.23 -41.27
N GLU C 64 -9.54 3.70 -42.35
CA GLU C 64 -9.62 2.23 -42.61
C GLU C 64 -8.84 1.37 -41.62
N ALA C 65 -7.68 1.84 -41.20
CA ALA C 65 -6.90 1.17 -40.15
C ALA C 65 -7.66 1.21 -38.79
N GLY C 66 -8.18 2.37 -38.43
CA GLY C 66 -9.00 2.51 -37.21
C GLY C 66 -10.12 1.48 -37.17
N GLN C 67 -10.77 1.28 -38.32
CA GLN C 67 -11.90 0.42 -38.46
C GLN C 67 -11.50 -1.04 -38.35
N GLU C 68 -10.40 -1.41 -38.98
CA GLU C 68 -9.89 -2.77 -38.91
C GLU C 68 -9.54 -3.11 -37.46
N ILE C 69 -8.90 -2.18 -36.75
CA ILE C 69 -8.54 -2.48 -35.37
C ILE C 69 -9.77 -2.58 -34.49
N LEU C 70 -10.71 -1.63 -34.63
CA LEU C 70 -11.93 -1.65 -33.81
C LEU C 70 -12.78 -2.88 -34.09
N ASP C 71 -12.82 -3.30 -35.36
CA ASP C 71 -13.44 -4.58 -35.73
C ASP C 71 -12.88 -5.79 -35.01
N GLU C 72 -11.54 -5.83 -34.87
CA GLU C 72 -10.89 -6.89 -34.09
C GLU C 72 -11.34 -6.89 -32.63
N ILE C 73 -11.47 -5.70 -32.04
CA ILE C 73 -11.92 -5.54 -30.65
C ILE C 73 -13.32 -6.12 -30.47
N TYR C 74 -14.24 -5.70 -31.34
CA TYR C 74 -15.64 -6.08 -31.21
C TYR C 74 -15.77 -7.58 -31.40
N ARG C 75 -14.95 -8.14 -32.28
CA ARG C 75 -14.97 -9.57 -32.49
C ARG C 75 -14.57 -10.33 -31.22
N VAL C 76 -13.48 -9.92 -30.54
CA VAL C 76 -13.06 -10.65 -29.35
C VAL C 76 -14.03 -10.42 -28.20
N LYS C 77 -14.57 -9.20 -28.16
CA LYS C 77 -15.53 -8.80 -27.15
C LYS C 77 -16.86 -9.55 -27.31
N GLN C 78 -17.23 -9.86 -28.54
CA GLN C 78 -18.44 -10.63 -28.76
C GLN C 78 -18.25 -12.12 -28.40
N GLU C 79 -17.02 -12.61 -28.56
N GLU C 79 -17.03 -12.65 -28.53
CA GLU C 79 -16.61 -13.97 -28.14
CA GLU C 79 -16.79 -14.02 -28.05
C GLU C 79 -16.42 -14.08 -26.60
C GLU C 79 -16.38 -14.11 -26.57
N ASN C 80 -16.02 -12.98 -25.96
CA ASN C 80 -15.69 -12.94 -24.51
C ASN C 80 -16.43 -11.77 -23.83
N PRO C 81 -17.70 -11.98 -23.43
CA PRO C 81 -18.50 -10.86 -22.88
C PRO C 81 -17.93 -10.17 -21.64
N HIS C 82 -17.11 -10.86 -20.85
CA HIS C 82 -16.49 -10.26 -19.66
C HIS C 82 -15.12 -9.61 -19.88
N LEU C 83 -14.66 -9.56 -21.13
CA LEU C 83 -13.43 -8.88 -21.43
C LEU C 83 -13.50 -7.42 -20.96
N ASP C 84 -12.56 -7.03 -20.14
CA ASP C 84 -12.49 -5.66 -19.66
C ASP C 84 -11.75 -4.82 -20.72
N VAL C 85 -12.49 -4.08 -21.57
CA VAL C 85 -11.87 -3.22 -22.61
C VAL C 85 -12.04 -1.75 -22.29
N LYS C 86 -10.93 -1.00 -22.20
CA LYS C 86 -10.99 0.46 -21.96
C LYS C 86 -10.04 1.13 -22.90
N VAL C 87 -10.54 2.09 -23.67
CA VAL C 87 -9.70 2.84 -24.61
C VAL C 87 -9.79 4.30 -24.18
N LEU C 88 -8.66 4.86 -23.78
CA LEU C 88 -8.61 6.30 -23.39
C LEU C 88 -7.92 7.12 -24.48
N ILE C 89 -8.60 8.12 -25.01
CA ILE C 89 -8.00 9.01 -25.99
C ILE C 89 -8.24 10.43 -25.53
N ASP C 90 -7.53 11.37 -26.15
CA ASP C 90 -7.68 12.75 -25.76
C ASP C 90 -9.13 13.19 -26.06
N TRP C 91 -9.73 13.85 -25.09
CA TRP C 91 -11.10 14.36 -25.17
C TRP C 91 -11.30 15.38 -26.31
N HIS C 92 -10.45 16.43 -26.39
CA HIS C 92 -10.60 17.47 -27.43
C HIS C 92 -10.31 16.92 -28.85
N ARG C 93 -9.25 16.13 -28.97
CA ARG C 93 -8.85 15.60 -30.25
C ARG C 93 -9.93 14.71 -30.86
N ALA C 94 -10.63 13.96 -30.00
CA ALA C 94 -11.68 13.06 -30.47
C ALA C 94 -12.96 13.75 -30.99
N GLN C 95 -13.10 15.05 -30.73
CA GLN C 95 -14.34 15.74 -31.02
C GLN C 95 -14.17 16.92 -31.98
N ARG C 96 -13.12 16.89 -32.77
CA ARG C 96 -12.98 17.87 -33.83
C ARG C 96 -12.46 17.17 -35.08
N ASN C 97 -12.64 17.82 -36.22
CA ASN C 97 -11.98 17.42 -37.48
C ASN C 97 -10.57 17.98 -37.62
N LEU C 98 -9.90 17.66 -38.71
CA LEU C 98 -8.50 18.06 -38.87
C LEU C 98 -8.33 19.52 -39.34
N LEU C 99 -7.09 20.04 -39.21
CA LEU C 99 -6.72 21.42 -39.62
C LEU C 99 -7.24 22.50 -38.67
N SER C 104 -16.16 14.57 -42.14
CA SER C 104 -17.15 15.42 -41.49
C SER C 104 -17.45 14.93 -40.06
N ALA C 105 -17.71 13.63 -39.93
CA ALA C 105 -17.95 13.03 -38.64
C ALA C 105 -16.64 13.08 -37.85
N THR C 106 -16.74 13.35 -36.55
CA THR C 106 -15.59 13.27 -35.67
C THR C 106 -15.39 11.82 -35.27
N ASN C 107 -14.19 11.55 -34.77
CA ASN C 107 -13.90 10.26 -34.17
C ASN C 107 -14.94 9.82 -33.14
N ALA C 108 -15.31 10.73 -32.24
CA ALA C 108 -16.40 10.47 -31.26
C ALA C 108 -17.73 10.06 -31.96
N ASP C 109 -18.12 10.78 -33.00
CA ASP C 109 -19.35 10.41 -33.73
C ASP C 109 -19.23 8.97 -34.24
N TRP C 110 -18.06 8.64 -34.78
CA TRP C 110 -17.80 7.29 -35.29
C TRP C 110 -17.81 6.18 -34.19
N TYR C 111 -17.24 6.45 -33.02
CA TYR C 111 -17.29 5.47 -31.94
C TYR C 111 -18.74 5.12 -31.61
N CYS C 112 -19.63 6.13 -31.55
CA CYS C 112 -21.08 5.92 -31.30
C CYS C 112 -21.76 5.12 -32.39
N GLU C 113 -21.47 5.50 -33.64
CA GLU C 113 -21.96 4.80 -34.78
C GLU C 113 -21.60 3.31 -34.67
N GLN C 114 -20.33 3.00 -34.48
CA GLN C 114 -19.87 1.60 -34.31
C GLN C 114 -20.56 0.86 -33.17
N ARG C 115 -20.63 1.45 -32.00
CA ARG C 115 -21.33 0.87 -30.86
C ARG C 115 -22.81 0.55 -31.15
N GLN C 116 -23.52 1.49 -31.79
CA GLN C 116 -24.93 1.28 -32.16
C GLN C 116 -25.11 0.21 -33.22
N THR C 117 -24.19 0.20 -34.17
CA THR C 117 -24.19 -0.75 -35.28
C THR C 117 -23.80 -2.19 -34.91
N TYR C 118 -22.78 -2.36 -34.10
CA TYR C 118 -22.46 -3.71 -33.62
C TYR C 118 -23.49 -4.25 -32.64
N GLN C 119 -24.09 -3.35 -31.84
CA GLN C 119 -24.95 -3.67 -30.70
C GLN C 119 -24.60 -4.98 -29.98
N LEU C 120 -23.46 -4.98 -29.32
CA LEU C 120 -23.08 -6.08 -28.43
C LEU C 120 -24.16 -6.27 -27.37
N PRO C 121 -24.43 -7.53 -26.98
CA PRO C 121 -25.48 -7.79 -26.00
C PRO C 121 -25.14 -7.08 -24.68
N ASP C 122 -23.88 -7.17 -24.30
CA ASP C 122 -23.36 -6.52 -23.12
C ASP C 122 -23.59 -5.02 -23.29
N ASP C 123 -22.88 -4.45 -24.28
CA ASP C 123 -23.11 -3.07 -24.70
C ASP C 123 -22.48 -2.07 -23.73
N PRO C 124 -21.26 -2.36 -23.27
CA PRO C 124 -20.63 -1.44 -22.34
C PRO C 124 -20.00 -0.23 -23.05
N ASN C 125 -19.59 0.77 -22.28
CA ASN C 125 -18.77 1.86 -22.79
C ASN C 125 -17.34 1.35 -22.89
N PHE C 127 -14.91 3.48 -25.14
CA PHE C 127 -14.14 4.66 -25.49
C PHE C 127 -14.37 5.80 -24.53
N PHE C 128 -13.28 6.25 -23.92
CA PHE C 128 -13.33 7.31 -22.95
C PHE C 128 -12.42 8.47 -23.34
N GLY C 129 -12.95 9.69 -23.20
CA GLY C 129 -12.19 10.91 -23.54
C GLY C 129 -11.59 11.55 -22.29
N VAL C 130 -10.27 11.73 -22.31
CA VAL C 130 -9.56 12.29 -21.16
C VAL C 130 -9.17 13.73 -21.48
N PRO C 131 -9.68 14.72 -20.73
CA PRO C 131 -9.23 16.10 -20.97
C PRO C 131 -8.11 16.55 -20.02
N ILE C 132 -6.94 16.84 -20.58
CA ILE C 132 -5.76 17.19 -19.80
C ILE C 132 -5.74 18.68 -19.47
N ASN C 133 -6.59 19.44 -20.13
CA ASN C 133 -6.77 20.85 -19.79
C ASN C 133 -8.08 21.26 -20.41
N THR C 134 -8.51 22.48 -20.12
CA THR C 134 -9.83 22.98 -20.51
C THR C 134 -9.88 23.36 -22.00
N ARG C 135 -8.70 23.53 -22.59
CA ARG C 135 -8.50 23.77 -24.02
C ARG C 135 -7.36 22.92 -24.53
N GLU C 136 -7.57 22.29 -25.68
CA GLU C 136 -6.58 21.44 -26.31
C GLU C 136 -5.16 22.05 -26.33
N VAL C 137 -5.06 23.34 -26.62
CA VAL C 137 -3.75 23.97 -26.79
C VAL C 137 -2.92 23.95 -25.51
N PHE C 138 -3.60 23.96 -24.35
CA PHE C 138 -2.91 23.96 -23.07
C PHE C 138 -2.73 22.59 -22.45
N GLY C 139 -3.02 21.51 -23.20
CA GLY C 139 -2.56 20.17 -22.83
C GLY C 139 -3.40 19.03 -23.36
N VAL C 140 -2.74 17.98 -23.84
CA VAL C 140 -3.39 16.75 -24.35
C VAL C 140 -2.83 15.47 -23.71
N LEU C 141 -3.57 14.38 -23.92
CA LEU C 141 -3.17 13.10 -23.43
C LEU C 141 -2.06 12.52 -24.31
N HIS C 142 -0.84 12.51 -23.80
CA HIS C 142 0.27 11.90 -24.52
C HIS C 142 0.81 10.66 -23.78
N VAL C 143 0.09 10.19 -22.77
CA VAL C 143 0.41 8.91 -22.13
C VAL C 143 0.26 7.79 -23.18
N LYS C 144 1.24 6.88 -23.22
CA LYS C 144 1.23 5.75 -24.17
C LYS C 144 1.14 4.42 -23.49
N GLY C 145 0.81 3.38 -24.26
CA GLY C 145 0.79 2.03 -23.72
C GLY C 145 -0.50 1.36 -24.09
N PHE C 146 -0.37 0.10 -24.52
CA PHE C 146 -1.48 -0.79 -24.74
C PHE C 146 -1.18 -1.99 -23.86
N VAL C 147 -2.18 -2.45 -23.12
CA VAL C 147 -2.00 -3.61 -22.30
C VAL C 147 -3.01 -4.64 -22.77
N PHE C 148 -2.52 -5.82 -23.14
CA PHE C 148 -3.37 -6.95 -23.50
C PHE C 148 -3.03 -8.02 -22.51
N ASP C 149 -3.97 -8.31 -21.62
CA ASP C 149 -3.72 -9.24 -20.54
C ASP C 149 -2.46 -8.83 -19.81
N ASP C 150 -1.39 -9.63 -19.90
CA ASP C 150 -0.11 -9.38 -19.24
C ASP C 150 1.00 -8.88 -20.21
N THR C 151 0.62 -8.39 -21.39
CA THR C 151 1.58 -7.88 -22.36
C THR C 151 1.46 -6.36 -22.60
N VAL C 152 2.57 -5.64 -22.46
CA VAL C 152 2.61 -4.23 -22.81
C VAL C 152 3.15 -4.01 -24.23
N LEU C 153 2.38 -3.29 -25.05
CA LEU C 153 2.89 -2.82 -26.34
C LEU C 153 3.01 -1.30 -26.22
N TYR C 154 4.24 -0.82 -26.20
CA TYR C 154 4.50 0.60 -25.96
C TYR C 154 4.98 1.27 -27.24
N SER C 155 4.39 2.43 -27.55
CA SER C 155 4.74 3.16 -28.74
C SER C 155 4.19 4.58 -28.72
N GLY C 156 4.87 5.48 -29.42
CA GLY C 156 4.36 6.86 -29.55
C GLY C 156 3.21 6.96 -30.54
N ALA C 157 2.89 5.85 -31.23
CA ALA C 157 1.96 5.83 -32.37
C ALA C 157 0.50 5.91 -31.94
N SER C 158 -0.32 6.65 -32.69
CA SER C 158 -1.78 6.57 -32.53
C SER C 158 -2.33 5.55 -33.51
N ILE C 159 -3.66 5.42 -33.58
CA ILE C 159 -4.29 4.47 -34.50
C ILE C 159 -4.87 5.26 -35.66
N ASN C 160 -4.21 5.19 -36.80
CA ASN C 160 -4.74 5.67 -38.09
C ASN C 160 -3.96 4.98 -39.22
N ASN C 161 -4.29 5.27 -40.47
CA ASN C 161 -3.62 4.66 -41.64
C ASN C 161 -2.10 4.76 -41.65
N VAL C 162 -1.58 5.97 -41.47
CA VAL C 162 -0.12 6.12 -41.58
C VAL C 162 0.67 5.41 -40.49
N TYR C 163 0.21 5.47 -39.24
CA TYR C 163 0.92 4.80 -38.15
C TYR C 163 0.92 3.27 -38.30
N LEU C 164 -0.09 2.73 -38.96
CA LEU C 164 -0.17 1.28 -39.14
C LEU C 164 0.18 0.80 -40.56
N HIS C 165 0.67 1.75 -41.39
CA HIS C 165 1.02 1.48 -42.77
C HIS C 165 -0.13 0.78 -43.51
N GLN C 166 -1.32 1.37 -43.44
CA GLN C 166 -2.48 0.79 -44.10
C GLN C 166 -2.33 0.67 -45.63
N PHE C 167 -1.80 1.70 -46.28
CA PHE C 167 -1.59 1.65 -47.73
C PHE C 167 -0.12 1.82 -48.03
N GLU C 168 0.25 2.77 -48.87
CA GLU C 168 1.63 2.96 -49.25
C GLU C 168 2.39 3.83 -48.24
N LYS C 169 1.75 4.82 -47.66
CA LYS C 169 2.43 5.74 -46.77
C LYS C 169 2.47 5.23 -45.36
N TYR C 170 3.55 5.57 -44.65
CA TYR C 170 3.64 5.33 -43.24
C TYR C 170 4.27 6.54 -42.51
N ARG C 171 4.04 6.51 -41.20
CA ARG C 171 4.57 7.47 -40.25
C ARG C 171 5.36 6.60 -39.25
N TYR C 172 6.67 6.83 -39.21
CA TYR C 172 7.64 5.97 -38.50
C TYR C 172 7.63 6.26 -37.01
N ASP C 173 7.50 5.20 -36.22
CA ASP C 173 7.64 5.35 -34.78
C ASP C 173 8.49 4.19 -34.26
N ARG C 174 8.59 4.07 -32.93
CA ARG C 174 9.24 2.93 -32.30
C ARG C 174 8.23 2.10 -31.56
N TYR C 175 8.47 0.80 -31.44
CA TYR C 175 7.47 -0.10 -30.87
C TYR C 175 8.17 -1.13 -30.02
N GLN C 176 7.75 -1.23 -28.76
CA GLN C 176 8.33 -2.24 -27.87
C GLN C 176 7.25 -3.10 -27.26
N LYS C 177 7.46 -4.41 -27.38
CA LYS C 177 6.57 -5.38 -26.78
C LYS C 177 7.24 -5.98 -25.53
N ILE C 178 6.58 -5.82 -24.38
CA ILE C 178 7.08 -6.36 -23.13
C ILE C 178 6.03 -7.24 -22.46
N THR C 179 6.38 -8.51 -22.39
CA THR C 179 5.58 -9.51 -21.73
C THR C 179 6.00 -9.60 -20.25
N HIS C 180 5.24 -8.94 -19.37
CA HIS C 180 5.59 -8.84 -17.96
C HIS C 180 4.35 -8.49 -17.14
N ALA C 181 3.84 -9.49 -16.44
CA ALA C 181 2.57 -9.34 -15.70
C ALA C 181 2.57 -8.16 -14.71
N GLU C 182 3.67 -7.96 -14.01
CA GLU C 182 3.73 -6.94 -12.97
C GLU C 182 3.79 -5.54 -13.61
N LEU C 183 4.51 -5.40 -14.73
CA LEU C 183 4.48 -4.15 -15.47
C LEU C 183 3.06 -3.89 -16.02
N ALA C 184 2.44 -4.93 -16.58
CA ALA C 184 1.10 -4.79 -17.12
C ALA C 184 0.15 -4.35 -16.00
N ASP C 185 0.18 -5.06 -14.86
CA ASP C 185 -0.70 -4.71 -13.72
C ASP C 185 -0.44 -3.26 -13.28
N SER C 186 0.80 -2.81 -13.30
CA SER C 186 1.12 -1.45 -12.85
C SER C 186 0.53 -0.39 -13.76
N VAL C 188 -2.18 -0.74 -15.92
CA VAL C 188 -3.62 -0.79 -15.77
C VAL C 188 -4.07 -0.14 -14.44
N ASN C 189 -3.32 -0.37 -13.36
CA ASN C 189 -3.62 0.28 -12.09
C ASN C 189 -3.56 1.81 -12.18
N PHE C 190 -2.56 2.32 -12.88
CA PHE C 190 -2.41 3.77 -13.08
C PHE C 190 -3.62 4.33 -13.81
N ILE C 191 -4.02 3.60 -14.84
CA ILE C 191 -5.14 4.00 -15.68
C ILE C 191 -6.41 4.05 -14.84
N ASN C 192 -6.68 2.96 -14.12
CA ASN C 192 -7.88 2.90 -13.30
C ASN C 192 -7.82 3.91 -12.16
N ASP C 193 -6.70 3.94 -11.44
CA ASP C 193 -6.54 4.76 -10.23
C ASP C 193 -6.39 6.22 -10.51
N TYR C 194 -5.66 6.58 -11.57
CA TYR C 194 -5.36 7.99 -11.84
C TYR C 194 -5.98 8.62 -13.10
N LEU C 195 -5.90 7.93 -14.23
CA LEU C 195 -6.40 8.52 -15.47
C LEU C 195 -7.90 8.55 -15.53
N LEU C 196 -8.54 7.42 -15.22
CA LEU C 196 -9.98 7.27 -15.30
C LEU C 196 -10.72 7.86 -14.11
N ASP C 197 -10.63 9.17 -13.93
CA ASP C 197 -11.47 9.84 -12.96
C ASP C 197 -12.75 10.36 -13.61
N PHE C 198 -13.87 9.76 -13.25
CA PHE C 198 -15.12 10.06 -13.91
C PHE C 198 -15.77 11.40 -13.58
N SER C 199 -15.18 12.19 -12.68
CA SER C 199 -15.68 13.56 -12.61
C SER C 199 -15.22 14.38 -13.82
N ALA C 200 -14.21 13.91 -14.56
CA ALA C 200 -13.70 14.67 -15.72
C ALA C 200 -13.65 13.89 -17.00
N VAL C 201 -13.52 12.57 -16.88
CA VAL C 201 -13.41 11.65 -18.00
C VAL C 201 -14.80 11.13 -18.39
N TYR C 202 -15.17 11.28 -19.66
CA TYR C 202 -16.49 10.87 -20.16
C TYR C 202 -16.39 9.91 -21.31
N PRO C 203 -17.36 8.97 -21.41
CA PRO C 203 -17.41 8.05 -22.55
C PRO C 203 -17.65 8.87 -23.81
N LEU C 204 -16.91 8.55 -24.87
CA LEU C 204 -17.09 9.22 -26.14
C LEU C 204 -17.99 8.43 -27.09
N ASP C 205 -18.32 7.18 -26.71
CA ASP C 205 -19.13 6.36 -27.57
C ASP C 205 -20.62 6.40 -27.20
N VAL C 206 -21.06 7.50 -26.60
CA VAL C 206 -22.49 7.75 -26.41
C VAL C 206 -22.87 9.09 -26.99
N THR C 207 -24.16 9.25 -27.27
CA THR C 207 -24.68 10.44 -27.95
C THR C 207 -24.71 11.65 -27.02
N ASN C 208 -25.02 11.35 -25.75
N ASN C 208 -25.00 11.42 -25.74
CA ASN C 208 -25.09 12.37 -24.74
CA ASN C 208 -25.18 12.56 -24.83
C ASN C 208 -23.72 12.55 -24.11
C ASN C 208 -23.92 12.94 -24.02
N ARG C 209 -22.90 13.39 -24.74
CA ARG C 209 -21.62 13.78 -24.15
C ARG C 209 -21.78 15.19 -23.64
N PRO C 210 -21.24 15.49 -22.45
CA PRO C 210 -21.26 16.90 -22.04
C PRO C 210 -20.38 17.77 -22.96
N ARG C 211 -20.64 19.06 -22.98
CA ARG C 211 -19.79 20.03 -23.64
C ARG C 211 -18.69 20.39 -22.68
N THR C 212 -17.53 20.75 -23.24
CA THR C 212 -16.42 21.28 -22.48
C THR C 212 -16.85 22.39 -21.51
N LYS C 213 -17.42 23.48 -22.03
CA LYS C 213 -17.85 24.61 -21.18
C LYS C 213 -18.64 24.13 -19.98
N GLU C 214 -19.32 23.01 -20.18
CA GLU C 214 -20.17 22.41 -19.19
C GLU C 214 -19.36 21.75 -18.07
N ILE C 215 -18.12 21.37 -18.34
CA ILE C 215 -17.27 20.68 -17.36
C ILE C 215 -15.88 21.32 -17.09
N ARG C 216 -15.75 22.62 -17.36
CA ARG C 216 -14.47 23.31 -17.16
C ARG C 216 -13.89 23.12 -15.75
N GLY C 217 -14.70 23.38 -14.73
CA GLY C 217 -14.25 23.30 -13.33
C GLY C 217 -13.74 21.92 -12.96
N ASN C 218 -14.41 20.90 -13.49
CA ASN C 218 -14.04 19.54 -13.23
C ASN C 218 -12.71 19.22 -13.89
N ILE C 219 -12.54 19.69 -15.13
CA ILE C 219 -11.29 19.50 -15.86
C ILE C 219 -10.13 20.05 -15.04
N ARG C 220 -10.27 21.33 -14.62
CA ARG C 220 -9.28 22.01 -13.80
C ARG C 220 -8.88 21.20 -12.57
N ALA C 221 -9.84 20.85 -11.71
CA ALA C 221 -9.56 20.00 -10.55
C ALA C 221 -8.92 18.65 -10.92
N TYR C 222 -9.32 18.08 -12.03
CA TYR C 222 -8.72 16.80 -12.44
C TYR C 222 -7.26 16.96 -12.82
N ARG C 223 -6.93 18.02 -13.56
CA ARG C 223 -5.57 18.24 -14.05
C ARG C 223 -4.69 18.44 -12.83
N LYS C 224 -5.14 19.33 -11.95
CA LYS C 224 -4.39 19.65 -10.75
C LYS C 224 -4.11 18.41 -9.89
N ASP C 225 -5.12 17.58 -9.73
CA ASP C 225 -4.97 16.36 -8.95
C ASP C 225 -4.01 15.38 -9.62
N LEU C 226 -4.16 15.17 -10.92
CA LEU C 226 -3.31 14.23 -11.65
C LEU C 226 -1.84 14.69 -11.68
N ALA C 227 -1.65 16.00 -11.90
CA ALA C 227 -0.33 16.59 -11.95
C ALA C 227 0.38 16.37 -10.61
N GLN C 228 -0.33 16.53 -9.50
CA GLN C 228 0.36 16.39 -8.23
C GLN C 228 0.43 14.96 -7.72
N ASN C 229 -0.49 14.10 -8.11
CA ASN C 229 -0.50 12.77 -7.49
C ASN C 229 -0.27 11.59 -8.40
N GLY C 230 -0.49 11.71 -9.69
CA GLY C 230 -0.34 10.54 -10.56
C GLY C 230 1.05 9.97 -10.48
N GLU C 231 1.13 8.65 -10.24
CA GLU C 231 2.38 7.92 -10.24
C GLU C 231 2.09 6.45 -10.44
N TYR C 232 3.04 5.71 -10.99
CA TYR C 232 2.88 4.26 -11.14
C TYR C 232 3.39 3.61 -9.85
N SER C 233 2.87 2.44 -9.49
CA SER C 233 3.36 1.70 -8.33
C SER C 233 3.93 0.35 -8.75
N LEU C 234 4.99 -0.06 -8.07
CA LEU C 234 5.61 -1.34 -8.32
C LEU C 234 5.53 -2.18 -7.06
N LYS C 235 5.36 -3.48 -7.22
CA LYS C 235 5.37 -4.35 -6.05
C LYS C 235 6.76 -4.89 -5.68
N SER C 236 7.52 -5.40 -6.64
CA SER C 236 8.79 -6.03 -6.28
C SER C 236 10.04 -5.28 -6.75
N ALA C 237 9.96 -3.94 -6.68
CA ALA C 237 11.02 -3.02 -7.11
C ALA C 237 12.18 -2.86 -6.13
N VAL C 238 13.40 -2.84 -6.67
CA VAL C 238 14.59 -2.55 -5.88
C VAL C 238 15.32 -1.34 -6.48
N LYS C 239 16.14 -0.69 -5.66
CA LYS C 239 17.08 0.30 -6.16
C LYS C 239 18.38 -0.37 -6.64
N LEU C 240 19.01 0.23 -7.65
CA LEU C 240 20.27 -0.29 -8.24
C LEU C 240 20.31 -1.82 -8.41
N PRO C 241 19.38 -2.38 -9.17
CA PRO C 241 19.48 -3.82 -9.37
C PRO C 241 20.70 -4.14 -10.22
N ASN C 242 21.10 -5.40 -10.23
CA ASN C 242 22.28 -5.79 -10.98
C ASN C 242 21.85 -6.55 -12.24
N VAL C 243 20.64 -6.25 -12.71
CA VAL C 243 20.03 -7.05 -13.78
C VAL C 243 19.19 -6.08 -14.58
N LEU C 244 18.99 -6.40 -15.86
CA LEU C 244 18.13 -5.65 -16.75
C LEU C 244 16.76 -5.37 -16.08
N SER C 245 16.29 -4.13 -16.17
CA SER C 245 15.18 -3.64 -15.33
C SER C 245 14.39 -2.47 -15.95
N VAL C 246 13.17 -2.26 -15.48
CA VAL C 246 12.29 -1.26 -16.04
C VAL C 246 11.64 -0.43 -14.93
N SER C 247 11.58 0.88 -15.13
CA SER C 247 10.92 1.80 -14.19
C SER C 247 9.88 2.70 -14.89
N PRO C 248 8.57 2.56 -14.58
CA PRO C 248 7.52 3.31 -15.26
C PRO C 248 7.35 4.71 -14.68
N LEU C 249 7.21 5.70 -15.54
CA LEU C 249 7.36 7.10 -15.12
C LEU C 249 6.20 7.90 -15.65
N PHE C 250 5.73 8.89 -14.90
CA PHE C 250 4.62 9.78 -15.33
C PHE C 250 4.99 11.25 -15.09
N GLY C 251 4.53 12.13 -15.96
CA GLY C 251 4.72 13.55 -15.72
C GLY C 251 3.60 14.35 -16.34
N LEU C 252 3.16 15.36 -15.61
CA LEU C 252 2.28 16.37 -16.17
C LEU C 252 2.54 17.69 -15.49
N GLY C 253 2.84 18.74 -16.25
CA GLY C 253 3.01 20.07 -15.67
C GLY C 253 4.47 20.33 -15.32
N ALA C 254 4.79 21.58 -15.03
CA ALA C 254 6.17 22.02 -14.86
C ALA C 254 6.79 21.67 -13.49
N SER C 255 6.04 21.63 -12.41
CA SER C 255 6.63 21.38 -11.09
C SER C 255 6.45 19.93 -10.68
N GLY C 256 7.46 19.34 -10.02
CA GLY C 256 7.32 17.99 -9.49
C GLY C 256 7.02 16.96 -10.57
N ASN C 257 7.49 17.22 -11.79
CA ASN C 257 7.32 16.33 -12.92
C ASN C 257 8.43 15.28 -12.94
N GLU C 258 8.11 14.07 -12.50
CA GLU C 258 9.13 13.03 -12.39
C GLU C 258 9.77 12.64 -13.74
N LEU C 259 8.95 12.44 -14.77
CA LEU C 259 9.45 12.12 -16.08
C LEU C 259 10.45 13.14 -16.58
N ASN C 260 10.08 14.41 -16.54
CA ASN C 260 11.02 15.45 -16.94
C ASN C 260 12.26 15.57 -16.08
N GLN C 261 12.13 15.40 -14.78
CA GLN C 261 13.28 15.35 -13.88
C GLN C 261 14.21 14.20 -14.28
N VAL C 262 13.65 13.02 -14.56
CA VAL C 262 14.46 11.90 -15.04
C VAL C 262 15.17 12.17 -16.37
N ILE C 263 14.47 12.70 -17.36
CA ILE C 263 15.14 13.09 -18.60
C ILE C 263 16.30 14.09 -18.39
N GLU C 264 16.03 15.16 -17.64
CA GLU C 264 17.07 16.15 -17.35
C GLU C 264 18.26 15.47 -16.69
N ASP C 265 17.99 14.58 -15.75
CA ASP C 265 19.06 13.88 -15.05
C ASP C 265 19.80 12.85 -15.93
N LEU C 266 19.08 12.23 -16.86
CA LEU C 266 19.70 11.34 -17.83
C LEU C 266 20.73 12.11 -18.66
N PHE C 267 20.37 13.30 -19.14
CA PHE C 267 21.25 14.15 -19.94
C PHE C 267 22.47 14.62 -19.14
N LEU C 268 22.27 14.91 -17.85
CA LEU C 268 23.40 15.31 -17.03
C LEU C 268 24.34 14.18 -16.70
N GLN C 269 23.85 12.95 -16.75
CA GLN C 269 24.63 11.80 -16.33
C GLN C 269 25.24 10.99 -17.47
N VAL C 270 25.24 11.54 -18.66
CA VAL C 270 25.96 10.95 -19.79
C VAL C 270 27.48 10.88 -19.49
N GLN C 271 28.06 9.69 -19.63
CA GLN C 271 29.49 9.55 -19.41
C GLN C 271 30.27 9.59 -20.73
N LYS C 272 29.66 9.06 -21.80
CA LYS C 272 30.32 8.89 -23.09
C LYS C 272 29.49 9.40 -24.26
N LYS C 273 28.27 8.88 -24.41
CA LYS C 273 27.45 9.17 -25.60
C LYS C 273 25.97 9.28 -25.26
N LEU C 274 25.33 10.26 -25.88
CA LEU C 274 23.90 10.47 -25.77
C LEU C 274 23.33 10.34 -27.15
N VAL C 275 22.30 9.52 -27.28
CA VAL C 275 21.55 9.48 -28.55
C VAL C 275 20.15 9.98 -28.29
N ILE C 276 19.62 10.78 -29.19
CA ILE C 276 18.28 11.32 -29.03
C ILE C 276 17.54 11.19 -30.34
N CYS C 277 16.30 10.73 -30.27
CA CYS C 277 15.36 10.80 -31.39
C CYS C 277 14.28 11.79 -31.00
N THR C 278 13.95 12.68 -31.92
CA THR C 278 12.83 13.59 -31.70
C THR C 278 12.25 13.83 -33.09
N PRO C 279 10.90 13.97 -33.18
CA PRO C 279 10.26 14.28 -34.47
C PRO C 279 10.70 15.61 -35.06
N TYR C 280 10.59 16.68 -34.27
CA TYR C 280 10.96 18.05 -34.68
C TYR C 280 12.14 18.48 -33.85
N PHE C 281 13.07 19.21 -34.44
CA PHE C 281 14.11 19.85 -33.67
C PHE C 281 13.57 21.03 -32.88
N ASN C 282 13.12 20.79 -31.65
CA ASN C 282 12.53 21.88 -30.84
C ASN C 282 12.66 21.60 -29.35
N PHE C 283 13.91 21.52 -28.85
CA PHE C 283 14.17 21.15 -27.45
C PHE C 283 13.77 22.27 -26.51
N PRO C 284 13.27 21.91 -25.32
CA PRO C 284 13.16 22.87 -24.24
C PRO C 284 14.54 23.48 -24.02
N ARG C 285 14.59 24.76 -23.63
CA ARG C 285 15.85 25.43 -23.32
C ARG C 285 16.70 24.66 -22.34
N THR C 286 16.07 24.06 -21.33
CA THR C 286 16.83 23.29 -20.33
C THR C 286 17.60 22.14 -21.00
N LEU C 287 17.04 21.53 -22.04
CA LEU C 287 17.70 20.39 -22.67
C LEU C 287 18.76 20.88 -23.64
N GLN C 288 18.54 22.07 -24.20
CA GLN C 288 19.52 22.66 -25.09
C GLN C 288 20.80 23.00 -24.32
N HIS C 289 20.63 23.61 -23.16
CA HIS C 289 21.74 23.88 -22.27
C HIS C 289 22.50 22.60 -21.90
N LYS C 290 21.77 21.51 -21.60
CA LYS C 290 22.47 20.31 -21.18
C LYS C 290 23.26 19.65 -22.30
N ILE C 291 22.75 19.75 -23.53
N ILE C 291 22.75 19.75 -23.53
CA ILE C 291 23.49 19.32 -24.73
CA ILE C 291 23.47 19.32 -24.73
C ILE C 291 24.78 20.11 -24.88
C ILE C 291 24.75 20.12 -24.93
N ALA C 292 24.68 21.43 -24.70
CA ALA C 292 25.85 22.31 -24.85
C ALA C 292 26.94 21.93 -23.84
N THR C 293 26.53 21.55 -22.64
CA THR C 293 27.51 21.15 -21.61
C THR C 293 28.22 19.86 -21.98
N LEU C 294 27.44 18.88 -22.45
CA LEU C 294 27.96 17.61 -22.91
C LEU C 294 28.97 17.83 -24.01
N LEU C 295 28.63 18.68 -24.98
CA LEU C 295 29.53 18.95 -26.08
C LEU C 295 30.77 19.67 -25.60
N GLU C 296 30.62 20.62 -24.68
CA GLU C 296 31.80 21.32 -24.10
C GLU C 296 32.72 20.40 -23.27
N ASN C 297 32.17 19.31 -22.76
CA ASN C 297 32.91 18.41 -21.90
C ASN C 297 33.32 17.13 -22.58
N GLY C 298 33.30 17.12 -23.90
CA GLY C 298 33.83 15.98 -24.66
C GLY C 298 32.94 14.77 -24.84
N LYS C 299 31.69 14.83 -24.41
CA LYS C 299 30.82 13.66 -24.61
C LYS C 299 30.34 13.68 -26.06
N ARG C 300 29.98 12.52 -26.59
CA ARG C 300 29.41 12.47 -27.93
C ARG C 300 27.88 12.59 -27.86
N VAL C 301 27.31 13.16 -28.92
CA VAL C 301 25.88 13.36 -29.02
C VAL C 301 25.45 13.06 -30.44
N GLU C 302 24.41 12.25 -30.56
CA GLU C 302 23.83 11.95 -31.83
C GLU C 302 22.35 12.39 -31.81
N ILE C 303 21.92 13.17 -32.78
CA ILE C 303 20.53 13.61 -32.82
C ILE C 303 19.94 13.20 -34.14
N ILE C 304 18.80 12.53 -34.09
CA ILE C 304 18.17 12.05 -35.29
C ILE C 304 16.80 12.70 -35.38
N VAL C 305 16.56 13.47 -36.44
CA VAL C 305 15.27 14.11 -36.70
C VAL C 305 14.89 13.85 -38.13
N GLY C 306 13.64 14.14 -38.46
CA GLY C 306 13.18 14.10 -39.82
C GLY C 306 13.67 15.30 -40.60
N ASP C 307 14.00 15.03 -41.87
CA ASP C 307 14.03 16.06 -42.90
C ASP C 307 12.69 16.80 -42.93
N LYS C 308 12.73 18.10 -43.22
CA LYS C 308 11.56 18.93 -43.59
C LYS C 308 10.42 18.14 -44.23
N VAL C 309 10.77 17.37 -45.24
CA VAL C 309 9.81 16.65 -46.05
C VAL C 309 9.20 15.46 -45.30
N ALA C 310 9.85 15.01 -44.22
CA ALA C 310 9.30 13.93 -43.38
C ALA C 310 8.41 14.43 -42.19
N ASN C 311 8.17 15.72 -42.13
CA ASN C 311 7.25 16.34 -41.16
C ASN C 311 5.85 16.28 -41.75
N ASP C 312 4.82 15.97 -40.96
CA ASP C 312 3.48 15.89 -41.56
C ASP C 312 2.75 17.23 -41.90
N PHE C 313 3.36 18.36 -41.52
CA PHE C 313 2.85 19.69 -41.93
C PHE C 313 3.47 20.15 -43.22
N TYR C 314 4.48 19.42 -43.70
CA TYR C 314 5.12 19.76 -44.96
C TYR C 314 4.09 19.75 -46.10
N ILE C 315 4.11 20.78 -46.95
CA ILE C 315 3.28 20.79 -48.15
C ILE C 315 4.20 20.92 -49.35
N PRO C 316 4.17 19.92 -50.26
CA PRO C 316 4.96 20.03 -51.50
C PRO C 316 4.74 21.39 -52.14
N PRO C 317 5.83 22.06 -52.55
CA PRO C 317 5.73 23.47 -52.96
C PRO C 317 4.87 23.74 -54.21
N GLU C 318 4.57 22.68 -54.96
CA GLU C 318 3.66 22.75 -56.11
C GLU C 318 2.21 22.87 -55.67
N GLN C 319 1.90 22.34 -54.48
CA GLN C 319 0.56 22.38 -53.92
C GLN C 319 0.28 23.76 -53.35
N PRO C 320 -1.01 24.07 -53.09
CA PRO C 320 -1.32 25.38 -52.51
C PRO C 320 -0.83 25.50 -51.05
N PHE C 321 -0.15 26.60 -50.74
CA PHE C 321 0.45 26.79 -49.42
C PHE C 321 -0.58 27.17 -48.34
N LYS C 322 -0.48 26.50 -47.19
CA LYS C 322 -1.19 26.90 -45.97
C LYS C 322 -0.16 27.25 -44.88
N ALA C 324 0.40 26.43 -41.74
CA ALA C 324 1.06 25.38 -40.97
C ALA C 324 2.24 24.74 -41.73
N GLY C 325 2.27 24.95 -43.02
CA GLY C 325 3.29 24.36 -43.88
C GLY C 325 4.60 25.09 -43.73
N ALA C 326 4.62 26.15 -42.91
CA ALA C 326 5.87 26.82 -42.61
C ALA C 326 6.57 26.14 -41.41
N LEU C 327 5.84 25.36 -40.63
CA LEU C 327 6.41 24.76 -39.43
C LEU C 327 7.66 23.94 -39.66
N PRO C 328 7.62 22.98 -40.63
CA PRO C 328 8.89 22.21 -40.87
C PRO C 328 10.13 23.08 -41.22
N TYR C 329 9.89 24.25 -41.78
CA TYR C 329 10.96 25.18 -42.14
C TYR C 329 11.47 25.94 -40.95
N LEU C 330 10.54 26.33 -40.07
CA LEU C 330 10.92 26.86 -38.78
C LEU C 330 11.86 25.90 -38.01
N TYR C 331 11.51 24.61 -37.95
CA TYR C 331 12.34 23.62 -37.26
C TYR C 331 13.67 23.42 -37.94
N GLU C 332 13.66 23.37 -39.27
CA GLU C 332 14.91 23.16 -39.98
C GLU C 332 15.84 24.35 -39.71
N SER C 333 15.32 25.57 -39.77
CA SER C 333 16.24 26.68 -39.61
C SER C 333 16.79 26.79 -38.18
N ASN C 334 16.01 26.31 -37.21
CA ASN C 334 16.51 26.18 -35.85
C ASN C 334 17.63 25.11 -35.74
N LEU C 335 17.43 23.98 -36.41
CA LEU C 335 18.50 22.99 -36.58
C LEU C 335 19.74 23.58 -37.28
N ARG C 336 19.52 24.33 -38.35
CA ARG C 336 20.68 24.93 -39.05
C ARG C 336 21.50 25.83 -38.12
N ARG C 337 20.81 26.64 -37.32
CA ARG C 337 21.46 27.50 -36.33
C ARG C 337 22.26 26.71 -35.27
N PHE C 338 21.68 25.58 -34.85
CA PHE C 338 22.33 24.69 -33.90
C PHE C 338 23.60 24.07 -34.49
N CYS C 339 23.52 23.64 -35.73
CA CYS C 339 24.66 23.03 -36.43
C CYS C 339 25.73 24.05 -36.73
N GLU C 340 25.35 25.31 -36.80
CA GLU C 340 26.34 26.34 -37.00
C GLU C 340 27.05 26.63 -35.67
N LYS C 341 26.28 26.79 -34.60
CA LYS C 341 26.83 26.98 -33.27
C LYS C 341 27.83 25.85 -32.95
N PHE C 342 27.46 24.61 -33.27
CA PHE C 342 28.30 23.44 -32.98
C PHE C 342 29.05 22.89 -34.20
N GLU C 343 29.50 23.83 -35.02
CA GLU C 343 30.25 23.56 -36.24
C GLU C 343 31.54 22.74 -36.03
N THR C 344 32.31 23.11 -34.99
CA THR C 344 33.55 22.43 -34.60
C THR C 344 33.26 20.98 -34.22
N GLN C 345 32.17 20.78 -33.49
CA GLN C 345 31.76 19.45 -33.05
C GLN C 345 31.20 18.58 -34.18
N ILE C 346 30.44 19.18 -35.08
CA ILE C 346 30.02 18.51 -36.31
C ILE C 346 31.29 18.05 -37.08
N GLU C 347 32.24 18.97 -37.23
CA GLU C 347 33.47 18.71 -37.99
C GLU C 347 34.32 17.60 -37.38
N SER C 348 34.37 17.55 -36.06
CA SER C 348 35.20 16.53 -35.45
C SER C 348 34.42 15.21 -35.28
N GLY C 349 33.12 15.22 -35.55
CA GLY C 349 32.29 14.02 -35.39
C GLY C 349 31.86 13.81 -33.95
N GLN C 350 32.15 14.80 -33.11
CA GLN C 350 31.70 14.73 -31.72
C GLN C 350 30.17 14.82 -31.65
N LEU C 351 29.59 15.65 -32.51
CA LEU C 351 28.15 15.75 -32.67
C LEU C 351 27.78 15.18 -34.01
N VAL C 352 26.85 14.25 -34.00
CA VAL C 352 26.33 13.62 -35.20
C VAL C 352 24.88 14.04 -35.35
N VAL C 353 24.55 14.62 -36.49
CA VAL C 353 23.20 15.04 -36.74
C VAL C 353 22.75 14.22 -37.93
N ARG C 354 21.67 13.48 -37.78
CA ARG C 354 21.19 12.66 -38.86
C ARG C 354 19.82 13.10 -39.29
N LEU C 355 19.61 13.16 -40.58
CA LEU C 355 18.30 13.52 -41.11
C LEU C 355 17.65 12.31 -41.77
N TRP C 356 16.43 12.01 -41.32
CA TRP C 356 15.67 10.87 -41.84
C TRP C 356 14.79 11.34 -42.98
N ARG C 357 14.75 10.53 -44.04
CA ARG C 357 13.92 10.81 -45.19
C ARG C 357 13.68 9.52 -45.99
N ASP C 358 12.44 9.27 -46.38
CA ASP C 358 12.07 8.10 -47.18
C ASP C 358 10.85 8.46 -48.05
N GLY C 359 11.12 9.06 -49.21
CA GLY C 359 10.02 9.47 -50.11
C GLY C 359 9.13 10.51 -49.42
N ASP C 360 7.83 10.25 -49.42
CA ASP C 360 6.90 11.14 -48.73
C ASP C 360 6.46 10.62 -47.35
N ASN C 361 7.12 9.57 -46.85
CA ASN C 361 6.77 9.03 -45.52
C ASN C 361 7.20 9.99 -44.42
N THR C 362 6.55 9.93 -43.26
CA THR C 362 6.87 10.93 -42.24
C THR C 362 7.56 10.28 -41.02
N TYR C 363 8.15 11.14 -40.22
CA TYR C 363 8.98 10.71 -39.13
C TYR C 363 8.42 11.15 -37.80
N HIS C 364 8.15 10.20 -36.91
CA HIS C 364 7.65 10.55 -35.59
C HIS C 364 8.36 9.76 -34.46
N LEU C 365 9.67 9.56 -34.54
CA LEU C 365 10.38 8.80 -33.50
C LEU C 365 10.82 9.70 -32.35
N LYS C 366 10.68 9.15 -31.15
CA LYS C 366 11.14 9.77 -29.90
C LYS C 366 11.95 8.69 -29.18
N GLY C 367 13.03 9.09 -28.51
CA GLY C 367 13.85 8.19 -27.70
C GLY C 367 15.06 8.89 -27.12
N VAL C 368 15.58 8.33 -26.05
CA VAL C 368 16.82 8.81 -25.41
C VAL C 368 17.59 7.57 -25.03
N TRP C 369 18.86 7.54 -25.41
CA TRP C 369 19.74 6.48 -25.00
C TRP C 369 20.98 7.11 -24.33
N VAL C 370 21.31 6.62 -23.15
CA VAL C 370 22.47 7.10 -22.39
C VAL C 370 23.52 6.01 -22.32
N ASP C 371 24.67 6.28 -22.94
CA ASP C 371 25.79 5.31 -22.97
C ASP C 371 25.19 3.92 -23.34
N ASP C 372 25.53 2.86 -22.62
CA ASP C 372 24.96 1.53 -22.85
C ASP C 372 24.13 1.09 -21.64
N ARG C 373 23.64 2.07 -20.89
CA ARG C 373 23.18 1.88 -19.52
C ARG C 373 21.67 2.18 -19.35
N TYR C 374 21.18 3.24 -20.00
CA TYR C 374 19.76 3.60 -19.98
C TYR C 374 19.16 3.75 -21.36
N ILE C 375 17.90 3.33 -21.49
CA ILE C 375 17.11 3.38 -22.71
C ILE C 375 15.72 3.83 -22.27
N LEU C 376 15.35 5.06 -22.61
CA LEU C 376 14.05 5.60 -22.28
C LEU C 376 13.09 5.46 -23.45
N LEU C 377 12.02 4.72 -23.20
CA LEU C 377 10.93 4.62 -24.14
C LEU C 377 9.90 5.62 -23.68
N THR C 378 9.55 6.54 -24.55
CA THR C 378 8.68 7.59 -24.13
C THR C 378 7.86 8.09 -25.28
N GLY C 379 6.67 8.60 -24.97
CA GLY C 379 5.92 9.34 -25.96
C GLY C 379 6.28 10.81 -25.92
N ASN C 380 7.26 11.17 -25.08
CA ASN C 380 7.65 12.60 -24.90
C ASN C 380 8.40 13.13 -26.15
N ASN C 381 7.86 14.19 -26.76
CA ASN C 381 8.45 14.80 -27.96
C ASN C 381 9.67 15.65 -27.64
N LEU C 382 10.05 15.73 -26.37
CA LEU C 382 11.23 16.54 -26.03
C LEU C 382 11.10 17.98 -26.54
N ASN C 383 9.93 18.57 -26.27
CA ASN C 383 9.66 19.97 -26.65
C ASN C 383 9.07 20.76 -25.47
N PRO C 384 9.03 22.11 -25.55
CA PRO C 384 8.43 22.86 -24.43
C PRO C 384 6.97 22.49 -24.03
N ARG C 385 6.12 22.09 -24.99
CA ARG C 385 4.75 21.57 -24.68
C ARG C 385 4.80 20.41 -23.68
N ALA C 386 5.66 19.44 -24.00
CA ALA C 386 5.90 18.29 -23.13
C ALA C 386 6.39 18.72 -21.74
N TRP C 387 7.15 19.81 -21.67
CA TRP C 387 7.66 20.25 -20.37
C TRP C 387 6.68 21.02 -19.50
N ARG C 388 5.51 21.35 -20.03
CA ARG C 388 4.66 22.24 -19.28
C ARG C 388 3.20 21.89 -19.43
N LEU C 389 2.81 21.52 -20.65
CA LEU C 389 1.38 21.41 -20.95
C LEU C 389 0.85 19.97 -20.97
N ASP C 390 1.59 19.04 -21.56
CA ASP C 390 0.98 17.70 -21.88
C ASP C 390 1.20 16.62 -20.83
N ALA C 391 0.34 15.61 -20.82
CA ALA C 391 0.50 14.51 -19.90
C ALA C 391 1.31 13.42 -20.59
N GLU C 392 2.42 13.03 -19.96
CA GLU C 392 3.39 12.15 -20.59
C GLU C 392 3.71 10.94 -19.71
N ASN C 393 4.22 9.89 -20.35
CA ASN C 393 4.81 8.81 -19.56
C ASN C 393 6.08 8.22 -20.19
N GLY C 394 6.68 7.26 -19.50
CA GLY C 394 7.87 6.61 -19.99
C GLY C 394 8.17 5.29 -19.32
N LEU C 395 8.84 4.42 -20.07
CA LEU C 395 9.46 3.25 -19.46
C LEU C 395 10.96 3.49 -19.50
N LEU C 396 11.55 3.66 -18.34
CA LEU C 396 13.00 3.73 -18.25
C LEU C 396 13.57 2.35 -18.07
N ILE C 397 14.26 1.88 -19.10
CA ILE C 397 14.99 0.63 -19.01
C ILE C 397 16.44 0.86 -18.51
N TYR C 398 16.81 0.15 -17.46
CA TYR C 398 18.15 0.12 -16.91
C TYR C 398 18.80 -1.21 -17.27
N ASP C 399 19.93 -1.14 -17.96
CA ASP C 399 20.62 -2.30 -18.49
C ASP C 399 22.10 -2.30 -18.07
N PRO C 400 22.37 -2.48 -16.75
CA PRO C 400 23.74 -2.35 -16.19
C PRO C 400 24.75 -3.36 -16.75
N GLN C 401 24.31 -4.56 -17.14
CA GLN C 401 25.24 -5.56 -17.64
C GLN C 401 25.11 -5.74 -19.16
N GLN C 402 24.57 -4.72 -19.83
CA GLN C 402 24.42 -4.70 -21.29
C GLN C 402 23.71 -5.94 -21.84
N GLN C 403 22.75 -6.47 -21.08
CA GLN C 403 21.97 -7.59 -21.57
C GLN C 403 21.16 -7.25 -22.83
N LEU C 404 20.81 -5.98 -23.02
CA LEU C 404 20.01 -5.56 -24.19
C LEU C 404 20.84 -4.97 -25.34
N LEU C 405 22.16 -4.89 -25.18
CA LEU C 405 22.96 -4.09 -26.13
C LEU C 405 22.74 -4.51 -27.58
N ALA C 406 22.63 -5.82 -27.83
CA ALA C 406 22.48 -6.30 -29.21
C ALA C 406 21.14 -5.89 -29.81
N GLN C 407 20.06 -6.10 -29.08
CA GLN C 407 18.76 -5.63 -29.52
C GLN C 407 18.70 -4.10 -29.66
N VAL C 408 19.25 -3.33 -28.74
CA VAL C 408 19.23 -1.82 -28.87
C VAL C 408 19.93 -1.41 -30.18
N GLU C 409 21.06 -2.04 -30.50
CA GLU C 409 21.82 -1.63 -31.67
C GLU C 409 21.12 -2.02 -32.96
N LYS C 410 20.48 -3.17 -32.97
CA LYS C 410 19.68 -3.60 -34.10
C LYS C 410 18.55 -2.60 -34.41
N GLU C 411 17.81 -2.19 -33.38
CA GLU C 411 16.77 -1.18 -33.57
C GLU C 411 17.41 0.13 -34.03
N GLN C 412 18.55 0.50 -33.46
CA GLN C 412 19.14 1.80 -33.84
C GLN C 412 19.66 1.79 -35.30
N ASN C 413 20.19 0.64 -35.75
CA ASN C 413 20.66 0.50 -37.13
C ASN C 413 19.52 0.50 -38.14
N GLN C 414 18.37 -0.10 -37.76
CA GLN C 414 17.18 0.01 -38.58
C GLN C 414 16.76 1.47 -38.69
N ILE C 415 16.72 2.15 -37.55
CA ILE C 415 16.37 3.56 -37.53
C ILE C 415 17.25 4.39 -38.47
N ARG C 416 18.56 4.14 -38.46
CA ARG C 416 19.51 4.93 -39.24
C ARG C 416 19.47 4.68 -40.75
N GLN C 417 18.73 3.62 -41.16
CA GLN C 417 18.74 3.20 -42.58
C GLN C 417 18.37 4.31 -43.54
N HIS C 418 17.30 5.04 -43.25
CA HIS C 418 16.84 6.11 -44.14
C HIS C 418 17.37 7.47 -43.74
N THR C 419 18.53 7.50 -43.05
CA THR C 419 19.15 8.76 -42.60
C THR C 419 20.43 9.09 -43.34
N LYS C 420 20.79 10.37 -43.34
CA LYS C 420 22.11 10.77 -43.78
C LYS C 420 22.73 11.63 -42.70
N VAL C 421 24.02 11.51 -42.54
CA VAL C 421 24.76 12.28 -41.59
C VAL C 421 24.98 13.65 -42.24
N LEU C 422 24.55 14.69 -41.56
CA LEU C 422 24.81 16.03 -42.05
C LEU C 422 26.30 16.33 -41.87
N LYS C 423 26.99 16.69 -42.95
CA LYS C 423 28.40 17.00 -42.83
C LYS C 423 28.70 18.45 -42.46
N HIS C 424 27.80 19.37 -42.73
CA HIS C 424 28.09 20.78 -42.46
C HIS C 424 26.78 21.51 -42.45
N TYR C 425 26.61 22.53 -41.59
CA TYR C 425 25.31 23.19 -41.46
C TYR C 425 24.82 23.73 -42.82
N THR C 426 25.77 23.97 -43.73
CA THR C 426 25.45 24.47 -45.05
C THR C 426 24.81 23.43 -45.94
N GLU C 427 24.84 22.16 -45.53
CA GLU C 427 24.05 21.13 -46.23
C GLU C 427 22.54 21.28 -46.01
N LEU C 428 22.14 22.00 -44.97
CA LEU C 428 20.72 22.32 -44.78
C LEU C 428 20.40 23.60 -45.54
N GLU C 429 19.25 23.63 -46.16
CA GLU C 429 18.81 24.80 -46.90
C GLU C 429 18.72 26.10 -46.08
N GLU C 430 19.23 27.17 -46.67
CA GLU C 430 19.08 28.50 -46.12
C GLU C 430 17.75 29.12 -46.59
N LEU C 431 17.31 30.13 -45.85
CA LEU C 431 16.00 30.76 -46.03
C LEU C 431 15.71 31.22 -47.46
N ASN C 432 16.73 31.72 -48.18
CA ASN C 432 16.57 32.17 -49.57
C ASN C 432 16.20 31.04 -50.53
N GLN C 433 16.51 29.81 -50.16
CA GLN C 433 16.13 28.68 -50.98
C GLN C 433 14.69 28.20 -50.64
N TYR C 434 14.05 28.82 -49.65
CA TYR C 434 12.69 28.44 -49.25
C TYR C 434 11.62 29.04 -50.17
N PRO C 435 10.45 28.37 -50.29
CA PRO C 435 9.35 28.96 -51.01
C PRO C 435 9.03 30.37 -50.51
N GLU C 436 8.67 31.25 -51.44
CA GLU C 436 8.45 32.67 -51.17
C GLU C 436 7.43 32.96 -50.06
N PRO C 437 6.32 32.19 -49.98
CA PRO C 437 5.36 32.43 -48.88
C PRO C 437 5.88 31.99 -47.50
N VAL C 438 6.74 30.98 -47.48
CA VAL C 438 7.39 30.54 -46.25
C VAL C 438 8.35 31.63 -45.76
N GLN C 439 9.17 32.13 -46.68
CA GLN C 439 10.09 33.24 -46.41
C GLN C 439 9.36 34.40 -45.76
N LYS C 440 8.23 34.80 -46.34
CA LYS C 440 7.46 35.95 -45.86
C LYS C 440 7.04 35.68 -44.42
N LEU C 441 6.48 34.49 -44.22
CA LEU C 441 5.92 34.11 -42.95
C LEU C 441 6.98 34.09 -41.87
N LEU C 442 8.11 33.42 -42.14
CA LEU C 442 9.17 33.27 -41.15
C LEU C 442 9.75 34.63 -40.75
N LYS C 443 9.92 35.51 -41.74
CA LYS C 443 10.37 36.88 -41.50
C LYS C 443 9.40 37.64 -40.63
N LYS C 444 8.11 37.52 -40.94
CA LYS C 444 7.07 38.20 -40.17
C LYS C 444 7.09 37.75 -38.69
N PHE C 445 7.12 36.43 -38.48
CA PHE C 445 7.14 35.88 -37.15
C PHE C 445 8.40 36.25 -36.38
N ALA C 446 9.57 36.04 -36.98
CA ALA C 446 10.86 36.34 -36.36
C ALA C 446 10.98 37.80 -35.88
N ARG C 447 10.44 38.74 -36.64
CA ARG C 447 10.51 40.19 -36.31
C ARG C 447 9.88 40.55 -34.96
N ILE C 448 8.77 39.89 -34.62
CA ILE C 448 8.06 40.19 -33.38
C ILE C 448 8.12 38.98 -32.45
N LYS C 449 9.09 38.11 -32.71
CA LYS C 449 9.38 36.95 -31.87
C LYS C 449 8.18 36.07 -31.66
N ALA C 450 7.20 36.12 -32.56
CA ALA C 450 6.06 35.20 -32.49
C ALA C 450 6.50 33.74 -32.74
N ASP C 451 7.68 33.59 -33.32
CA ASP C 451 8.25 32.26 -33.59
C ASP C 451 8.62 31.58 -32.26
N LYS C 452 9.06 32.38 -31.28
CA LYS C 452 9.30 31.90 -29.93
C LYS C 452 8.01 31.32 -29.31
N LEU C 453 6.88 32.00 -29.54
CA LEU C 453 5.57 31.52 -29.10
C LEU C 453 5.19 30.18 -29.74
N VAL C 454 5.42 30.08 -31.04
CA VAL C 454 5.20 28.85 -31.78
C VAL C 454 5.97 27.67 -31.18
N LYS C 455 7.26 27.87 -30.90
CA LYS C 455 8.11 26.86 -30.27
C LYS C 455 7.61 26.41 -28.90
N ILE C 457 4.50 26.60 -27.64
CA ILE C 457 3.15 26.07 -27.56
C ILE C 457 2.80 25.04 -28.61
N LEU C 458 3.54 25.00 -29.71
CA LEU C 458 3.38 23.96 -30.70
C LEU C 458 4.66 23.14 -30.74
#